data_8Z9F
#
_entry.id   8Z9F
#
_cell.length_a   57.598
_cell.length_b   192.500
_cell.length_c   118.213
_cell.angle_alpha   90.000
_cell.angle_beta   95.071
_cell.angle_gamma   90.000
#
_symmetry.space_group_name_H-M   'P 1 21 1'
#
loop_
_entity.id
_entity.type
_entity.pdbx_description
1 polymer '3-hydroxyisobutyrate dehydrogenase'
2 non-polymer '1,4-DIHYDRONICOTINAMIDE ADENINE DINUCLEOTIDE'
3 water water
#
_entity_poly.entity_id   1
_entity_poly.type   'polypeptide(L)'
_entity_poly.pdbx_seq_one_letter_code
;MNHKVHHHHHHIEGRHMQILSPENAPRIGFIGFGAMASRMGDHLKTAGYTISAYTPSGRSPSPSVPMLPTPLALAKQADT
VVVCVPDDEALAASMYGENGALAGMTKGSLLINTSSVSPEATATLYEAGQKHGVVVLDAPVSGSTPEADSASLVILVGGD
KDDVARAAPIFDAIGKLTIHAGPTGSGARLKLVINGIMGAGLTTLAESVAYGLSAGLDRSMLFDALDQVAVISPHHKRKL
KAAKDGNFAPQFPARLMQKDMRLLLDAAAREAVPVPTLAAATQQLSLTRRLSPNEDYSSLIRVMEKIVANDRY
;
_entity_poly.pdbx_strand_id   A,B,C,D,E,F,G,H
#
loop_
_chem_comp.id
_chem_comp.type
_chem_comp.name
_chem_comp.formula
NAI non-polymer '1,4-DIHYDRONICOTINAMIDE ADENINE DINUCLEOTIDE' 'C21 H29 N7 O14 P2'
#
# COMPACT_ATOMS: atom_id res chain seq x y z
N GLN A 18 63.98 3.73 15.90
CA GLN A 18 62.71 3.13 16.26
C GLN A 18 61.59 4.18 16.29
N ILE A 19 61.86 5.33 16.93
CA ILE A 19 60.87 6.40 16.94
C ILE A 19 60.67 6.90 15.51
N LEU A 20 59.41 7.08 15.13
CA LEU A 20 59.09 7.40 13.74
C LEU A 20 59.07 8.91 13.50
N SER A 21 60.16 9.57 13.88
CA SER A 21 60.33 10.99 13.65
C SER A 21 60.53 11.26 12.15
N PRO A 22 60.38 12.52 11.71
CA PRO A 22 60.70 12.83 10.31
C PRO A 22 62.13 12.49 9.95
N GLU A 23 63.05 12.56 10.91
CA GLU A 23 64.43 12.18 10.65
C GLU A 23 64.56 10.69 10.35
N ASN A 24 63.97 9.84 11.21
CA ASN A 24 64.16 8.39 11.09
C ASN A 24 63.25 7.75 10.05
N ALA A 25 62.03 8.25 9.89
CA ALA A 25 61.03 7.65 9.00
C ALA A 25 60.27 8.77 8.31
N PRO A 26 60.90 9.45 7.37
CA PRO A 26 60.27 10.65 6.80
C PRO A 26 59.04 10.35 5.96
N ARG A 27 58.92 9.17 5.38
CA ARG A 27 57.89 8.92 4.38
C ARG A 27 56.64 8.30 5.02
N ILE A 28 55.50 8.98 4.85
CA ILE A 28 54.19 8.51 5.32
C ILE A 28 53.28 8.37 4.11
N GLY A 29 52.80 7.16 3.85
CA GLY A 29 51.87 6.89 2.76
C GLY A 29 50.47 6.68 3.30
N PHE A 30 49.47 7.24 2.60
CA PHE A 30 48.08 7.18 3.01
C PHE A 30 47.30 6.21 2.13
N ILE A 31 46.52 5.33 2.76
CA ILE A 31 45.51 4.52 2.08
C ILE A 31 44.18 5.21 2.36
N GLY A 32 43.62 5.88 1.35
CA GLY A 32 42.49 6.77 1.55
C GLY A 32 42.99 8.18 1.78
N PHE A 33 42.39 9.16 1.13
CA PHE A 33 42.89 10.54 1.25
C PHE A 33 41.73 11.50 1.02
N GLY A 34 40.75 11.47 1.92
CA GLY A 34 39.57 12.31 1.82
C GLY A 34 39.64 13.50 2.75
N ALA A 35 38.48 13.87 3.31
CA ALA A 35 38.38 15.08 4.13
C ALA A 35 39.30 15.05 5.34
N MET A 36 39.25 13.96 6.13
CA MET A 36 40.14 13.92 7.29
C MET A 36 41.58 13.66 6.90
N ALA A 37 41.82 12.67 6.05
CA ALA A 37 43.19 12.25 5.78
C ALA A 37 44.00 13.37 5.11
N SER A 38 43.38 14.08 4.16
CA SER A 38 44.11 15.14 3.48
C SER A 38 44.49 16.26 4.45
N ARG A 39 43.65 16.53 5.45
CA ARG A 39 44.00 17.54 6.45
C ARG A 39 45.10 17.04 7.38
N MET A 40 45.04 15.78 7.81
CA MET A 40 46.17 15.19 8.52
C MET A 40 47.45 15.31 7.70
N GLY A 41 47.34 15.10 6.40
CA GLY A 41 48.51 15.11 5.54
C GLY A 41 49.21 16.46 5.55
N ASP A 42 48.43 17.56 5.51
CA ASP A 42 49.02 18.89 5.54
C ASP A 42 49.83 19.14 6.81
N HIS A 43 49.32 18.69 7.96
CA HIS A 43 50.06 18.89 9.20
C HIS A 43 51.30 18.01 9.28
N LEU A 44 51.23 16.82 8.67
CA LEU A 44 52.41 15.98 8.62
C LEU A 44 53.45 16.57 7.67
N LYS A 45 53.00 17.08 6.53
CA LYS A 45 53.90 17.82 5.64
C LYS A 45 54.57 18.97 6.37
N THR A 46 53.80 19.70 7.19
CA THR A 46 54.37 20.82 7.94
C THR A 46 55.38 20.33 8.98
N ALA A 47 55.13 19.17 9.60
CA ALA A 47 56.04 18.63 10.60
C ALA A 47 57.31 18.06 9.97
N GLY A 48 57.36 17.94 8.64
CA GLY A 48 58.58 17.51 7.97
C GLY A 48 58.56 16.09 7.43
N TYR A 49 57.38 15.55 7.16
CA TYR A 49 57.25 14.24 6.52
C TYR A 49 57.00 14.39 5.03
N THR A 50 57.34 13.33 4.29
CA THR A 50 57.05 13.21 2.86
C THR A 50 55.77 12.39 2.70
N ILE A 51 54.76 12.98 2.05
CA ILE A 51 53.41 12.41 1.97
C ILE A 51 53.15 11.81 0.59
N SER A 52 52.53 10.64 0.58
CA SER A 52 52.03 9.99 -0.63
C SER A 52 50.68 9.36 -0.33
N ALA A 53 49.90 9.08 -1.37
CA ALA A 53 48.55 8.59 -1.13
C ALA A 53 48.08 7.65 -2.23
N TYR A 54 47.12 6.80 -1.86
CA TYR A 54 46.36 5.97 -2.78
C TYR A 54 44.88 6.17 -2.51
N THR A 55 44.11 6.40 -3.57
CA THR A 55 42.66 6.32 -3.55
C THR A 55 42.19 5.48 -4.74
N PRO A 56 41.07 4.77 -4.59
CA PRO A 56 40.55 4.00 -5.74
C PRO A 56 40.22 4.87 -6.94
N SER A 57 39.89 6.14 -6.71
CA SER A 57 39.52 7.07 -7.76
C SER A 57 40.73 7.78 -8.37
N GLY A 58 41.88 7.76 -7.70
CA GLY A 58 43.06 8.41 -8.21
C GLY A 58 43.14 9.90 -7.94
N ARG A 59 42.16 10.48 -7.26
CA ARG A 59 42.16 11.91 -6.98
C ARG A 59 41.99 12.15 -5.49
N SER A 60 42.37 13.35 -5.08
CA SER A 60 42.36 13.76 -3.68
C SER A 60 42.22 15.27 -3.61
N PRO A 61 41.70 15.81 -2.50
CA PRO A 61 41.60 17.27 -2.37
C PRO A 61 42.95 17.99 -2.40
N SER A 62 44.06 17.28 -2.20
CA SER A 62 45.38 17.88 -2.24
C SER A 62 46.09 17.53 -3.54
N PRO A 63 46.01 18.37 -4.57
CA PRO A 63 46.64 18.02 -5.86
C PRO A 63 48.16 18.03 -5.83
N SER A 64 48.79 18.45 -4.74
CA SER A 64 50.24 18.51 -4.65
C SER A 64 50.85 17.26 -4.02
N VAL A 65 50.07 16.19 -3.83
CA VAL A 65 50.57 14.99 -3.16
C VAL A 65 50.68 13.87 -4.20
N PRO A 66 51.76 13.10 -4.21
CA PRO A 66 51.88 12.02 -5.20
C PRO A 66 50.86 10.91 -4.95
N MET A 67 50.12 10.57 -5.99
CA MET A 67 49.23 9.42 -6.01
C MET A 67 49.89 8.16 -6.55
N LEU A 68 49.55 7.03 -5.92
CA LEU A 68 50.07 5.72 -6.26
C LEU A 68 48.94 4.82 -6.74
N PRO A 69 49.21 3.94 -7.72
CA PRO A 69 48.10 3.26 -8.40
C PRO A 69 47.47 2.11 -7.65
N THR A 70 48.14 1.57 -6.63
CA THR A 70 47.63 0.43 -5.88
C THR A 70 48.04 0.63 -4.43
N PRO A 71 47.30 0.04 -3.48
CA PRO A 71 47.79 0.00 -2.08
C PRO A 71 49.19 -0.59 -1.98
N LEU A 72 49.45 -1.66 -2.74
CA LEU A 72 50.77 -2.29 -2.71
C LEU A 72 51.87 -1.30 -3.11
N ALA A 73 51.64 -0.52 -4.18
CA ALA A 73 52.66 0.42 -4.62
C ALA A 73 52.85 1.55 -3.61
N LEU A 74 51.76 1.97 -2.97
CA LEU A 74 51.85 2.99 -1.94
C LEU A 74 52.75 2.51 -0.80
N ALA A 75 52.52 1.27 -0.33
CA ALA A 75 53.25 0.77 0.83
C ALA A 75 54.72 0.54 0.52
N LYS A 76 55.03 0.12 -0.73
CA LYS A 76 56.42 -0.16 -1.07
C LYS A 76 57.32 1.06 -0.98
N GLN A 77 56.78 2.26 -1.22
CA GLN A 77 57.61 3.45 -1.20
C GLN A 77 57.40 4.31 0.04
N ALA A 78 56.68 3.81 1.07
CA ALA A 78 56.44 4.54 2.30
C ALA A 78 57.09 3.84 3.50
N ASP A 79 57.48 4.63 4.50
CA ASP A 79 58.07 4.11 5.74
C ASP A 79 56.99 3.64 6.72
N THR A 80 55.96 4.45 6.90
CA THR A 80 54.79 4.18 7.73
C THR A 80 53.56 4.40 6.87
N VAL A 81 52.53 3.57 7.06
CA VAL A 81 51.29 3.69 6.30
C VAL A 81 50.17 4.10 7.25
N VAL A 82 49.40 5.10 6.84
CA VAL A 82 48.21 5.56 7.56
C VAL A 82 46.99 5.22 6.72
N VAL A 83 45.96 4.66 7.35
CA VAL A 83 44.75 4.23 6.66
C VAL A 83 43.59 5.09 7.12
N CYS A 84 42.79 5.57 6.17
CA CYS A 84 41.65 6.43 6.47
C CYS A 84 40.58 6.15 5.42
N VAL A 85 39.81 5.10 5.63
CA VAL A 85 38.83 4.64 4.64
C VAL A 85 37.47 4.60 5.31
N PRO A 86 36.39 4.56 4.53
CA PRO A 86 35.05 4.74 5.13
C PRO A 86 34.58 3.60 6.04
N ASP A 87 34.78 2.34 5.66
CA ASP A 87 34.10 1.25 6.36
C ASP A 87 34.91 -0.05 6.27
N ASP A 88 34.38 -1.09 6.92
CA ASP A 88 35.01 -2.42 6.93
C ASP A 88 35.28 -2.92 5.53
N GLU A 89 34.31 -2.73 4.64
CA GLU A 89 34.42 -3.30 3.31
C GLU A 89 35.51 -2.61 2.50
N ALA A 90 35.61 -1.29 2.61
CA ALA A 90 36.71 -0.57 1.97
C ALA A 90 38.05 -0.94 2.58
N LEU A 91 38.09 -1.15 3.90
CA LEU A 91 39.34 -1.58 4.55
C LEU A 91 39.83 -2.90 3.99
N ALA A 92 38.94 -3.91 3.94
CA ALA A 92 39.37 -5.21 3.44
C ALA A 92 39.77 -5.16 1.97
N ALA A 93 39.15 -4.27 1.18
CA ALA A 93 39.49 -4.21 -0.23
C ALA A 93 40.92 -3.75 -0.44
N SER A 94 41.42 -2.85 0.41
CA SER A 94 42.72 -2.25 0.19
C SER A 94 43.82 -2.81 1.09
N MET A 95 43.48 -3.57 2.13
CA MET A 95 44.51 -4.17 2.97
C MET A 95 44.98 -5.54 2.49
N TYR A 96 44.08 -6.33 1.91
CA TYR A 96 44.33 -7.75 1.67
C TYR A 96 44.52 -8.03 0.19
N GLY A 97 45.00 -9.23 -0.10
CA GLY A 97 45.22 -9.65 -1.47
C GLY A 97 46.57 -9.20 -2.00
N GLU A 98 46.90 -9.71 -3.19
CA GLU A 98 48.22 -9.44 -3.77
C GLU A 98 48.44 -7.97 -4.08
N ASN A 99 47.38 -7.20 -4.27
CA ASN A 99 47.52 -5.77 -4.51
C ASN A 99 47.33 -4.93 -3.26
N GLY A 100 47.08 -5.56 -2.11
CA GLY A 100 46.77 -4.85 -0.90
C GLY A 100 48.00 -4.24 -0.24
N ALA A 101 47.75 -3.41 0.78
CA ALA A 101 48.84 -2.68 1.40
C ALA A 101 49.76 -3.61 2.19
N LEU A 102 49.21 -4.59 2.91
CA LEU A 102 50.04 -5.47 3.71
C LEU A 102 51.09 -6.17 2.85
N ALA A 103 50.71 -6.54 1.62
CA ALA A 103 51.64 -7.22 0.71
C ALA A 103 52.85 -6.37 0.35
N GLY A 104 52.76 -5.05 0.50
CA GLY A 104 53.83 -4.13 0.20
C GLY A 104 54.62 -3.60 1.37
N MET A 105 54.26 -3.97 2.60
CA MET A 105 54.98 -3.48 3.77
C MET A 105 56.07 -4.45 4.18
N THR A 106 57.10 -3.88 4.79
CA THR A 106 58.27 -4.63 5.23
C THR A 106 58.12 -4.93 6.72
N LYS A 107 58.50 -6.14 7.11
CA LYS A 107 58.53 -6.55 8.51
C LYS A 107 59.16 -5.46 9.37
N GLY A 108 58.52 -5.15 10.49
CA GLY A 108 58.98 -4.15 11.42
C GLY A 108 58.40 -2.76 11.23
N SER A 109 57.69 -2.52 10.13
CA SER A 109 57.07 -1.22 9.91
C SER A 109 55.74 -1.15 10.66
N LEU A 110 55.20 0.05 10.76
CA LEU A 110 53.93 0.31 11.45
C LEU A 110 52.81 0.63 10.46
N LEU A 111 51.64 0.04 10.66
CA LEU A 111 50.41 0.42 9.99
C LEU A 111 49.51 1.09 11.02
N ILE A 112 49.07 2.31 10.72
CA ILE A 112 48.23 3.11 11.63
C ILE A 112 46.87 3.25 11.00
N ASN A 113 45.86 2.59 11.54
CA ASN A 113 44.52 2.67 10.98
C ASN A 113 43.72 3.73 11.74
N THR A 114 43.36 4.81 11.05
CA THR A 114 42.53 5.85 11.68
C THR A 114 41.06 5.74 11.29
N SER A 115 40.70 4.74 10.49
CA SER A 115 39.33 4.57 10.03
C SER A 115 38.41 4.19 11.19
N SER A 116 37.13 4.51 11.09
CA SER A 116 36.12 4.04 12.06
C SER A 116 35.51 2.75 11.51
N VAL A 117 35.94 1.61 12.03
CA VAL A 117 35.49 0.30 11.58
C VAL A 117 35.12 -0.54 12.81
N SER A 118 34.52 -1.70 12.54
CA SER A 118 34.04 -2.56 13.61
C SER A 118 35.19 -3.17 14.41
N PRO A 119 34.92 -3.64 15.62
CA PRO A 119 35.95 -4.39 16.36
C PRO A 119 36.37 -5.67 15.66
N GLU A 120 35.45 -6.32 14.93
CA GLU A 120 35.81 -7.51 14.15
C GLU A 120 36.81 -7.17 13.05
N ALA A 121 36.52 -6.13 12.27
CA ALA A 121 37.45 -5.72 11.22
C ALA A 121 38.81 -5.36 11.79
N THR A 122 38.81 -4.73 12.97
CA THR A 122 40.05 -4.38 13.65
C THR A 122 40.85 -5.61 14.03
N ALA A 123 40.18 -6.62 14.59
CA ALA A 123 40.88 -7.84 14.99
C ALA A 123 41.44 -8.58 13.78
N THR A 124 40.66 -8.60 12.69
CA THR A 124 41.13 -9.24 11.46
C THR A 124 42.39 -8.58 10.92
N LEU A 125 42.41 -7.25 10.90
CA LEU A 125 43.57 -6.55 10.34
C LEU A 125 44.79 -6.70 11.25
N TYR A 126 44.58 -6.68 12.56
CA TYR A 126 45.70 -6.87 13.48
C TYR A 126 46.34 -8.25 13.28
N GLU A 127 45.51 -9.30 13.18
CA GLU A 127 46.06 -10.64 13.00
C GLU A 127 46.76 -10.77 11.65
N ALA A 128 46.16 -10.20 10.61
CA ALA A 128 46.79 -10.23 9.29
C ALA A 128 48.13 -9.51 9.31
N GLY A 129 48.21 -8.37 10.00
CA GLY A 129 49.47 -7.66 10.09
C GLY A 129 50.53 -8.48 10.81
N GLN A 130 50.13 -9.18 11.87
CA GLN A 130 51.07 -10.06 12.57
C GLN A 130 51.71 -11.06 11.62
N LYS A 131 50.90 -11.62 10.70
CA LYS A 131 51.42 -12.60 9.75
C LYS A 131 52.52 -12.01 8.89
N HIS A 132 52.44 -10.72 8.59
CA HIS A 132 53.43 -10.00 7.79
C HIS A 132 54.50 -9.31 8.62
N GLY A 133 54.50 -9.50 9.94
CA GLY A 133 55.48 -8.80 10.75
C GLY A 133 55.24 -7.31 10.90
N VAL A 134 54.01 -6.87 10.68
CA VAL A 134 53.64 -5.46 10.71
C VAL A 134 52.73 -5.26 11.91
N VAL A 135 53.11 -4.35 12.81
CA VAL A 135 52.24 -4.02 13.93
C VAL A 135 51.18 -3.04 13.42
N VAL A 136 49.91 -3.31 13.72
CA VAL A 136 48.81 -2.44 13.33
C VAL A 136 48.30 -1.74 14.60
N LEU A 137 48.37 -0.41 14.61
CA LEU A 137 47.75 0.40 15.66
C LEU A 137 46.34 0.80 15.21
N ASP A 138 45.32 0.48 16.00
CA ASP A 138 43.99 1.03 15.73
C ASP A 138 43.93 2.37 16.44
N ALA A 139 43.96 3.45 15.65
CA ALA A 139 44.07 4.81 16.17
C ALA A 139 43.04 5.73 15.52
N PRO A 140 41.74 5.43 15.69
CA PRO A 140 40.72 6.40 15.27
C PRO A 140 40.86 7.69 16.07
N VAL A 141 40.18 8.73 15.61
CA VAL A 141 40.35 10.06 16.18
C VAL A 141 39.00 10.62 16.56
N SER A 142 39.00 11.45 17.61
CA SER A 142 37.84 12.26 17.98
C SER A 142 38.07 13.69 17.47
N GLY A 143 37.08 14.22 16.77
CA GLY A 143 37.17 15.52 16.14
C GLY A 143 36.81 15.35 14.68
N SER A 144 36.27 16.42 14.08
CA SER A 144 35.85 16.36 12.69
C SER A 144 36.77 17.23 11.83
N THR A 145 36.27 17.68 10.68
CA THR A 145 37.10 18.49 9.79
C THR A 145 37.63 19.77 10.43
N PRO A 146 36.90 20.52 11.27
CA PRO A 146 37.51 21.71 11.88
C PRO A 146 38.67 21.38 12.79
N GLU A 147 38.56 20.29 13.57
CA GLU A 147 39.66 19.87 14.43
C GLU A 147 40.83 19.29 13.65
N ALA A 148 40.55 18.63 12.53
CA ALA A 148 41.65 18.18 11.69
C ALA A 148 42.38 19.39 11.11
N ASP A 149 41.65 20.45 10.78
CA ASP A 149 42.26 21.65 10.23
C ASP A 149 43.22 22.30 11.23
N SER A 150 42.89 22.26 12.52
CA SER A 150 43.69 22.91 13.55
C SER A 150 44.60 21.95 14.31
N ALA A 151 44.65 20.68 13.89
CA ALA A 151 45.42 19.66 14.61
C ALA A 151 44.97 19.59 16.08
N SER A 152 43.67 19.68 16.30
CA SER A 152 43.10 19.52 17.64
C SER A 152 42.45 18.15 17.82
N LEU A 153 42.75 17.20 16.94
CA LEU A 153 42.23 15.85 17.08
C LEU A 153 42.70 15.21 18.40
N VAL A 154 41.86 14.32 18.93
CA VAL A 154 42.24 13.45 20.05
C VAL A 154 42.40 12.06 19.47
N ILE A 155 43.61 11.49 19.60
CA ILE A 155 43.91 10.17 19.03
C ILE A 155 43.57 9.12 20.08
N LEU A 156 42.81 8.10 19.67
CA LEU A 156 42.35 7.03 20.56
C LEU A 156 43.03 5.75 20.09
N VAL A 157 44.14 5.35 20.73
CA VAL A 157 44.99 4.33 20.13
C VAL A 157 45.04 3.06 20.97
N GLY A 158 44.91 1.92 20.30
CA GLY A 158 45.10 0.62 20.90
C GLY A 158 46.38 -0.03 20.38
N GLY A 159 47.08 -0.69 21.28
CA GLY A 159 48.33 -1.35 20.95
C GLY A 159 49.26 -1.35 22.14
N ASP A 160 50.47 -1.87 21.93
CA ASP A 160 51.42 -1.95 23.03
C ASP A 160 52.07 -0.59 23.23
N LYS A 161 52.40 -0.28 24.50
CA LYS A 161 52.88 1.06 24.82
C LYS A 161 54.14 1.41 24.05
N ASP A 162 54.98 0.42 23.74
CA ASP A 162 56.21 0.71 23.00
C ASP A 162 55.89 1.10 21.55
N ASP A 163 54.88 0.48 20.96
CA ASP A 163 54.49 0.83 19.60
C ASP A 163 53.80 2.18 19.55
N VAL A 164 52.97 2.48 20.56
CA VAL A 164 52.39 3.80 20.67
C VAL A 164 53.49 4.86 20.77
N ALA A 165 54.54 4.56 21.54
CA ALA A 165 55.64 5.51 21.69
C ALA A 165 56.36 5.76 20.37
N ARG A 166 56.51 4.71 19.55
CA ARG A 166 57.15 4.88 18.25
C ARG A 166 56.41 5.88 17.37
N ALA A 167 55.07 5.88 17.47
CA ALA A 167 54.23 6.70 16.61
C ALA A 167 53.97 8.09 17.16
N ALA A 168 54.44 8.38 18.37
CA ALA A 168 54.15 9.66 19.04
C ALA A 168 54.41 10.89 18.16
N PRO A 169 55.51 11.02 17.44
CA PRO A 169 55.67 12.22 16.60
C PRO A 169 54.62 12.36 15.50
N ILE A 170 54.09 11.25 14.99
CA ILE A 170 53.02 11.34 14.02
C ILE A 170 51.74 11.78 14.69
N PHE A 171 51.41 11.16 15.83
CA PHE A 171 50.19 11.53 16.54
C PHE A 171 50.23 12.99 17.01
N ASP A 172 51.42 13.47 17.42
CA ASP A 172 51.53 14.86 17.89
C ASP A 172 51.29 15.87 16.78
N ALA A 173 51.67 15.56 15.53
CA ALA A 173 51.52 16.54 14.47
C ALA A 173 50.07 16.69 14.04
N ILE A 174 49.27 15.64 14.17
CA ILE A 174 47.89 15.68 13.70
C ILE A 174 46.90 15.98 14.81
N GLY A 175 47.32 15.90 16.08
CA GLY A 175 46.40 16.05 17.19
C GLY A 175 47.00 16.83 18.35
N LYS A 176 46.15 17.07 19.35
CA LYS A 176 46.52 17.76 20.58
C LYS A 176 46.66 16.83 21.78
N LEU A 177 46.28 15.56 21.65
CA LEU A 177 46.26 14.64 22.77
C LEU A 177 46.18 13.22 22.24
N THR A 178 47.04 12.35 22.73
CA THR A 178 47.02 10.92 22.41
C THR A 178 46.57 10.16 23.65
N ILE A 179 45.43 9.47 23.54
CA ILE A 179 44.94 8.63 24.61
C ILE A 179 45.31 7.19 24.28
N HIS A 180 46.11 6.57 25.14
CA HIS A 180 46.39 5.15 25.01
C HIS A 180 45.25 4.37 25.65
N ALA A 181 44.38 3.82 24.81
CA ALA A 181 43.13 3.21 25.28
C ALA A 181 43.31 1.80 25.81
N GLY A 182 44.46 1.16 25.58
CA GLY A 182 44.63 -0.23 25.92
C GLY A 182 45.27 -0.99 24.78
N PRO A 183 45.22 -2.32 24.82
CA PRO A 183 45.82 -3.12 23.74
C PRO A 183 45.03 -3.05 22.44
N THR A 184 45.47 -3.79 21.41
CA THR A 184 44.79 -3.78 20.12
C THR A 184 43.27 -3.95 20.29
N GLY A 185 42.53 -3.16 19.52
CA GLY A 185 41.08 -3.15 19.60
C GLY A 185 40.52 -2.10 20.53
N SER A 186 41.32 -1.57 21.45
CA SER A 186 40.82 -0.63 22.44
C SER A 186 40.49 0.72 21.81
N GLY A 187 41.26 1.14 20.79
CA GLY A 187 40.97 2.41 20.16
C GLY A 187 39.67 2.36 19.39
N ALA A 188 39.49 1.28 18.62
CA ALA A 188 38.23 1.11 17.90
C ALA A 188 37.03 1.14 18.84
N ARG A 189 37.14 0.50 20.01
CA ARG A 189 36.01 0.46 20.95
C ARG A 189 35.75 1.83 21.57
N LEU A 190 36.81 2.56 21.93
CA LEU A 190 36.63 3.89 22.48
C LEU A 190 36.01 4.84 21.44
N LYS A 191 36.38 4.67 20.16
CA LYS A 191 35.74 5.47 19.12
C LYS A 191 34.24 5.18 19.03
N LEU A 192 33.86 3.90 19.16
CA LEU A 192 32.44 3.56 19.18
C LEU A 192 31.71 4.25 20.34
N VAL A 193 32.31 4.20 21.55
CA VAL A 193 31.75 4.92 22.70
C VAL A 193 31.48 6.39 22.37
N ILE A 194 32.50 7.06 21.83
CA ILE A 194 32.40 8.49 21.60
C ILE A 194 31.42 8.81 20.46
N ASN A 195 31.40 7.97 19.42
CA ASN A 195 30.40 8.13 18.34
C ASN A 195 28.99 8.06 18.87
N GLY A 196 28.71 7.13 19.80
CA GLY A 196 27.37 7.02 20.33
C GLY A 196 26.95 8.25 21.09
N ILE A 197 27.88 8.83 21.87
CA ILE A 197 27.60 10.07 22.59
C ILE A 197 27.30 11.19 21.59
N MET A 198 28.09 11.26 20.53
CA MET A 198 27.88 12.30 19.52
C MET A 198 26.54 12.14 18.81
N GLY A 199 26.26 10.92 18.35
CA GLY A 199 25.04 10.71 17.59
C GLY A 199 23.79 10.96 18.41
N ALA A 200 23.72 10.36 19.59
CA ALA A 200 22.56 10.54 20.44
C ALA A 200 22.50 11.95 21.01
N GLY A 201 23.64 12.62 21.15
CA GLY A 201 23.60 14.02 21.54
C GLY A 201 22.87 14.87 20.53
N LEU A 202 23.08 14.58 19.24
CA LEU A 202 22.39 15.34 18.21
C LEU A 202 20.91 14.98 18.15
N THR A 203 20.57 13.68 18.23
CA THR A 203 19.15 13.34 18.10
C THR A 203 18.37 13.88 19.29
N THR A 204 18.96 13.81 20.50
CA THR A 204 18.37 14.43 21.68
C THR A 204 18.07 15.91 21.44
N LEU A 205 19.06 16.63 20.91
CA LEU A 205 18.90 18.06 20.71
C LEU A 205 17.84 18.34 19.65
N ALA A 206 17.86 17.59 18.54
CA ALA A 206 16.87 17.78 17.48
C ALA A 206 15.45 17.55 17.98
N GLU A 207 15.26 16.51 18.81
CA GLU A 207 13.93 16.18 19.31
C GLU A 207 13.45 17.22 20.31
N SER A 208 14.38 17.71 21.16
CA SER A 208 13.99 18.68 22.20
C SER A 208 13.62 20.01 21.54
N VAL A 209 14.42 20.43 20.55
CA VAL A 209 14.08 21.61 19.74
C VAL A 209 12.72 21.43 19.06
N ALA A 210 12.48 20.25 18.49
CA ALA A 210 11.21 19.98 17.83
C ALA A 210 10.04 20.15 18.79
N TYR A 211 10.16 19.60 20.01
CA TYR A 211 9.08 19.82 20.98
C TYR A 211 8.88 21.32 21.21
N GLY A 212 9.96 22.07 21.45
CA GLY A 212 9.83 23.49 21.73
C GLY A 212 9.12 24.23 20.62
N LEU A 213 9.48 23.94 19.37
CA LEU A 213 8.81 24.59 18.23
C LEU A 213 7.34 24.18 18.14
N SER A 214 7.04 22.90 18.39
CA SER A 214 5.66 22.43 18.29
C SER A 214 4.78 23.05 19.37
N ALA A 215 5.39 23.44 20.47
CA ALA A 215 4.71 24.09 21.58
C ALA A 215 4.66 25.60 21.43
N GLY A 216 5.11 26.13 20.30
CA GLY A 216 4.91 27.53 19.98
C GLY A 216 6.06 28.46 20.31
N LEU A 217 7.19 27.95 20.76
CA LEU A 217 8.32 28.82 21.04
C LEU A 217 8.88 29.39 19.75
N ASP A 218 9.20 30.70 19.79
CA ASP A 218 9.86 31.38 18.67
C ASP A 218 11.15 30.67 18.26
N ARG A 219 11.32 30.42 16.95
CA ARG A 219 12.50 29.68 16.49
C ARG A 219 13.80 30.40 16.85
N SER A 220 13.88 31.68 16.52
CA SER A 220 15.11 32.42 16.76
C SER A 220 15.43 32.51 18.25
N MET A 221 14.42 32.80 19.08
CA MET A 221 14.55 32.78 20.53
C MET A 221 15.13 31.46 21.02
N LEU A 222 14.54 30.36 20.56
CA LEU A 222 14.88 29.04 21.09
C LEU A 222 16.31 28.64 20.73
N PHE A 223 16.72 28.81 19.47
CA PHE A 223 18.10 28.47 19.12
C PHE A 223 19.08 29.29 19.94
N ASP A 224 18.78 30.58 20.14
CA ASP A 224 19.73 31.44 20.85
C ASP A 224 19.74 31.10 22.34
N ALA A 225 18.59 30.74 22.90
CA ALA A 225 18.50 30.39 24.32
C ALA A 225 19.31 29.16 24.62
N LEU A 226 19.24 28.17 23.75
CA LEU A 226 19.95 26.92 24.03
C LEU A 226 21.46 27.10 23.96
N ASP A 227 21.94 28.12 23.24
CA ASP A 227 23.37 28.41 23.28
C ASP A 227 23.83 28.86 24.67
N GLN A 228 22.90 29.22 25.57
CA GLN A 228 23.23 29.76 26.88
C GLN A 228 23.19 28.74 28.01
N VAL A 229 22.91 27.45 27.73
CA VAL A 229 22.73 26.48 28.82
C VAL A 229 23.92 25.52 28.86
N ALA A 230 24.15 24.97 30.04
CA ALA A 230 25.37 24.21 30.28
C ALA A 230 25.20 22.72 29.99
N VAL A 231 24.03 22.30 29.53
CA VAL A 231 23.76 20.88 29.34
C VAL A 231 23.91 20.45 27.90
N ILE A 232 24.35 21.34 26.99
CA ILE A 232 24.69 21.02 25.60
C ILE A 232 26.20 21.11 25.43
N SER A 233 26.77 20.14 24.72
CA SER A 233 28.23 20.10 24.53
C SER A 233 28.70 21.21 23.58
N PRO A 234 29.98 21.59 23.66
CA PRO A 234 30.50 22.56 22.67
C PRO A 234 30.30 22.11 21.23
N HIS A 235 30.49 20.82 20.95
CA HIS A 235 30.29 20.33 19.59
C HIS A 235 28.86 20.56 19.13
N HIS A 236 27.89 20.21 19.98
CA HIS A 236 26.51 20.30 19.55
C HIS A 236 26.01 21.74 19.56
N LYS A 237 26.61 22.60 20.39
CA LYS A 237 26.30 24.03 20.30
C LYS A 237 26.74 24.58 18.94
N ARG A 238 27.88 24.12 18.43
CA ARG A 238 28.32 24.55 17.11
C ARG A 238 27.36 24.06 16.04
N LYS A 239 26.90 22.80 16.14
CA LYS A 239 25.91 22.29 15.21
C LYS A 239 24.60 23.07 15.30
N LEU A 240 24.18 23.44 16.52
CA LEU A 240 22.94 24.19 16.67
C LEU A 240 23.02 25.55 15.97
N LYS A 241 24.14 26.25 16.14
CA LYS A 241 24.31 27.54 15.45
C LYS A 241 24.27 27.35 13.94
N ALA A 242 24.94 26.33 13.42
CA ALA A 242 24.88 26.07 11.98
C ALA A 242 23.46 25.76 11.54
N ALA A 243 22.75 24.94 12.32
CA ALA A 243 21.37 24.59 11.97
C ALA A 243 20.43 25.80 11.99
N LYS A 244 20.68 26.80 12.84
CA LYS A 244 19.85 28.01 12.79
C LYS A 244 19.94 28.65 11.41
N ASP A 245 21.13 28.57 10.81
CA ASP A 245 21.46 29.09 9.48
C ASP A 245 21.09 28.12 8.36
N GLY A 246 20.52 26.96 8.67
CA GLY A 246 20.33 25.96 7.63
C GLY A 246 21.61 25.44 7.01
N ASN A 247 22.74 25.58 7.69
CA ASN A 247 24.05 25.20 7.15
C ASN A 247 24.34 23.76 7.53
N PHE A 248 24.18 22.86 6.57
CA PHE A 248 24.51 21.45 6.77
C PHE A 248 25.58 20.99 5.79
N ALA A 249 26.49 21.90 5.45
CA ALA A 249 27.64 21.48 4.66
C ALA A 249 28.33 20.33 5.38
N PRO A 250 28.77 19.31 4.64
CA PRO A 250 29.20 18.08 5.29
C PRO A 250 30.54 18.24 5.99
N GLN A 251 30.50 18.25 7.32
CA GLN A 251 31.69 17.98 8.10
C GLN A 251 31.77 16.49 8.41
N PHE A 252 30.65 15.93 8.87
CA PHE A 252 30.51 14.49 9.09
C PHE A 252 29.17 14.09 8.47
N PRO A 253 29.19 13.53 7.25
CA PRO A 253 27.94 13.25 6.54
C PRO A 253 27.10 12.20 7.23
N ALA A 254 25.78 12.32 7.03
CA ALA A 254 24.84 11.41 7.66
C ALA A 254 25.12 9.96 7.30
N ARG A 255 25.58 9.70 6.07
CA ARG A 255 25.87 8.31 5.70
C ARG A 255 26.95 7.70 6.58
N LEU A 256 27.96 8.49 7.00
CA LEU A 256 29.02 7.93 7.83
C LEU A 256 28.62 7.89 9.30
N MET A 257 27.91 8.91 9.79
CA MET A 257 27.42 8.88 11.16
C MET A 257 26.50 7.69 11.38
N GLN A 258 25.58 7.47 10.43
CA GLN A 258 24.64 6.38 10.59
C GLN A 258 25.34 5.02 10.50
N LYS A 259 26.36 4.90 9.64
CA LYS A 259 27.19 3.69 9.62
C LYS A 259 27.83 3.47 10.99
N ASP A 260 28.41 4.53 11.58
CA ASP A 260 29.04 4.39 12.90
C ASP A 260 28.04 3.95 13.95
N MET A 261 26.80 4.46 13.87
CA MET A 261 25.77 4.03 14.82
C MET A 261 25.41 2.56 14.61
N ARG A 262 25.31 2.14 13.35
CA ARG A 262 25.08 0.72 13.06
C ARG A 262 26.17 -0.15 13.69
N LEU A 263 27.44 0.27 13.56
CA LEU A 263 28.54 -0.51 14.13
C LEU A 263 28.44 -0.57 15.64
N LEU A 264 28.13 0.56 16.27
CA LEU A 264 28.00 0.56 17.73
C LEU A 264 26.86 -0.35 18.19
N LEU A 265 25.70 -0.28 17.51
CA LEU A 265 24.58 -1.09 17.98
C LEU A 265 24.84 -2.58 17.71
N ASP A 266 25.58 -2.92 16.65
CA ASP A 266 25.95 -4.32 16.46
C ASP A 266 26.88 -4.77 17.58
N ALA A 267 27.88 -3.94 17.91
CA ALA A 267 28.81 -4.31 18.97
C ALA A 267 28.10 -4.43 20.31
N ALA A 268 27.19 -3.50 20.60
CA ALA A 268 26.48 -3.56 21.88
C ALA A 268 25.59 -4.80 21.94
N ALA A 269 25.04 -5.24 20.80
CA ALA A 269 24.25 -6.47 20.79
C ALA A 269 25.15 -7.69 21.01
N ARG A 270 26.35 -7.70 20.40
CA ARG A 270 27.27 -8.80 20.62
C ARG A 270 27.70 -8.88 22.08
N GLU A 271 27.85 -7.73 22.76
CA GLU A 271 28.18 -7.73 24.18
C GLU A 271 26.97 -7.91 25.08
N ALA A 272 25.76 -8.00 24.51
CA ALA A 272 24.51 -8.12 25.28
C ALA A 272 24.39 -7.00 26.33
N VAL A 273 24.60 -5.76 25.89
CA VAL A 273 24.44 -4.58 26.73
C VAL A 273 23.23 -3.80 26.24
N PRO A 274 22.20 -3.62 27.07
CA PRO A 274 21.02 -2.84 26.64
C PRO A 274 21.32 -1.35 26.56
N VAL A 275 21.13 -0.76 25.38
CA VAL A 275 21.42 0.65 25.16
C VAL A 275 20.23 1.31 24.46
N PRO A 276 19.10 1.45 25.14
CA PRO A 276 17.88 1.94 24.46
C PRO A 276 18.00 3.37 23.93
N THR A 277 18.71 4.27 24.61
CA THR A 277 18.80 5.65 24.09
C THR A 277 19.63 5.66 22.80
N LEU A 278 20.75 4.92 22.80
CA LEU A 278 21.56 4.83 21.59
C LEU A 278 20.81 4.13 20.47
N ALA A 279 19.98 3.13 20.81
CA ALA A 279 19.20 2.43 19.80
C ALA A 279 18.17 3.36 19.16
N ALA A 280 17.48 4.15 19.98
CA ALA A 280 16.53 5.16 19.48
C ALA A 280 17.24 6.15 18.57
N ALA A 281 18.39 6.64 19.01
CA ALA A 281 19.13 7.62 18.22
C ALA A 281 19.51 7.05 16.86
N THR A 282 19.90 5.78 16.83
CA THR A 282 20.27 5.14 15.56
C THR A 282 19.12 5.19 14.56
N GLN A 283 17.90 4.96 15.03
CA GLN A 283 16.76 4.94 14.11
C GLN A 283 16.49 6.34 13.56
N GLN A 284 16.65 7.36 14.41
CA GLN A 284 16.54 8.73 13.91
C GLN A 284 17.64 9.05 12.89
N LEU A 285 18.84 8.51 13.08
CA LEU A 285 19.88 8.79 12.10
C LEU A 285 19.70 7.95 10.84
N SER A 286 18.99 6.81 10.91
CA SER A 286 18.58 6.12 9.68
C SER A 286 17.66 7.01 8.85
N LEU A 287 16.67 7.63 9.49
CA LEU A 287 15.78 8.53 8.77
C LEU A 287 16.57 9.69 8.17
N THR A 288 17.52 10.23 8.94
CA THR A 288 18.36 11.31 8.45
C THR A 288 19.12 10.90 7.20
N ARG A 289 19.74 9.72 7.23
CA ARG A 289 20.51 9.25 6.08
C ARG A 289 19.60 9.03 4.88
N ARG A 290 18.42 8.44 5.09
CA ARG A 290 17.50 8.19 3.99
C ARG A 290 17.13 9.50 3.30
N LEU A 291 16.86 10.55 4.06
CA LEU A 291 16.41 11.80 3.46
C LEU A 291 17.56 12.60 2.85
N SER A 292 18.77 12.54 3.42
CA SER A 292 19.93 13.25 2.86
C SER A 292 21.20 12.57 3.32
N PRO A 293 21.73 11.64 2.51
CA PRO A 293 22.92 10.91 2.95
C PRO A 293 24.18 11.74 2.99
N ASN A 294 24.26 12.78 2.15
CA ASN A 294 25.54 13.46 1.98
C ASN A 294 25.66 14.77 2.76
N GLU A 295 24.57 15.32 3.28
CA GLU A 295 24.71 16.49 4.10
C GLU A 295 25.16 16.10 5.50
N ASP A 296 25.59 17.10 6.28
CA ASP A 296 26.03 16.84 7.64
C ASP A 296 24.98 16.08 8.43
N TYR A 297 25.43 15.24 9.37
CA TYR A 297 24.48 14.44 10.14
C TYR A 297 23.56 15.29 10.99
N SER A 298 23.96 16.54 11.32
CA SER A 298 23.10 17.44 12.07
C SER A 298 21.85 17.87 11.31
N SER A 299 21.71 17.49 10.03
CA SER A 299 20.50 17.83 9.28
C SER A 299 19.23 17.25 9.89
N LEU A 300 19.34 16.29 10.83
CA LEU A 300 18.14 15.85 11.55
C LEU A 300 17.42 17.02 12.22
N ILE A 301 18.14 18.08 12.56
CA ILE A 301 17.46 19.24 13.15
C ILE A 301 16.46 19.82 12.15
N ARG A 302 16.87 19.96 10.88
CA ARG A 302 15.96 20.41 9.83
C ARG A 302 14.84 19.42 9.57
N VAL A 303 15.15 18.11 9.58
CA VAL A 303 14.15 17.07 9.40
C VAL A 303 13.05 17.21 10.44
N MET A 304 13.45 17.38 11.69
CA MET A 304 12.45 17.49 12.75
C MET A 304 11.67 18.78 12.65
N GLU A 305 12.30 19.88 12.25
CA GLU A 305 11.56 21.12 12.06
C GLU A 305 10.48 20.93 11.00
N LYS A 306 10.80 20.21 9.92
CA LYS A 306 9.81 19.98 8.88
C LYS A 306 8.66 19.13 9.41
N ILE A 307 8.96 18.11 10.23
CA ILE A 307 7.90 17.29 10.80
C ILE A 307 6.93 18.16 11.59
N VAL A 308 7.45 19.09 12.40
CA VAL A 308 6.52 19.87 13.21
C VAL A 308 5.82 20.94 12.37
N ALA A 309 6.44 21.40 11.27
CA ALA A 309 5.75 22.31 10.37
C ALA A 309 4.62 21.59 9.65
N ASN A 310 4.77 20.30 9.41
CA ASN A 310 3.72 19.40 8.91
C ASN A 310 3.02 19.95 7.68
N GLN B 18 14.70 -34.68 -11.72
CA GLN B 18 15.44 -33.66 -11.00
C GLN B 18 14.73 -33.27 -9.71
N ILE B 19 13.46 -33.66 -9.57
CA ILE B 19 12.79 -33.48 -8.29
C ILE B 19 13.53 -34.28 -7.23
N LEU B 20 13.66 -33.71 -6.04
CA LEU B 20 14.47 -34.32 -4.98
C LEU B 20 13.65 -35.26 -4.10
N SER B 21 12.92 -36.16 -4.75
CA SER B 21 12.19 -37.22 -4.06
C SER B 21 13.15 -38.25 -3.48
N PRO B 22 12.70 -39.07 -2.53
CA PRO B 22 13.58 -40.13 -2.00
C PRO B 22 14.13 -41.05 -3.07
N GLU B 23 13.32 -41.40 -4.07
CA GLU B 23 13.81 -42.29 -5.12
C GLU B 23 14.86 -41.61 -6.00
N ASN B 24 14.75 -40.30 -6.21
CA ASN B 24 15.73 -39.59 -7.03
C ASN B 24 16.93 -39.10 -6.26
N ALA B 25 16.76 -38.73 -4.99
CA ALA B 25 17.83 -38.18 -4.16
C ALA B 25 17.68 -38.68 -2.73
N PRO B 26 17.98 -39.96 -2.49
CA PRO B 26 17.67 -40.55 -1.18
C PRO B 26 18.50 -40.00 -0.02
N ARG B 27 19.74 -39.56 -0.27
CA ARG B 27 20.66 -39.20 0.81
C ARG B 27 20.56 -37.71 1.12
N ILE B 28 20.04 -37.37 2.30
CA ILE B 28 20.05 -35.99 2.79
C ILE B 28 21.09 -35.89 3.90
N GLY B 29 22.12 -35.07 3.67
CA GLY B 29 23.14 -34.82 4.66
C GLY B 29 22.95 -33.46 5.30
N PHE B 30 23.03 -33.43 6.63
CA PHE B 30 22.85 -32.20 7.40
C PHE B 30 24.19 -31.63 7.83
N ILE B 31 24.33 -30.31 7.69
CA ILE B 31 25.40 -29.57 8.34
C ILE B 31 24.78 -28.89 9.55
N GLY B 32 25.09 -29.39 10.75
CA GLY B 32 24.41 -28.97 11.97
C GLY B 32 23.23 -29.87 12.26
N PHE B 33 23.06 -30.28 13.52
CA PHE B 33 22.01 -31.25 13.83
C PHE B 33 21.52 -31.07 15.27
N GLY B 34 21.02 -29.88 15.57
CA GLY B 34 20.54 -29.55 16.90
C GLY B 34 19.05 -29.76 17.05
N ALA B 35 18.43 -28.93 17.90
CA ALA B 35 17.03 -29.11 18.27
C ALA B 35 16.12 -29.15 17.04
N MET B 36 16.14 -28.09 16.22
CA MET B 36 15.32 -28.06 15.01
C MET B 36 15.74 -29.12 14.00
N ALA B 37 17.04 -29.18 13.69
CA ALA B 37 17.48 -30.03 12.58
C ALA B 37 17.19 -31.49 12.85
N SER B 38 17.45 -31.95 14.08
CA SER B 38 17.19 -33.36 14.38
C SER B 38 15.71 -33.68 14.23
N ARG B 39 14.84 -32.71 14.54
CA ARG B 39 13.40 -32.91 14.39
C ARG B 39 13.02 -32.94 12.91
N MET B 40 13.59 -32.05 12.10
CA MET B 40 13.42 -32.16 10.65
C MET B 40 13.92 -33.49 10.13
N GLY B 41 15.11 -33.91 10.59
CA GLY B 41 15.68 -35.17 10.09
C GLY B 41 14.78 -36.35 10.36
N ASP B 42 14.14 -36.36 11.53
CA ASP B 42 13.22 -37.45 11.86
C ASP B 42 12.06 -37.50 10.87
N HIS B 43 11.51 -36.34 10.51
CA HIS B 43 10.40 -36.31 9.59
C HIS B 43 10.83 -36.70 8.18
N LEU B 44 12.08 -36.40 7.81
CA LEU B 44 12.57 -36.83 6.50
C LEU B 44 12.88 -38.31 6.49
N LYS B 45 13.28 -38.88 7.63
CA LYS B 45 13.45 -40.33 7.71
C LYS B 45 12.13 -41.04 7.45
N THR B 46 11.06 -40.58 8.12
CA THR B 46 9.74 -41.17 7.93
C THR B 46 9.28 -41.04 6.47
N ALA B 47 9.63 -39.93 5.81
CA ALA B 47 9.28 -39.72 4.42
C ALA B 47 10.07 -40.58 3.45
N GLY B 48 11.12 -41.27 3.92
CA GLY B 48 11.86 -42.21 3.11
C GLY B 48 13.29 -41.84 2.74
N TYR B 49 13.83 -40.75 3.29
CA TYR B 49 15.21 -40.37 2.99
C TYR B 49 16.19 -41.04 3.94
N THR B 50 17.44 -41.10 3.51
CA THR B 50 18.55 -41.57 4.34
C THR B 50 19.30 -40.36 4.90
N ILE B 51 19.31 -40.23 6.23
CA ILE B 51 19.84 -39.05 6.91
C ILE B 51 21.26 -39.33 7.37
N SER B 52 22.16 -38.37 7.12
CA SER B 52 23.47 -38.29 7.75
C SER B 52 23.65 -36.87 8.27
N ALA B 53 24.69 -36.65 9.07
CA ALA B 53 24.87 -35.34 9.69
C ALA B 53 26.33 -35.13 10.05
N TYR B 54 26.73 -33.85 10.06
CA TYR B 54 27.97 -33.38 10.64
C TYR B 54 27.67 -32.32 11.69
N THR B 55 28.33 -32.40 12.84
CA THR B 55 28.33 -31.34 13.82
C THR B 55 29.75 -31.09 14.31
N PRO B 56 30.06 -29.88 14.75
CA PRO B 56 31.42 -29.64 15.30
C PRO B 56 31.76 -30.53 16.47
N SER B 57 30.78 -30.84 17.33
CA SER B 57 31.03 -31.67 18.50
C SER B 57 31.07 -33.16 18.19
N GLY B 58 30.60 -33.57 17.01
CA GLY B 58 30.47 -34.98 16.71
C GLY B 58 29.32 -35.63 17.47
N VAL B 65 21.73 -41.50 14.11
CA VAL B 65 22.02 -40.96 12.79
C VAL B 65 23.53 -41.00 12.54
N PRO B 66 23.93 -41.55 11.39
CA PRO B 66 25.37 -41.66 11.09
C PRO B 66 26.00 -40.29 10.96
N MET B 67 27.15 -40.14 11.59
CA MET B 67 27.83 -38.85 11.62
C MET B 67 29.12 -38.89 10.82
N LEU B 68 29.46 -37.74 10.24
CA LEU B 68 30.62 -37.62 9.40
C LEU B 68 31.62 -36.67 10.04
N PRO B 69 32.92 -36.86 9.80
CA PRO B 69 33.93 -36.10 10.58
C PRO B 69 34.15 -34.68 10.12
N THR B 70 33.81 -34.34 8.87
CA THR B 70 34.02 -33.01 8.33
C THR B 70 32.83 -32.61 7.47
N PRO B 71 32.62 -31.31 7.26
CA PRO B 71 31.62 -30.88 6.28
C PRO B 71 31.88 -31.45 4.88
N LEU B 72 33.15 -31.53 4.49
CA LEU B 72 33.49 -32.12 3.20
C LEU B 72 33.05 -33.57 3.12
N ALA B 73 33.39 -34.37 4.14
CA ALA B 73 33.01 -35.78 4.13
C ALA B 73 31.50 -35.93 4.11
N LEU B 74 30.78 -35.05 4.80
CA LEU B 74 29.31 -35.11 4.80
C LEU B 74 28.76 -34.88 3.40
N ALA B 75 29.22 -33.83 2.73
CA ALA B 75 28.67 -33.48 1.42
C ALA B 75 29.03 -34.53 0.36
N LYS B 76 30.16 -35.21 0.53
CA LYS B 76 30.58 -36.18 -0.49
C LYS B 76 29.64 -37.38 -0.56
N GLN B 77 29.02 -37.76 0.57
CA GLN B 77 28.14 -38.92 0.60
C GLN B 77 26.67 -38.54 0.72
N ALA B 78 26.30 -37.32 0.34
CA ALA B 78 24.91 -36.91 0.33
C ALA B 78 24.52 -36.41 -1.05
N ASP B 79 23.24 -36.56 -1.39
CA ASP B 79 22.70 -36.06 -2.65
C ASP B 79 22.23 -34.62 -2.52
N THR B 80 21.66 -34.28 -1.37
CA THR B 80 21.18 -32.95 -1.03
C THR B 80 21.77 -32.59 0.34
N VAL B 81 22.21 -31.34 0.50
CA VAL B 81 22.78 -30.89 1.76
C VAL B 81 21.82 -29.87 2.37
N VAL B 82 21.50 -30.07 3.66
CA VAL B 82 20.67 -29.13 4.42
C VAL B 82 21.54 -28.55 5.53
N VAL B 83 21.49 -27.23 5.68
CA VAL B 83 22.31 -26.52 6.65
C VAL B 83 21.40 -25.97 7.73
N CYS B 84 21.80 -26.16 8.99
CA CYS B 84 21.07 -25.60 10.13
C CYS B 84 22.12 -25.24 11.19
N VAL B 85 22.72 -24.07 11.02
CA VAL B 85 23.79 -23.60 11.90
C VAL B 85 23.35 -22.28 12.51
N PRO B 86 23.99 -21.85 13.61
CA PRO B 86 23.41 -20.75 14.39
C PRO B 86 23.54 -19.37 13.76
N ASP B 87 24.66 -19.06 13.11
CA ASP B 87 24.94 -17.68 12.72
C ASP B 87 25.86 -17.65 11.51
N ASP B 88 26.15 -16.43 11.04
CA ASP B 88 27.02 -16.24 9.88
C ASP B 88 28.38 -16.89 10.09
N GLU B 89 28.93 -16.74 11.29
CA GLU B 89 30.27 -17.26 11.55
C GLU B 89 30.30 -18.78 11.45
N ALA B 90 29.29 -19.46 12.00
CA ALA B 90 29.23 -20.91 11.88
C ALA B 90 29.00 -21.32 10.43
N LEU B 91 28.20 -20.55 9.69
CA LEU B 91 27.96 -20.88 8.29
C LEU B 91 29.26 -20.83 7.51
N ALA B 92 30.05 -19.78 7.71
CA ALA B 92 31.28 -19.64 6.94
C ALA B 92 32.29 -20.73 7.31
N ALA B 93 32.33 -21.13 8.58
CA ALA B 93 33.30 -22.12 9.01
C ALA B 93 33.03 -23.48 8.39
N SER B 94 31.76 -23.79 8.09
CA SER B 94 31.39 -25.10 7.60
C SER B 94 31.15 -25.13 6.09
N MET B 95 30.95 -23.99 5.43
CA MET B 95 30.75 -24.01 3.99
C MET B 95 32.02 -23.81 3.17
N TYR B 96 32.96 -23.01 3.65
CA TYR B 96 34.06 -22.58 2.81
C TYR B 96 35.36 -23.28 3.17
N GLY B 97 36.29 -23.29 2.22
CA GLY B 97 37.58 -23.92 2.42
C GLY B 97 37.60 -25.37 1.98
N GLU B 98 38.80 -25.95 2.03
CA GLU B 98 39.01 -27.29 1.47
C GLU B 98 38.22 -28.35 2.22
N ASN B 99 37.99 -28.17 3.52
CA ASN B 99 37.19 -29.13 4.29
C ASN B 99 35.73 -28.72 4.43
N GLY B 100 35.29 -27.66 3.75
CA GLY B 100 33.92 -27.23 3.84
C GLY B 100 32.98 -28.01 2.94
N ALA B 101 31.68 -27.71 3.09
CA ALA B 101 30.65 -28.50 2.44
C ALA B 101 30.66 -28.31 0.92
N LEU B 102 30.87 -27.08 0.45
CA LEU B 102 30.76 -26.83 -0.99
C LEU B 102 31.80 -27.64 -1.75
N ALA B 103 33.00 -27.78 -1.20
CA ALA B 103 34.06 -28.49 -1.92
C ALA B 103 33.68 -29.95 -2.17
N GLY B 104 32.79 -30.51 -1.35
CA GLY B 104 32.35 -31.88 -1.51
C GLY B 104 31.11 -32.08 -2.34
N MET B 105 30.51 -31.01 -2.87
CA MET B 105 29.26 -31.11 -3.60
C MET B 105 29.50 -31.13 -5.10
N THR B 106 28.55 -31.71 -5.83
CA THR B 106 28.65 -31.95 -7.25
C THR B 106 27.72 -31.00 -8.01
N LYS B 107 28.19 -30.53 -9.19
CA LYS B 107 27.39 -29.68 -10.04
C LYS B 107 25.99 -30.26 -10.24
N GLY B 108 24.98 -29.37 -10.21
CA GLY B 108 23.62 -29.78 -10.39
C GLY B 108 22.87 -30.15 -9.13
N SER B 109 23.56 -30.27 -8.00
CA SER B 109 22.89 -30.57 -6.75
C SER B 109 22.41 -29.30 -6.07
N LEU B 110 21.67 -29.49 -4.99
CA LEU B 110 21.01 -28.39 -4.29
C LEU B 110 21.51 -28.35 -2.86
N LEU B 111 21.75 -27.15 -2.35
CA LEU B 111 22.01 -26.93 -0.94
C LEU B 111 20.87 -26.09 -0.41
N ILE B 112 20.29 -26.52 0.71
CA ILE B 112 19.15 -25.85 1.34
C ILE B 112 19.62 -25.32 2.67
N ASN B 113 19.69 -23.99 2.79
CA ASN B 113 20.14 -23.38 4.04
C ASN B 113 18.91 -22.94 4.83
N THR B 114 18.64 -23.61 5.97
CA THR B 114 17.54 -23.25 6.84
C THR B 114 17.97 -22.35 7.99
N SER B 115 19.25 -21.98 8.02
CA SER B 115 19.81 -21.17 9.09
C SER B 115 19.26 -19.74 9.06
N SER B 116 19.23 -19.11 10.23
CA SER B 116 18.83 -17.70 10.33
C SER B 116 20.10 -16.85 10.30
N VAL B 117 20.46 -16.35 9.10
CA VAL B 117 21.72 -15.63 8.89
C VAL B 117 21.43 -14.30 8.19
N SER B 118 22.47 -13.49 8.02
CA SER B 118 22.26 -12.15 7.48
C SER B 118 22.03 -12.21 5.97
N PRO B 119 21.39 -11.17 5.40
CA PRO B 119 21.33 -11.09 3.93
C PRO B 119 22.70 -11.09 3.27
N GLU B 120 23.73 -10.59 3.96
CA GLU B 120 25.06 -10.57 3.36
C GLU B 120 25.63 -11.97 3.28
N ALA B 121 25.48 -12.74 4.37
CA ALA B 121 25.94 -14.14 4.37
C ALA B 121 25.19 -14.95 3.33
N THR B 122 23.89 -14.69 3.18
CA THR B 122 23.06 -15.37 2.19
C THR B 122 23.57 -15.12 0.78
N ALA B 123 23.90 -13.87 0.48
CA ALA B 123 24.35 -13.53 -0.87
C ALA B 123 25.72 -14.14 -1.13
N THR B 124 26.58 -14.13 -0.13
CA THR B 124 27.91 -14.73 -0.27
C THR B 124 27.80 -16.22 -0.57
N LEU B 125 26.93 -16.94 0.17
CA LEU B 125 26.81 -18.38 -0.04
C LEU B 125 26.16 -18.68 -1.39
N TYR B 126 25.20 -17.86 -1.82
CA TYR B 126 24.58 -18.08 -3.13
C TYR B 126 25.60 -17.96 -4.24
N GLU B 127 26.40 -16.89 -4.20
CA GLU B 127 27.42 -16.64 -5.20
C GLU B 127 28.51 -17.72 -5.16
N ALA B 128 28.91 -18.15 -3.96
CA ALA B 128 29.86 -19.25 -3.85
C ALA B 128 29.28 -20.54 -4.41
N GLY B 129 28.00 -20.80 -4.11
CA GLY B 129 27.37 -22.00 -4.65
C GLY B 129 27.39 -22.02 -6.16
N GLN B 130 27.12 -20.86 -6.78
CA GLN B 130 27.13 -20.75 -8.23
C GLN B 130 28.46 -21.19 -8.82
N LYS B 131 29.57 -20.77 -8.19
CA LYS B 131 30.89 -21.14 -8.70
C LYS B 131 31.13 -22.65 -8.68
N HIS B 132 30.39 -23.38 -7.84
CA HIS B 132 30.46 -24.83 -7.77
C HIS B 132 29.38 -25.53 -8.57
N GLY B 133 28.56 -24.78 -9.29
CA GLY B 133 27.40 -25.36 -9.94
C GLY B 133 26.31 -25.82 -9.00
N VAL B 134 26.28 -25.27 -7.78
CA VAL B 134 25.31 -25.67 -6.76
C VAL B 134 24.30 -24.54 -6.57
N VAL B 135 23.02 -24.85 -6.70
CA VAL B 135 21.97 -23.89 -6.40
C VAL B 135 21.74 -23.89 -4.88
N VAL B 136 21.79 -22.70 -4.29
CA VAL B 136 21.56 -22.53 -2.85
C VAL B 136 20.21 -21.88 -2.67
N LEU B 137 19.30 -22.57 -2.00
CA LEU B 137 18.02 -21.99 -1.62
C LEU B 137 18.17 -21.46 -0.20
N ASP B 138 17.84 -20.20 0.01
CA ASP B 138 17.75 -19.68 1.37
C ASP B 138 16.34 -19.96 1.86
N ALA B 139 16.21 -20.94 2.77
CA ALA B 139 14.91 -21.46 3.18
C ALA B 139 14.83 -21.53 4.71
N PRO B 140 14.92 -20.40 5.40
CA PRO B 140 14.65 -20.40 6.84
C PRO B 140 13.20 -20.77 7.11
N VAL B 141 12.90 -21.09 8.36
CA VAL B 141 11.56 -21.56 8.73
C VAL B 141 10.99 -20.72 9.86
N SER B 142 9.67 -20.62 9.88
CA SER B 142 8.92 -19.98 10.97
C SER B 142 8.27 -21.08 11.79
N GLY B 143 8.45 -21.04 13.09
CA GLY B 143 8.01 -22.11 13.96
C GLY B 143 9.19 -22.58 14.79
N SER B 144 8.89 -23.08 15.98
CA SER B 144 9.91 -23.46 16.94
C SER B 144 9.93 -24.99 17.07
N THR B 145 10.49 -25.49 18.18
CA THR B 145 10.54 -26.94 18.34
C THR B 145 9.18 -27.62 18.35
N PRO B 146 8.11 -27.07 18.95
CA PRO B 146 6.82 -27.77 18.84
C PRO B 146 6.35 -27.89 17.40
N GLU B 147 6.56 -26.85 16.60
CA GLU B 147 6.15 -26.89 15.21
C GLU B 147 7.02 -27.85 14.41
N ALA B 148 8.32 -27.93 14.73
CA ALA B 148 9.18 -28.90 14.06
C ALA B 148 8.77 -30.32 14.42
N ASP B 149 8.36 -30.55 15.67
CA ASP B 149 7.92 -31.88 16.08
C ASP B 149 6.73 -32.35 15.26
N SER B 150 5.78 -31.45 15.00
CA SER B 150 4.55 -31.78 14.31
C SER B 150 4.63 -31.52 12.80
N ALA B 151 5.81 -31.22 12.27
CA ALA B 151 6.00 -30.83 10.88
C ALA B 151 4.98 -29.77 10.45
N SER B 152 4.82 -28.76 11.32
CA SER B 152 3.97 -27.61 11.02
C SER B 152 4.79 -26.34 10.81
N LEU B 153 6.09 -26.49 10.55
CA LEU B 153 6.91 -25.35 10.13
C LEU B 153 6.34 -24.70 8.89
N VAL B 154 6.59 -23.39 8.76
CA VAL B 154 6.34 -22.64 7.54
C VAL B 154 7.70 -22.34 6.93
N ILE B 155 7.93 -22.82 5.69
CA ILE B 155 9.21 -22.62 5.01
C ILE B 155 9.13 -21.30 4.25
N LEU B 156 10.16 -20.47 4.42
CA LEU B 156 10.25 -19.16 3.77
C LEU B 156 11.43 -19.23 2.80
N VAL B 157 11.17 -19.40 1.50
CA VAL B 157 12.24 -19.78 0.60
C VAL B 157 12.41 -18.76 -0.51
N GLY B 158 13.67 -18.42 -0.79
CA GLY B 158 14.03 -17.58 -1.91
C GLY B 158 14.78 -18.42 -2.94
N GLY B 159 14.49 -18.15 -4.20
CA GLY B 159 15.18 -18.85 -5.26
C GLY B 159 14.35 -18.86 -6.53
N ASP B 160 14.87 -19.56 -7.53
CA ASP B 160 14.14 -19.76 -8.76
C ASP B 160 12.95 -20.70 -8.53
N LYS B 161 11.84 -20.38 -9.21
CA LYS B 161 10.63 -21.18 -9.13
C LYS B 161 10.89 -22.67 -9.33
N ASP B 162 11.71 -23.01 -10.33
CA ASP B 162 11.95 -24.43 -10.64
C ASP B 162 12.83 -25.11 -9.60
N ASP B 163 13.77 -24.37 -9.00
CA ASP B 163 14.57 -24.97 -7.93
C ASP B 163 13.74 -25.17 -6.68
N VAL B 164 12.83 -24.24 -6.38
CA VAL B 164 11.91 -24.46 -5.26
C VAL B 164 11.09 -25.72 -5.50
N ALA B 165 10.64 -25.94 -6.75
CA ALA B 165 9.88 -27.14 -7.06
C ALA B 165 10.71 -28.40 -6.88
N ARG B 166 12.02 -28.35 -7.15
CA ARG B 166 12.88 -29.51 -6.96
C ARG B 166 12.90 -29.94 -5.51
N ALA B 167 12.84 -28.97 -4.60
CA ALA B 167 12.96 -29.20 -3.17
C ALA B 167 11.62 -29.48 -2.49
N ALA B 168 10.51 -29.43 -3.23
CA ALA B 168 9.18 -29.53 -2.61
C ALA B 168 8.95 -30.77 -1.74
N PRO B 169 9.38 -31.99 -2.10
CA PRO B 169 9.12 -33.11 -1.19
C PRO B 169 9.84 -32.98 0.15
N ILE B 170 11.02 -32.34 0.17
CA ILE B 170 11.73 -32.11 1.43
C ILE B 170 10.98 -31.10 2.27
N PHE B 171 10.60 -29.97 1.67
CA PHE B 171 9.84 -28.96 2.39
C PHE B 171 8.49 -29.50 2.85
N ASP B 172 7.88 -30.41 2.08
CA ASP B 172 6.59 -30.92 2.45
C ASP B 172 6.69 -31.87 3.64
N ALA B 173 7.83 -32.55 3.79
CA ALA B 173 7.97 -33.48 4.91
C ALA B 173 8.14 -32.74 6.22
N ILE B 174 8.84 -31.60 6.21
CA ILE B 174 9.20 -30.93 7.45
C ILE B 174 8.23 -29.81 7.83
N GLY B 175 7.30 -29.42 6.94
CA GLY B 175 6.41 -28.31 7.21
C GLY B 175 5.01 -28.51 6.65
N LYS B 176 4.15 -27.53 6.95
CA LYS B 176 2.75 -27.50 6.52
C LYS B 176 2.49 -26.51 5.40
N LEU B 177 3.47 -25.67 5.06
CA LEU B 177 3.29 -24.60 4.09
C LEU B 177 4.65 -24.11 3.63
N THR B 178 4.82 -23.97 2.32
CA THR B 178 6.02 -23.41 1.73
C THR B 178 5.64 -22.08 1.10
N ILE B 179 6.22 -20.98 1.59
CA ILE B 179 5.98 -19.66 1.02
C ILE B 179 7.17 -19.33 0.14
N HIS B 180 6.92 -19.18 -1.16
CA HIS B 180 7.96 -18.74 -2.08
C HIS B 180 8.03 -17.22 -2.01
N ALA B 181 9.08 -16.70 -1.37
CA ALA B 181 9.15 -15.29 -1.02
C ALA B 181 9.70 -14.43 -2.14
N GLY B 182 10.29 -15.03 -3.17
CA GLY B 182 10.92 -14.29 -4.24
C GLY B 182 12.21 -14.96 -4.65
N PRO B 183 13.09 -14.24 -5.36
CA PRO B 183 14.40 -14.80 -5.74
C PRO B 183 15.36 -14.96 -4.58
N THR B 184 16.61 -15.38 -4.88
CA THR B 184 17.59 -15.61 -3.81
C THR B 184 17.67 -14.42 -2.87
N GLY B 185 17.70 -14.73 -1.57
CA GLY B 185 17.75 -13.73 -0.53
C GLY B 185 16.40 -13.35 0.03
N SER B 186 15.31 -13.69 -0.67
CA SER B 186 13.97 -13.28 -0.21
C SER B 186 13.55 -14.06 1.03
N GLY B 187 13.97 -15.32 1.15
CA GLY B 187 13.62 -16.09 2.33
C GLY B 187 14.30 -15.54 3.57
N ALA B 188 15.61 -15.26 3.46
CA ALA B 188 16.34 -14.64 4.58
C ALA B 188 15.68 -13.35 5.02
N ARG B 189 15.26 -12.53 4.05
CA ARG B 189 14.64 -11.25 4.41
C ARG B 189 13.28 -11.45 5.08
N LEU B 190 12.47 -12.38 4.57
CA LEU B 190 11.15 -12.59 5.20
C LEU B 190 11.28 -13.18 6.59
N LYS B 191 12.28 -14.05 6.82
CA LYS B 191 12.52 -14.53 8.18
C LYS B 191 12.85 -13.37 9.11
N LEU B 192 13.66 -12.42 8.65
CA LEU B 192 13.97 -11.25 9.49
C LEU B 192 12.71 -10.48 9.85
N VAL B 193 11.80 -10.31 8.89
CA VAL B 193 10.52 -9.64 9.17
C VAL B 193 9.77 -10.35 10.28
N ILE B 194 9.63 -11.68 10.17
CA ILE B 194 8.85 -12.43 11.15
C ILE B 194 9.55 -12.47 12.50
N ASN B 195 10.89 -12.54 12.52
CA ASN B 195 11.63 -12.46 13.78
C ASN B 195 11.33 -11.18 14.53
N GLY B 196 11.30 -10.05 13.82
CA GLY B 196 11.01 -8.79 14.46
C GLY B 196 9.64 -8.77 15.11
N ILE B 197 8.65 -9.31 14.42
CA ILE B 197 7.30 -9.36 14.98
C ILE B 197 7.29 -10.24 16.22
N MET B 198 8.02 -11.35 16.16
CA MET B 198 8.02 -12.28 17.29
C MET B 198 8.72 -11.65 18.50
N GLY B 199 9.91 -11.08 18.29
CA GLY B 199 10.66 -10.53 19.43
C GLY B 199 9.97 -9.35 20.07
N ALA B 200 9.51 -8.39 19.24
CA ALA B 200 8.87 -7.22 19.81
C ALA B 200 7.50 -7.56 20.36
N GLY B 201 6.83 -8.59 19.82
CA GLY B 201 5.58 -9.03 20.43
C GLY B 201 5.81 -9.47 21.87
N LEU B 202 6.93 -10.15 22.13
CA LEU B 202 7.22 -10.61 23.48
C LEU B 202 7.60 -9.43 24.39
N THR B 203 8.46 -8.52 23.91
CA THR B 203 8.87 -7.42 24.78
C THR B 203 7.67 -6.52 25.10
N THR B 204 6.81 -6.29 24.11
CA THR B 204 5.58 -5.54 24.34
C THR B 204 4.75 -6.18 25.43
N LEU B 205 4.57 -7.50 25.33
CA LEU B 205 3.75 -8.21 26.32
C LEU B 205 4.39 -8.15 27.70
N ALA B 206 5.71 -8.33 27.78
CA ALA B 206 6.36 -8.30 29.08
C ALA B 206 6.22 -6.95 29.76
N GLU B 207 6.40 -5.87 28.99
CA GLU B 207 6.31 -4.52 29.53
C GLU B 207 4.91 -4.20 29.98
N SER B 208 3.91 -4.63 29.19
CA SER B 208 2.52 -4.35 29.51
C SER B 208 2.08 -5.10 30.75
N VAL B 209 2.45 -6.38 30.86
CA VAL B 209 2.19 -7.13 32.11
C VAL B 209 2.87 -6.46 33.29
N ALA B 210 4.12 -6.01 33.09
CA ALA B 210 4.87 -5.35 34.16
C ALA B 210 4.13 -4.11 34.67
N TYR B 211 3.64 -3.27 33.75
CA TYR B 211 2.86 -2.12 34.18
C TYR B 211 1.65 -2.58 35.00
N GLY B 212 0.89 -3.55 34.47
CA GLY B 212 -0.30 -3.99 35.18
C GLY B 212 0.00 -4.44 36.60
N LEU B 213 1.07 -5.21 36.77
CA LEU B 213 1.43 -5.67 38.12
C LEU B 213 1.89 -4.51 39.00
N SER B 214 2.62 -3.57 38.42
CA SER B 214 3.10 -2.43 39.19
C SER B 214 1.97 -1.53 39.65
N ALA B 215 0.85 -1.56 38.93
CA ALA B 215 -0.32 -0.76 39.23
C ALA B 215 -1.29 -1.49 40.13
N GLY B 216 -0.88 -2.65 40.64
CA GLY B 216 -1.61 -3.35 41.68
C GLY B 216 -2.55 -4.43 41.22
N LEU B 217 -2.56 -4.77 39.93
CA LEU B 217 -3.50 -5.78 39.44
C LEU B 217 -3.10 -7.16 39.95
N ASP B 218 -4.10 -7.96 40.28
CA ASP B 218 -3.85 -9.31 40.77
C ASP B 218 -3.21 -10.13 39.66
N ARG B 219 -2.14 -10.88 39.98
CA ARG B 219 -1.36 -11.55 38.95
C ARG B 219 -2.17 -12.59 38.20
N SER B 220 -2.88 -13.45 38.92
CA SER B 220 -3.63 -14.50 38.23
C SER B 220 -4.74 -13.90 37.39
N MET B 221 -5.43 -12.89 37.93
CA MET B 221 -6.47 -12.23 37.16
C MET B 221 -5.90 -11.69 35.85
N LEU B 222 -4.73 -11.05 35.92
CA LEU B 222 -4.15 -10.37 34.76
C LEU B 222 -3.73 -11.37 33.69
N PHE B 223 -3.02 -12.43 34.08
CA PHE B 223 -2.61 -13.44 33.09
C PHE B 223 -3.83 -14.09 32.44
N ASP B 224 -4.85 -14.42 33.23
CA ASP B 224 -6.04 -15.04 32.65
C ASP B 224 -6.82 -14.08 31.76
N ALA B 225 -6.90 -12.80 32.14
CA ALA B 225 -7.64 -11.83 31.33
C ALA B 225 -6.99 -11.68 29.96
N LEU B 226 -5.65 -11.64 29.94
CA LEU B 226 -4.95 -11.42 28.69
C LEU B 226 -5.09 -12.61 27.76
N ASP B 227 -5.29 -13.82 28.31
CA ASP B 227 -5.59 -14.95 27.45
C ASP B 227 -6.89 -14.79 26.67
N GLN B 228 -7.75 -13.84 27.05
CA GLN B 228 -9.06 -13.68 26.45
C GLN B 228 -9.17 -12.53 25.46
N VAL B 229 -8.08 -11.79 25.20
CA VAL B 229 -8.15 -10.63 24.32
C VAL B 229 -7.66 -10.99 22.93
N ALA B 230 -8.09 -10.21 21.93
CA ALA B 230 -7.80 -10.50 20.54
C ALA B 230 -6.51 -9.85 20.03
N VAL B 231 -5.79 -9.10 20.87
CA VAL B 231 -4.63 -8.34 20.41
C VAL B 231 -3.30 -9.04 20.73
N ILE B 232 -3.33 -10.26 21.27
CA ILE B 232 -2.14 -11.08 21.51
C ILE B 232 -2.19 -12.27 20.55
N SER B 233 -1.03 -12.59 19.97
CA SER B 233 -0.93 -13.68 19.01
C SER B 233 -1.06 -15.03 19.72
N PRO B 234 -1.46 -16.09 18.99
CA PRO B 234 -1.51 -17.42 19.63
C PRO B 234 -0.17 -17.85 20.16
N HIS B 235 0.90 -17.54 19.43
CA HIS B 235 2.25 -17.85 19.89
C HIS B 235 2.52 -17.19 21.23
N HIS B 236 2.22 -15.90 21.34
CA HIS B 236 2.54 -15.18 22.56
C HIS B 236 1.59 -15.55 23.70
N LYS B 237 0.36 -15.95 23.39
CA LYS B 237 -0.52 -16.45 24.46
C LYS B 237 0.02 -17.75 25.06
N ARG B 238 0.62 -18.60 24.24
CA ARG B 238 1.29 -19.79 24.77
C ARG B 238 2.43 -19.41 25.69
N LYS B 239 3.26 -18.45 25.28
CA LYS B 239 4.36 -18.00 26.14
C LYS B 239 3.83 -17.46 27.45
N LEU B 240 2.72 -16.70 27.39
CA LEU B 240 2.16 -16.12 28.60
C LEU B 240 1.68 -17.18 29.58
N LYS B 241 1.04 -18.25 29.08
CA LYS B 241 0.61 -19.35 29.95
C LYS B 241 1.80 -20.03 30.62
N ALA B 242 2.88 -20.24 29.87
CA ALA B 242 4.06 -20.83 30.49
C ALA B 242 4.66 -19.90 31.53
N ALA B 243 4.68 -18.59 31.23
CA ALA B 243 5.23 -17.61 32.17
C ALA B 243 4.39 -17.52 33.44
N LYS B 244 3.10 -17.81 33.37
CA LYS B 244 2.29 -17.82 34.57
C LYS B 244 2.84 -18.81 35.58
N ASP B 245 3.40 -19.92 35.09
CA ASP B 245 3.97 -20.96 35.93
C ASP B 245 5.47 -20.79 36.15
N GLY B 246 6.05 -19.69 35.67
CA GLY B 246 7.49 -19.48 35.74
C GLY B 246 8.27 -20.46 34.90
N ASN B 247 7.67 -21.00 33.85
CA ASN B 247 8.29 -22.02 33.02
C ASN B 247 8.95 -21.40 31.80
N PHE B 248 10.28 -21.32 31.81
CA PHE B 248 11.06 -20.81 30.67
C PHE B 248 12.05 -21.85 30.15
N ALA B 249 11.70 -23.11 30.28
CA ALA B 249 12.43 -24.14 29.56
C ALA B 249 12.49 -23.76 28.08
N PRO B 250 13.64 -23.89 27.44
CA PRO B 250 13.83 -23.29 26.11
C PRO B 250 13.05 -24.01 25.02
N GLN B 251 12.23 -23.25 24.31
CA GLN B 251 11.84 -23.62 22.94
C GLN B 251 12.61 -22.83 21.91
N PHE B 252 12.75 -21.52 22.11
CA PHE B 252 13.65 -20.68 21.31
C PHE B 252 14.46 -19.87 22.32
N PRO B 253 15.73 -20.18 22.52
CA PRO B 253 16.49 -19.54 23.60
C PRO B 253 16.78 -18.07 23.35
N ALA B 254 16.94 -17.35 24.47
CA ALA B 254 17.23 -15.91 24.41
C ALA B 254 18.45 -15.60 23.55
N ARG B 255 19.49 -16.46 23.60
CA ARG B 255 20.70 -16.12 22.84
C ARG B 255 20.40 -16.10 21.35
N LEU B 256 19.52 -16.99 20.88
CA LEU B 256 19.22 -17.04 19.45
C LEU B 256 18.23 -15.95 19.04
N MET B 257 17.23 -15.68 19.88
CA MET B 257 16.29 -14.61 19.55
C MET B 257 17.01 -13.27 19.50
N GLN B 258 17.90 -13.02 20.47
CA GLN B 258 18.60 -11.75 20.50
C GLN B 258 19.55 -11.64 19.32
N LYS B 259 20.18 -12.76 18.92
CA LYS B 259 21.00 -12.74 17.70
C LYS B 259 20.16 -12.38 16.48
N ASP B 260 18.97 -12.97 16.37
CA ASP B 260 18.11 -12.66 15.21
C ASP B 260 17.73 -11.20 15.21
N MET B 261 17.48 -10.62 16.39
CA MET B 261 17.17 -9.19 16.47
C MET B 261 18.35 -8.33 16.05
N ARG B 262 19.57 -8.73 16.46
CA ARG B 262 20.77 -8.04 16.00
C ARG B 262 20.86 -8.06 14.48
N LEU B 263 20.60 -9.22 13.87
CA LEU B 263 20.66 -9.29 12.41
C LEU B 263 19.62 -8.37 11.77
N LEU B 264 18.39 -8.39 12.28
CA LEU B 264 17.34 -7.54 11.73
C LEU B 264 17.69 -6.05 11.86
N LEU B 265 18.23 -5.66 13.01
CA LEU B 265 18.53 -4.24 13.17
C LEU B 265 19.72 -3.82 12.31
N ASP B 266 20.68 -4.72 12.09
CA ASP B 266 21.74 -4.41 11.14
C ASP B 266 21.20 -4.23 9.74
N ALA B 267 20.30 -5.13 9.31
CA ALA B 267 19.77 -5.02 7.96
C ALA B 267 18.90 -3.77 7.83
N ALA B 268 18.12 -3.44 8.85
CA ALA B 268 17.30 -2.24 8.77
C ALA B 268 18.17 -0.99 8.70
N ALA B 269 19.32 -0.99 9.36
CA ALA B 269 20.24 0.14 9.27
C ALA B 269 20.87 0.20 7.88
N ARG B 270 21.23 -0.95 7.30
CA ARG B 270 21.78 -0.91 5.96
C ARG B 270 20.76 -0.41 4.95
N GLU B 271 19.47 -0.66 5.19
CA GLU B 271 18.43 -0.16 4.28
C GLU B 271 17.97 1.24 4.66
N ALA B 272 18.52 1.80 5.74
CA ALA B 272 18.13 3.11 6.27
C ALA B 272 16.63 3.21 6.50
N VAL B 273 16.05 2.22 7.17
CA VAL B 273 14.65 2.22 7.55
C VAL B 273 14.56 2.45 9.06
N PRO B 274 13.90 3.50 9.52
CA PRO B 274 13.78 3.73 10.97
C PRO B 274 12.78 2.76 11.58
N VAL B 275 13.24 1.96 12.55
CA VAL B 275 12.37 0.99 13.20
C VAL B 275 12.51 1.11 14.72
N PRO B 276 11.96 2.17 15.34
CA PRO B 276 12.23 2.40 16.78
C PRO B 276 11.62 1.35 17.69
N THR B 277 10.45 0.80 17.35
CA THR B 277 9.87 -0.23 18.21
C THR B 277 10.75 -1.49 18.21
N LEU B 278 11.22 -1.90 17.03
CA LEU B 278 12.08 -3.07 16.93
C LEU B 278 13.41 -2.81 17.64
N ALA B 279 13.91 -1.58 17.53
CA ALA B 279 15.19 -1.24 18.19
C ALA B 279 15.05 -1.32 19.70
N ALA B 280 13.95 -0.80 20.23
CA ALA B 280 13.71 -0.89 21.68
C ALA B 280 13.60 -2.35 22.12
N ALA B 281 12.86 -3.17 21.35
CA ALA B 281 12.70 -4.58 21.68
C ALA B 281 14.05 -5.29 21.70
N THR B 282 14.91 -4.95 20.75
CA THR B 282 16.24 -5.56 20.70
C THR B 282 17.01 -5.33 21.99
N GLN B 283 16.94 -4.11 22.53
CA GLN B 283 17.69 -3.81 23.74
C GLN B 283 17.14 -4.59 24.92
N GLN B 284 15.81 -4.74 24.99
CA GLN B 284 15.22 -5.56 26.03
C GLN B 284 15.64 -7.02 25.90
N LEU B 285 15.78 -7.50 24.65
CA LEU B 285 16.27 -8.87 24.46
C LEU B 285 17.78 -9.00 24.70
N SER B 286 18.55 -7.92 24.59
CA SER B 286 19.92 -7.97 25.09
C SER B 286 19.97 -8.19 26.60
N LEU B 287 19.17 -7.43 27.35
CA LEU B 287 19.09 -7.66 28.78
C LEU B 287 18.66 -9.10 29.07
N THR B 288 17.66 -9.60 28.34
CA THR B 288 17.18 -10.97 28.56
C THR B 288 18.31 -11.98 28.38
N ARG B 289 19.06 -11.86 27.27
CA ARG B 289 20.16 -12.76 26.99
C ARG B 289 21.24 -12.66 28.06
N ARG B 290 21.58 -11.45 28.48
CA ARG B 290 22.60 -11.27 29.52
C ARG B 290 22.23 -12.02 30.78
N LEU B 291 20.96 -11.89 31.21
CA LEU B 291 20.52 -12.50 32.46
C LEU B 291 20.35 -14.01 32.34
N SER B 292 19.92 -14.51 31.18
CA SER B 292 19.78 -15.96 30.99
C SER B 292 19.87 -16.31 29.51
N PRO B 293 21.04 -16.67 29.01
CA PRO B 293 21.14 -16.88 27.56
C PRO B 293 20.41 -18.12 27.08
N ASN B 294 20.26 -19.14 27.92
CA ASN B 294 19.79 -20.43 27.43
C ASN B 294 18.33 -20.73 27.70
N GLU B 295 17.69 -20.03 28.64
CA GLU B 295 16.27 -20.25 28.82
C GLU B 295 15.49 -19.60 27.67
N ASP B 296 14.20 -19.94 27.58
CA ASP B 296 13.38 -19.39 26.50
C ASP B 296 13.43 -17.88 26.46
N TYR B 297 13.32 -17.30 25.25
CA TYR B 297 13.41 -15.87 25.13
C TYR B 297 12.27 -15.16 25.85
N SER B 298 11.16 -15.87 26.14
CA SER B 298 10.07 -15.27 26.89
C SER B 298 10.44 -14.99 28.35
N SER B 299 11.63 -15.40 28.81
CA SER B 299 12.00 -15.13 30.21
C SER B 299 12.03 -13.63 30.54
N LEU B 300 12.03 -12.74 29.55
CA LEU B 300 11.88 -11.31 29.84
C LEU B 300 10.64 -11.03 30.67
N ILE B 301 9.59 -11.84 30.53
CA ILE B 301 8.43 -11.66 31.39
C ILE B 301 8.82 -11.76 32.86
N ARG B 302 9.65 -12.76 33.20
CA ARG B 302 10.13 -12.94 34.57
C ARG B 302 11.06 -11.80 34.99
N VAL B 303 11.95 -11.38 34.09
CA VAL B 303 12.86 -10.28 34.36
C VAL B 303 12.07 -9.04 34.77
N MET B 304 11.01 -8.75 34.03
CA MET B 304 10.24 -7.54 34.31
C MET B 304 9.41 -7.69 35.58
N GLU B 305 8.83 -8.87 35.82
CA GLU B 305 8.16 -9.11 37.10
C GLU B 305 9.11 -8.84 38.26
N LYS B 306 10.36 -9.28 38.13
CA LYS B 306 11.31 -9.09 39.23
C LYS B 306 11.68 -7.62 39.41
N ILE B 307 11.78 -6.85 38.31
CA ILE B 307 12.00 -5.41 38.44
C ILE B 307 10.88 -4.77 39.25
N VAL B 308 9.63 -5.12 38.92
CA VAL B 308 8.50 -4.48 39.56
C VAL B 308 8.38 -4.92 41.01
N ALA B 309 8.82 -6.14 41.31
CA ALA B 309 8.76 -6.69 42.66
C ALA B 309 9.91 -6.18 43.51
N GLN C 18 6.43 50.44 40.54
CA GLN C 18 6.01 49.22 39.88
C GLN C 18 7.09 48.15 39.98
N ILE C 19 8.35 48.55 39.87
CA ILE C 19 9.46 47.61 39.92
C ILE C 19 9.59 47.03 41.33
N LEU C 20 9.77 45.71 41.42
CA LEU C 20 9.73 45.01 42.70
C LEU C 20 11.08 45.05 43.39
N SER C 21 11.63 46.25 43.51
CA SER C 21 12.84 46.49 44.29
C SER C 21 12.59 46.22 45.77
N PRO C 22 13.67 46.08 46.57
CA PRO C 22 13.48 45.98 48.02
C PRO C 22 12.72 47.16 48.62
N GLU C 23 12.91 48.36 48.08
CA GLU C 23 12.18 49.52 48.59
C GLU C 23 10.69 49.39 48.33
N ASN C 24 10.31 48.99 47.11
CA ASN C 24 8.90 48.96 46.76
C ASN C 24 8.18 47.71 47.25
N ALA C 25 8.89 46.59 47.34
CA ALA C 25 8.26 45.31 47.70
C ALA C 25 9.24 44.48 48.51
N PRO C 26 9.44 44.84 49.78
CA PRO C 26 10.50 44.17 50.56
C PRO C 26 10.19 42.73 50.93
N ARG C 27 8.92 42.39 51.15
CA ARG C 27 8.57 41.06 51.66
C ARG C 27 8.36 40.09 50.51
N ILE C 28 9.21 39.07 50.44
CA ILE C 28 9.05 37.96 49.51
C ILE C 28 8.67 36.72 50.29
N GLY C 29 7.47 36.21 50.05
CA GLY C 29 7.02 34.96 50.67
C GLY C 29 7.15 33.79 49.70
N PHE C 30 7.68 32.68 50.20
CA PHE C 30 7.86 31.47 49.42
C PHE C 30 6.78 30.45 49.72
N ILE C 31 6.24 29.87 48.66
CA ILE C 31 5.43 28.65 48.76
C ILE C 31 6.35 27.50 48.38
N GLY C 32 6.75 26.71 49.38
CA GLY C 32 7.78 25.71 49.18
C GLY C 32 9.13 26.31 49.53
N PHE C 33 10.02 25.53 50.15
CA PHE C 33 11.30 26.08 50.58
C PHE C 33 12.32 24.96 50.75
N GLY C 34 12.68 24.32 49.65
CA GLY C 34 13.57 23.17 49.64
C GLY C 34 14.97 23.51 49.18
N ALA C 35 15.57 22.57 48.44
CA ALA C 35 16.98 22.67 48.05
C ALA C 35 17.27 23.96 47.28
N MET C 36 16.48 24.25 46.24
CA MET C 36 16.75 25.50 45.50
C MET C 36 16.11 26.72 46.16
N ALA C 37 14.90 26.60 46.70
CA ALA C 37 14.22 27.79 47.21
C ALA C 37 14.99 28.41 48.37
N SER C 38 15.53 27.59 49.27
CA SER C 38 16.33 28.13 50.37
C SER C 38 17.56 28.85 49.86
N ARG C 39 18.26 28.27 48.88
CA ARG C 39 19.44 28.93 48.33
C ARG C 39 19.05 30.21 47.59
N MET C 40 17.91 30.16 46.90
CA MET C 40 17.31 31.34 46.29
C MET C 40 17.08 32.43 47.33
N GLY C 41 16.53 32.04 48.49
CA GLY C 41 16.22 33.02 49.52
C GLY C 41 17.46 33.64 50.15
N ASP C 42 18.54 32.87 50.29
CA ASP C 42 19.77 33.44 50.84
C ASP C 42 20.23 34.62 50.00
N HIS C 43 20.13 34.51 48.68
CA HIS C 43 20.58 35.61 47.82
C HIS C 43 19.60 36.77 47.84
N LEU C 44 18.31 36.50 47.99
CA LEU C 44 17.36 37.60 48.07
C LEU C 44 17.48 38.32 49.42
N LYS C 45 17.84 37.59 50.47
CA LYS C 45 18.15 38.22 51.75
C LYS C 45 19.33 39.17 51.61
N THR C 46 20.45 38.67 51.06
CA THR C 46 21.61 39.52 50.80
C THR C 46 21.26 40.73 49.93
N ALA C 47 20.27 40.59 49.05
CA ALA C 47 19.84 41.72 48.23
C ALA C 47 18.97 42.71 49.00
N GLY C 48 18.52 42.36 50.21
CA GLY C 48 17.78 43.29 51.05
C GLY C 48 16.33 42.96 51.28
N TYR C 49 15.81 41.86 50.76
CA TYR C 49 14.41 41.50 50.97
C TYR C 49 14.23 40.77 52.28
N THR C 50 12.99 40.75 52.78
CA THR C 50 12.62 39.99 53.97
C THR C 50 11.94 38.70 53.54
N ILE C 51 12.54 37.57 53.89
CA ILE C 51 12.12 36.26 53.40
C ILE C 51 11.19 35.60 54.42
N SER C 52 10.07 35.08 53.93
CA SER C 52 9.17 34.24 54.70
C SER C 52 8.81 33.03 53.85
N ALA C 53 8.27 31.99 54.48
CA ALA C 53 8.07 30.74 53.75
C ALA C 53 6.95 29.92 54.37
N TYR C 54 6.29 29.15 53.53
CA TYR C 54 5.34 28.13 53.95
C TYR C 54 5.73 26.80 53.31
N THR C 55 5.72 25.74 54.10
CA THR C 55 5.77 24.37 53.61
C THR C 55 4.78 23.54 54.39
N PRO C 56 4.24 22.48 53.78
CA PRO C 56 3.27 21.62 54.51
C PRO C 56 3.85 21.01 55.77
N SER C 57 5.17 20.82 55.85
CA SER C 57 5.80 20.34 57.08
C SER C 57 6.02 21.48 58.06
N GLY C 58 7.11 22.22 57.88
CA GLY C 58 7.49 23.29 58.79
C GLY C 58 9.00 23.34 59.00
N PRO C 66 11.32 32.72 58.91
CA PRO C 66 9.99 32.65 59.53
C PRO C 66 9.00 31.85 58.70
N MET C 67 8.35 30.87 59.32
CA MET C 67 7.41 29.98 58.66
C MET C 67 5.99 30.35 59.05
N LEU C 68 5.08 30.45 58.02
CA LEU C 68 3.67 30.78 58.16
C LEU C 68 2.82 29.51 58.08
N PRO C 69 1.63 29.50 58.70
CA PRO C 69 0.90 28.23 58.87
C PRO C 69 0.21 27.70 57.62
N THR C 70 -0.20 28.58 56.72
CA THR C 70 -0.95 28.21 55.53
C THR C 70 -0.41 29.01 54.36
N PRO C 71 -0.68 28.57 53.12
CA PRO C 71 -0.36 29.44 51.96
C PRO C 71 -1.08 30.77 52.01
N LEU C 72 -2.35 30.77 52.42
CA LEU C 72 -3.09 32.00 52.60
C LEU C 72 -2.36 32.96 53.53
N ALA C 73 -1.98 32.48 54.71
CA ALA C 73 -1.27 33.32 55.68
C ALA C 73 0.06 33.81 55.10
N LEU C 74 0.77 32.95 54.37
CA LEU C 74 2.01 33.35 53.72
C LEU C 74 1.78 34.54 52.79
N ALA C 75 0.80 34.41 51.88
CA ALA C 75 0.54 35.45 50.89
C ALA C 75 0.08 36.75 51.55
N LYS C 76 -0.66 36.66 52.66
CA LYS C 76 -1.19 37.86 53.29
C LYS C 76 -0.08 38.78 53.79
N GLN C 77 1.05 38.22 54.23
CA GLN C 77 2.13 39.04 54.78
C GLN C 77 3.33 39.15 53.83
N ALA C 78 3.12 38.96 52.53
CA ALA C 78 4.17 39.09 51.54
C ALA C 78 3.77 40.08 50.46
N ASP C 79 4.75 40.75 49.89
CA ASP C 79 4.52 41.66 48.77
C ASP C 79 4.60 40.95 47.43
N THR C 80 5.53 40.01 47.30
CA THR C 80 5.64 39.16 46.13
C THR C 80 5.71 37.72 46.61
N VAL C 81 5.05 36.82 45.88
CA VAL C 81 5.03 35.40 46.22
C VAL C 81 5.84 34.64 45.19
N VAL C 82 6.81 33.85 45.66
CA VAL C 82 7.60 32.98 44.81
C VAL C 82 7.23 31.53 45.13
N VAL C 83 6.97 30.74 44.11
CA VAL C 83 6.52 29.37 44.29
C VAL C 83 7.63 28.44 43.80
N CYS C 84 7.97 27.43 44.62
CA CYS C 84 9.00 26.43 44.32
C CYS C 84 8.50 25.10 44.91
N VAL C 85 7.61 24.44 44.19
CA VAL C 85 7.00 23.19 44.66
C VAL C 85 7.32 22.11 43.65
N PRO C 86 7.17 20.82 44.03
CA PRO C 86 7.68 19.75 43.16
C PRO C 86 6.84 19.41 41.92
N ASP C 87 5.51 19.51 41.95
CA ASP C 87 4.72 19.01 40.82
C ASP C 87 3.38 19.75 40.73
N ASP C 88 2.59 19.40 39.70
CA ASP C 88 1.29 20.04 39.48
C ASP C 88 0.38 19.87 40.68
N GLU C 89 0.41 18.68 41.29
CA GLU C 89 -0.49 18.37 42.39
C GLU C 89 -0.17 19.24 43.60
N ALA C 90 1.12 19.40 43.92
CA ALA C 90 1.51 20.28 45.01
C ALA C 90 1.19 21.73 44.70
N LEU C 91 1.37 22.14 43.45
CA LEU C 91 1.02 23.50 43.06
C LEU C 91 -0.46 23.77 43.29
N ALA C 92 -1.32 22.84 42.87
CA ALA C 92 -2.76 23.04 43.04
C ALA C 92 -3.17 23.02 44.51
N ALA C 93 -2.52 22.16 45.31
CA ALA C 93 -2.88 22.06 46.72
C ALA C 93 -2.67 23.39 47.43
N SER C 94 -1.63 24.12 47.07
CA SER C 94 -1.25 25.33 47.77
C SER C 94 -1.67 26.61 47.07
N MET C 95 -2.13 26.53 45.83
CA MET C 95 -2.46 27.73 45.07
C MET C 95 -3.94 28.08 45.22
N TYR C 96 -4.80 27.06 45.31
CA TYR C 96 -6.24 27.23 45.12
C TYR C 96 -7.00 26.99 46.41
N GLY C 97 -8.23 27.51 46.43
CA GLY C 97 -9.09 27.35 47.58
C GLY C 97 -8.91 28.44 48.61
N GLU C 98 -9.72 28.35 49.66
CA GLU C 98 -9.78 29.42 50.65
C GLU C 98 -8.48 29.53 51.44
N ASN C 99 -7.78 28.41 51.66
CA ASN C 99 -6.48 28.44 52.32
C ASN C 99 -5.33 28.62 51.35
N GLY C 100 -5.60 28.72 50.05
CA GLY C 100 -4.55 28.82 49.07
C GLY C 100 -3.93 30.19 48.98
N ALA C 101 -2.79 30.25 48.27
CA ALA C 101 -2.01 31.48 48.20
C ALA C 101 -2.77 32.59 47.46
N LEU C 102 -3.49 32.24 46.40
CA LEU C 102 -4.13 33.29 45.58
C LEU C 102 -5.17 34.05 46.39
N ALA C 103 -5.93 33.33 47.24
CA ALA C 103 -6.92 33.97 48.11
C ALA C 103 -6.30 34.98 49.06
N GLY C 104 -4.98 35.03 49.17
CA GLY C 104 -4.35 35.97 50.09
C GLY C 104 -3.49 37.04 49.45
N MET C 105 -3.48 37.16 48.13
CA MET C 105 -2.72 38.21 47.49
C MET C 105 -3.64 39.33 47.01
N THR C 106 -3.05 40.48 46.75
CA THR C 106 -3.78 41.68 46.37
C THR C 106 -3.69 41.90 44.87
N LYS C 107 -4.78 42.45 44.31
CA LYS C 107 -4.75 42.88 42.92
C LYS C 107 -3.54 43.78 42.68
N GLY C 108 -2.89 43.59 41.52
CA GLY C 108 -1.69 44.33 41.19
C GLY C 108 -0.40 43.67 41.64
N SER C 109 -0.47 42.65 42.49
CA SER C 109 0.75 41.97 42.90
C SER C 109 1.15 40.94 41.85
N LEU C 110 2.28 40.30 42.09
CA LEU C 110 2.88 39.42 41.10
C LEU C 110 3.25 38.13 41.80
N LEU C 111 2.92 37.00 41.16
CA LEU C 111 3.34 35.69 41.64
C LEU C 111 4.34 35.13 40.64
N ILE C 112 5.48 34.66 41.15
CA ILE C 112 6.58 34.13 40.34
C ILE C 112 6.64 32.64 40.62
N ASN C 113 6.30 31.82 39.63
CA ASN C 113 6.33 30.37 39.79
C ASN C 113 7.63 29.84 39.18
N THR C 114 8.53 29.32 40.02
CA THR C 114 9.79 28.76 39.56
C THR C 114 9.74 27.24 39.51
N SER C 115 8.57 26.65 39.77
CA SER C 115 8.42 25.21 39.83
C SER C 115 8.48 24.62 38.41
N SER C 116 8.94 23.37 38.33
CA SER C 116 8.93 22.64 37.06
C SER C 116 7.60 21.89 36.97
N VAL C 117 6.62 22.47 36.28
CA VAL C 117 5.27 21.91 36.20
C VAL C 117 4.85 21.86 34.73
N SER C 118 3.67 21.28 34.50
CA SER C 118 3.19 21.03 33.14
C SER C 118 2.69 22.32 32.50
N PRO C 119 2.68 22.37 31.17
CA PRO C 119 2.02 23.51 30.49
C PRO C 119 0.57 23.67 30.90
N GLU C 120 -0.12 22.56 31.17
CA GLU C 120 -1.52 22.64 31.59
C GLU C 120 -1.66 23.32 32.95
N ALA C 121 -0.83 22.92 33.91
CA ALA C 121 -0.88 23.54 35.23
C ALA C 121 -0.50 25.01 35.16
N THR C 122 0.45 25.33 34.27
CA THR C 122 0.85 26.71 34.05
C THR C 122 -0.31 27.56 33.55
N ALA C 123 -1.05 27.05 32.56
CA ALA C 123 -2.17 27.80 32.01
C ALA C 123 -3.27 27.98 33.03
N THR C 124 -3.53 26.94 33.84
CA THR C 124 -4.56 27.01 34.86
C THR C 124 -4.22 28.06 35.91
N LEU C 125 -2.95 28.14 36.29
CA LEU C 125 -2.55 29.10 37.32
C LEU C 125 -2.59 30.52 36.77
N TYR C 126 -2.14 30.70 35.52
CA TYR C 126 -2.23 32.01 34.88
C TYR C 126 -3.66 32.53 34.87
N GLU C 127 -4.60 31.67 34.45
CA GLU C 127 -6.00 32.10 34.37
C GLU C 127 -6.57 32.36 35.75
N ALA C 128 -6.20 31.55 36.75
CA ALA C 128 -6.67 31.79 38.11
C ALA C 128 -6.12 33.11 38.65
N GLY C 129 -4.83 33.39 38.37
CA GLY C 129 -4.26 34.65 38.80
C GLY C 129 -4.98 35.85 38.20
N GLN C 130 -5.34 35.75 36.92
CA GLN C 130 -6.07 36.84 36.27
C GLN C 130 -7.35 37.16 37.02
N LYS C 131 -8.05 36.15 37.54
CA LYS C 131 -9.31 36.44 38.23
C LYS C 131 -9.08 37.22 39.51
N HIS C 132 -7.92 37.09 40.12
CA HIS C 132 -7.57 37.81 41.33
C HIS C 132 -6.79 39.10 41.06
N GLY C 133 -6.64 39.47 39.78
CA GLY C 133 -5.81 40.61 39.44
C GLY C 133 -4.34 40.39 39.68
N VAL C 134 -3.88 39.14 39.66
CA VAL C 134 -2.50 38.79 39.94
C VAL C 134 -1.86 38.28 38.65
N VAL C 135 -0.74 38.88 38.27
CA VAL C 135 0.04 38.41 37.14
C VAL C 135 0.91 37.24 37.59
N VAL C 136 0.84 36.11 36.87
CA VAL C 136 1.66 34.94 37.16
C VAL C 136 2.72 34.83 36.08
N LEU C 137 3.99 34.96 36.48
CA LEU C 137 5.11 34.67 35.59
C LEU C 137 5.50 33.21 35.76
N ASP C 138 5.61 32.47 34.65
CA ASP C 138 6.16 31.12 34.74
C ASP C 138 7.64 31.30 34.52
N ALA C 139 8.43 31.14 35.59
CA ALA C 139 9.86 31.42 35.54
C ALA C 139 10.65 30.27 36.14
N PRO C 140 10.56 29.08 35.54
CA PRO C 140 11.48 28.00 35.96
C PRO C 140 12.92 28.36 35.65
N VAL C 141 13.86 27.62 36.24
CA VAL C 141 15.27 27.97 36.14
C VAL C 141 16.08 26.78 35.61
N SER C 142 17.18 27.09 34.93
CA SER C 142 18.16 26.11 34.49
C SER C 142 19.38 26.21 35.39
N GLY C 143 19.85 25.07 35.89
CA GLY C 143 20.89 25.07 36.88
C GLY C 143 20.40 24.38 38.15
N SER C 144 21.31 23.74 38.87
CA SER C 144 20.93 22.94 40.03
C SER C 144 21.39 23.64 41.31
N THR C 145 21.57 22.86 42.38
CA THR C 145 21.99 23.45 43.64
C THR C 145 23.34 24.17 43.57
N PRO C 146 24.37 23.70 42.85
CA PRO C 146 25.60 24.51 42.77
C PRO C 146 25.36 25.86 42.13
N GLU C 147 24.54 25.92 41.08
CA GLU C 147 24.25 27.19 40.45
C GLU C 147 23.34 28.07 41.31
N ALA C 148 22.45 27.47 42.10
CA ALA C 148 21.67 28.27 43.04
C ALA C 148 22.56 28.85 44.13
N ASP C 149 23.54 28.06 44.62
CA ASP C 149 24.49 28.56 45.60
C ASP C 149 25.21 29.81 45.12
N SER C 150 25.70 29.78 43.88
CA SER C 150 26.49 30.87 43.32
C SER C 150 25.64 31.90 42.58
N ALA C 151 24.32 31.83 42.68
CA ALA C 151 23.42 32.72 41.93
C ALA C 151 23.73 32.68 40.44
N SER C 152 23.97 31.47 39.94
CA SER C 152 24.33 31.26 38.55
C SER C 152 23.19 30.69 37.74
N LEU C 153 21.97 30.71 38.29
CA LEU C 153 20.81 30.20 37.58
C LEU C 153 20.55 30.99 36.31
N VAL C 154 19.97 30.31 35.31
CA VAL C 154 19.41 30.94 34.13
C VAL C 154 17.90 30.91 34.29
N ILE C 155 17.27 32.09 34.35
CA ILE C 155 15.83 32.15 34.52
C ILE C 155 15.18 32.07 33.15
N LEU C 156 14.15 31.24 33.03
CA LEU C 156 13.44 30.99 31.77
C LEU C 156 12.01 31.50 31.95
N VAL C 157 11.67 32.69 31.46
CA VAL C 157 10.43 33.32 31.93
C VAL C 157 9.45 33.58 30.79
N GLY C 158 8.18 33.27 31.06
CA GLY C 158 7.08 33.58 30.16
C GLY C 158 6.22 34.68 30.75
N GLY C 159 5.87 35.65 29.93
CA GLY C 159 4.99 36.71 30.37
C GLY C 159 5.15 37.95 29.51
N ASP C 160 4.38 38.96 29.86
CA ASP C 160 4.47 40.25 29.18
C ASP C 160 5.79 40.92 29.54
N LYS C 161 6.36 41.62 28.55
CA LYS C 161 7.67 42.25 28.74
C LYS C 161 7.68 43.16 29.97
N ASP C 162 6.58 43.88 30.21
CA ASP C 162 6.54 44.84 31.31
C ASP C 162 6.46 44.15 32.66
N ASP C 163 5.80 42.99 32.71
CA ASP C 163 5.77 42.22 33.96
C ASP C 163 7.13 41.58 34.24
N VAL C 164 7.81 41.12 33.19
CA VAL C 164 9.16 40.60 33.36
C VAL C 164 10.08 41.68 33.92
N ALA C 165 9.99 42.90 33.36
CA ALA C 165 10.81 44.00 33.84
C ALA C 165 10.51 44.33 35.30
N ARG C 166 9.27 44.17 35.74
CA ARG C 166 8.93 44.40 37.14
C ARG C 166 9.71 43.47 38.06
N ALA C 167 9.93 42.23 37.62
CA ALA C 167 10.57 41.22 38.45
C ALA C 167 12.08 41.21 38.33
N ALA C 168 12.65 42.08 37.48
CA ALA C 168 14.08 42.02 37.19
C ALA C 168 14.98 42.04 38.42
N PRO C 169 14.77 42.89 39.44
CA PRO C 169 15.67 42.81 40.61
C PRO C 169 15.67 41.45 41.27
N ILE C 170 14.53 40.76 41.28
CA ILE C 170 14.45 39.44 41.89
C ILE C 170 15.22 38.43 41.06
N PHE C 171 15.01 38.45 39.74
CA PHE C 171 15.71 37.51 38.86
C PHE C 171 17.22 37.77 38.86
N ASP C 172 17.61 39.04 38.94
CA ASP C 172 19.04 39.37 38.98
C ASP C 172 19.72 38.87 40.24
N ALA C 173 19.01 38.84 41.37
CA ALA C 173 19.64 38.41 42.63
C ALA C 173 19.83 36.90 42.68
N ILE C 174 18.96 36.12 42.04
CA ILE C 174 19.08 34.67 42.14
C ILE C 174 19.82 34.06 40.96
N GLY C 175 20.02 34.80 39.87
CA GLY C 175 20.59 34.24 38.66
C GLY C 175 21.54 35.19 37.97
N LYS C 176 22.17 34.66 36.90
CA LYS C 176 23.13 35.38 36.08
C LYS C 176 22.57 35.82 34.74
N LEU C 177 21.39 35.35 34.37
CA LEU C 177 20.83 35.61 33.04
C LEU C 177 19.35 35.33 33.06
N THR C 178 18.55 36.25 32.53
CA THR C 178 17.11 36.07 32.38
C THR C 178 16.79 35.97 30.89
N ILE C 179 16.26 34.83 30.47
CA ILE C 179 15.83 34.63 29.10
C ILE C 179 14.32 34.83 29.04
N HIS C 180 13.88 35.85 28.29
CA HIS C 180 12.45 36.06 28.08
C HIS C 180 12.02 35.16 26.94
N ALA C 181 11.31 34.08 27.27
CA ALA C 181 11.02 33.03 26.29
C ALA C 181 9.79 33.33 25.44
N GLY C 182 8.99 34.32 25.81
CA GLY C 182 7.75 34.62 25.11
C GLY C 182 6.65 34.93 26.10
N PRO C 183 5.40 34.86 25.65
CA PRO C 183 4.26 35.11 26.56
C PRO C 183 4.05 33.99 27.57
N THR C 184 2.99 34.10 28.41
CA THR C 184 2.74 33.11 29.44
C THR C 184 2.77 31.70 28.87
N GLY C 185 3.44 30.81 29.60
CA GLY C 185 3.64 29.43 29.18
C GLY C 185 4.96 29.17 28.52
N SER C 186 5.63 30.22 28.03
CA SER C 186 6.85 30.03 27.25
C SER C 186 8.01 29.59 28.14
N GLY C 187 8.04 30.03 29.39
CA GLY C 187 9.08 29.58 30.29
C GLY C 187 8.94 28.10 30.62
N ALA C 188 7.72 27.67 30.96
CA ALA C 188 7.45 26.27 31.25
C ALA C 188 7.86 25.39 30.08
N ARG C 189 7.58 25.83 28.86
CA ARG C 189 7.92 25.02 27.69
C ARG C 189 9.42 24.97 27.49
N LEU C 190 10.12 26.10 27.65
CA LEU C 190 11.56 26.11 27.43
C LEU C 190 12.27 25.24 28.48
N LYS C 191 11.75 25.24 29.72
CA LYS C 191 12.30 24.35 30.75
C LYS C 191 12.17 22.87 30.34
N LEU C 192 11.00 22.49 29.80
CA LEU C 192 10.83 21.12 29.33
C LEU C 192 11.85 20.76 28.25
N VAL C 193 12.11 21.69 27.33
CA VAL C 193 13.16 21.46 26.32
C VAL C 193 14.49 21.16 26.99
N ILE C 194 14.88 21.99 27.96
CA ILE C 194 16.21 21.85 28.57
C ILE C 194 16.25 20.57 29.42
N ASN C 195 15.14 20.21 30.06
CA ASN C 195 15.11 18.97 30.85
C ASN C 195 15.33 17.75 29.98
N GLY C 196 14.73 17.74 28.78
CA GLY C 196 14.97 16.64 27.85
C GLY C 196 16.43 16.48 27.49
N ILE C 197 17.09 17.61 27.19
CA ILE C 197 18.50 17.56 26.82
C ILE C 197 19.33 17.04 27.99
N MET C 198 19.00 17.48 29.20
CA MET C 198 19.75 17.04 30.38
C MET C 198 19.55 15.55 30.65
N GLY C 199 18.28 15.11 30.63
CA GLY C 199 17.99 13.71 30.94
C GLY C 199 18.58 12.75 29.93
N ALA C 200 18.33 12.99 28.65
CA ALA C 200 18.83 12.09 27.62
C ALA C 200 20.35 12.22 27.49
N GLY C 201 20.92 13.37 27.85
CA GLY C 201 22.36 13.48 27.85
C GLY C 201 22.98 12.50 28.83
N LEU C 202 22.36 12.37 30.01
CA LEU C 202 22.86 11.46 31.02
C LEU C 202 22.66 9.99 30.61
N THR C 203 21.48 9.64 30.10
CA THR C 203 21.24 8.24 29.73
C THR C 203 22.14 7.82 28.57
N THR C 204 22.37 8.73 27.61
CA THR C 204 23.31 8.47 26.53
C THR C 204 24.69 8.16 27.09
N LEU C 205 25.13 8.97 28.03
CA LEU C 205 26.46 8.80 28.57
C LEU C 205 26.55 7.50 29.35
N ALA C 206 25.52 7.17 30.14
CA ALA C 206 25.54 5.94 30.91
C ALA C 206 25.58 4.70 30.02
N GLU C 207 24.80 4.68 28.92
CA GLU C 207 24.85 3.52 28.04
C GLU C 207 26.15 3.43 27.25
N SER C 208 26.69 4.58 26.83
CA SER C 208 27.96 4.56 26.11
C SER C 208 29.08 4.06 27.00
N VAL C 209 29.15 4.54 28.24
CA VAL C 209 30.11 4.00 29.21
C VAL C 209 29.89 2.51 29.42
N ALA C 210 28.63 2.09 29.54
CA ALA C 210 28.34 0.68 29.74
C ALA C 210 28.87 -0.16 28.59
N TYR C 211 28.64 0.27 27.34
CA TYR C 211 29.20 -0.48 26.22
C TYR C 211 30.72 -0.55 26.34
N GLY C 212 31.37 0.58 26.62
CA GLY C 212 32.83 0.58 26.74
C GLY C 212 33.33 -0.44 27.74
N LEU C 213 32.72 -0.47 28.93
CA LEU C 213 33.12 -1.40 29.96
C LEU C 213 32.88 -2.84 29.54
N SER C 214 31.73 -3.10 28.92
CA SER C 214 31.41 -4.46 28.46
C SER C 214 32.36 -4.95 27.38
N ALA C 215 32.97 -4.03 26.63
CA ALA C 215 33.90 -4.39 25.57
C ALA C 215 35.32 -4.44 26.08
N GLY C 216 35.52 -4.35 27.39
CA GLY C 216 36.82 -4.59 28.00
C GLY C 216 37.67 -3.38 28.26
N LEU C 217 37.18 -2.17 28.01
CA LEU C 217 37.99 -0.98 28.25
C LEU C 217 38.23 -0.75 29.74
N ASP C 218 39.47 -0.38 30.08
CA ASP C 218 39.81 -0.01 31.45
C ASP C 218 38.95 1.14 31.95
N ARG C 219 38.37 0.99 33.14
CA ARG C 219 37.40 1.97 33.64
C ARG C 219 38.04 3.35 33.84
N SER C 220 39.18 3.43 34.52
CA SER C 220 39.74 4.77 34.76
C SER C 220 40.17 5.44 33.46
N MET C 221 40.78 4.67 32.55
CA MET C 221 41.07 5.15 31.20
C MET C 221 39.85 5.76 30.56
N LEU C 222 38.75 5.01 30.60
CA LEU C 222 37.54 5.40 29.86
C LEU C 222 36.93 6.67 30.43
N PHE C 223 36.76 6.74 31.74
CA PHE C 223 36.22 7.96 32.35
C PHE C 223 37.14 9.15 32.09
N ASP C 224 38.46 8.95 32.20
CA ASP C 224 39.37 10.07 31.98
C ASP C 224 39.37 10.50 30.51
N ALA C 225 39.24 9.53 29.58
CA ALA C 225 39.22 9.88 28.16
C ALA C 225 37.99 10.70 27.80
N LEU C 226 36.85 10.36 28.39
CA LEU C 226 35.64 11.08 28.07
C LEU C 226 35.67 12.51 28.61
N ASP C 227 36.44 12.75 29.68
CA ASP C 227 36.56 14.11 30.17
C ASP C 227 37.24 15.03 29.15
N GLN C 228 37.92 14.46 28.18
CA GLN C 228 38.75 15.19 27.23
C GLN C 228 38.10 15.38 25.86
N VAL C 229 36.85 14.95 25.66
CA VAL C 229 36.22 15.05 24.34
C VAL C 229 35.21 16.17 24.33
N ALA C 230 34.93 16.68 23.14
CA ALA C 230 34.13 17.90 22.99
C ALA C 230 32.65 17.62 22.80
N VAL C 231 32.23 16.35 22.82
CA VAL C 231 30.83 15.98 22.55
C VAL C 231 30.05 15.71 23.83
N ILE C 232 30.64 15.97 25.00
CA ILE C 232 29.96 15.90 26.29
C ILE C 232 29.85 17.32 26.87
N SER C 233 28.68 17.64 27.42
CA SER C 233 28.45 18.97 27.99
C SER C 233 29.24 19.17 29.30
N PRO C 234 29.51 20.43 29.68
CA PRO C 234 30.17 20.65 30.97
C PRO C 234 29.38 20.10 32.14
N HIS C 235 28.05 20.17 32.08
CA HIS C 235 27.22 19.61 33.14
C HIS C 235 27.44 18.12 33.25
N HIS C 236 27.42 17.42 32.12
CA HIS C 236 27.52 15.97 32.15
C HIS C 236 28.96 15.52 32.45
N LYS C 237 29.97 16.34 32.11
CA LYS C 237 31.33 15.99 32.51
C LYS C 237 31.48 16.04 34.03
N ARG C 238 30.81 17.01 34.68
CA ARG C 238 30.88 17.06 36.14
C ARG C 238 30.19 15.83 36.74
N LYS C 239 29.08 15.39 36.13
CA LYS C 239 28.43 14.18 36.62
C LYS C 239 29.29 12.95 36.40
N LEU C 240 30.00 12.89 35.27
CA LEU C 240 30.86 11.76 34.97
C LEU C 240 32.00 11.65 35.97
N LYS C 241 32.61 12.77 36.32
CA LYS C 241 33.68 12.78 37.31
C LYS C 241 33.17 12.29 38.67
N ALA C 242 31.97 12.74 39.06
CA ALA C 242 31.41 12.26 40.32
C ALA C 242 31.13 10.76 40.25
N ALA C 243 30.60 10.30 39.11
CA ALA C 243 30.29 8.88 38.98
C ALA C 243 31.56 8.04 39.00
N LYS C 244 32.69 8.59 38.55
CA LYS C 244 33.93 7.84 38.58
C LYS C 244 34.25 7.39 39.99
N ASP C 245 33.95 8.23 40.96
CA ASP C 245 34.21 7.95 42.37
C ASP C 245 33.02 7.33 43.08
N GLY C 246 31.95 7.00 42.35
CA GLY C 246 30.77 6.46 42.98
C GLY C 246 29.99 7.44 43.82
N ASN C 247 30.16 8.74 43.58
CA ASN C 247 29.53 9.77 44.39
C ASN C 247 28.23 10.21 43.72
N PHE C 248 27.10 9.87 44.32
CA PHE C 248 25.81 10.30 43.80
C PHE C 248 25.00 11.07 44.85
N ALA C 249 25.70 11.84 45.70
CA ALA C 249 25.00 12.77 46.57
C ALA C 249 24.04 13.63 45.75
N PRO C 250 22.78 13.77 46.18
CA PRO C 250 21.78 14.42 45.31
C PRO C 250 22.05 15.91 45.14
N GLN C 251 22.21 16.33 43.89
CA GLN C 251 21.99 17.70 43.45
C GLN C 251 20.65 17.85 42.77
N PHE C 252 20.32 16.89 41.91
CA PHE C 252 19.00 16.80 41.29
C PHE C 252 18.56 15.35 41.42
N PRO C 253 17.71 15.03 42.40
CA PRO C 253 17.40 13.62 42.66
C PRO C 253 16.68 12.95 41.49
N ALA C 254 16.94 11.64 41.34
CA ALA C 254 16.25 10.85 40.32
C ALA C 254 14.75 11.05 40.33
N ARG C 255 14.14 11.12 41.52
CA ARG C 255 12.68 11.26 41.54
C ARG C 255 12.24 12.55 40.84
N LEU C 256 13.04 13.63 40.93
CA LEU C 256 12.60 14.85 40.28
C LEU C 256 12.98 14.87 38.80
N MET C 257 14.16 14.35 38.43
CA MET C 257 14.51 14.26 37.01
C MET C 257 13.49 13.41 36.27
N GLN C 258 13.12 12.26 36.83
CA GLN C 258 12.21 11.37 36.13
C GLN C 258 10.82 12.01 36.00
N LYS C 259 10.37 12.75 37.03
CA LYS C 259 9.12 13.50 36.94
C LYS C 259 9.17 14.50 35.79
N ASP C 260 10.29 15.24 35.67
CA ASP C 260 10.44 16.20 34.57
C ASP C 260 10.40 15.51 33.21
N MET C 261 10.98 14.32 33.10
CA MET C 261 10.90 13.56 31.86
C MET C 261 9.45 13.15 31.57
N ARG C 262 8.73 12.68 32.60
CA ARG C 262 7.32 12.34 32.45
C ARG C 262 6.53 13.54 31.91
N LEU C 263 6.79 14.73 32.47
CA LEU C 263 6.09 15.92 32.00
C LEU C 263 6.42 16.21 30.55
N LEU C 264 7.69 16.10 30.17
CA LEU C 264 8.07 16.40 28.79
C LEU C 264 7.43 15.41 27.83
N LEU C 265 7.43 14.11 28.17
CA LEU C 265 6.82 13.12 27.28
C LEU C 265 5.31 13.34 27.14
N ASP C 266 4.64 13.70 28.25
CA ASP C 266 3.23 14.02 28.14
C ASP C 266 3.01 15.19 27.20
N ALA C 267 3.82 16.24 27.34
CA ALA C 267 3.67 17.44 26.50
C ALA C 267 3.97 17.12 25.05
N ALA C 268 5.00 16.31 24.81
CA ALA C 268 5.34 15.95 23.44
C ALA C 268 4.24 15.13 22.79
N ALA C 269 3.56 14.29 23.58
CA ALA C 269 2.46 13.50 23.06
C ALA C 269 1.24 14.39 22.78
N ARG C 270 0.99 15.38 23.64
CA ARG C 270 -0.12 16.28 23.36
C ARG C 270 0.11 17.10 22.10
N GLU C 271 1.36 17.38 21.76
CA GLU C 271 1.69 18.15 20.56
C GLU C 271 1.88 17.23 19.37
N ALA C 272 1.76 15.91 19.59
CA ALA C 272 2.00 14.88 18.57
C ALA C 272 3.35 15.05 17.88
N VAL C 273 4.42 15.16 18.66
CA VAL C 273 5.77 15.24 18.12
C VAL C 273 6.50 13.95 18.48
N PRO C 274 7.04 13.21 17.50
CA PRO C 274 7.76 11.95 17.80
C PRO C 274 9.14 12.24 18.36
N VAL C 275 9.43 11.71 19.56
CA VAL C 275 10.69 12.01 20.22
C VAL C 275 11.28 10.70 20.75
N PRO C 276 11.70 9.77 19.87
CA PRO C 276 12.10 8.44 20.35
C PRO C 276 13.31 8.47 21.29
N THR C 277 14.28 9.36 21.08
CA THR C 277 15.44 9.37 21.97
C THR C 277 15.02 9.82 23.37
N LEU C 278 14.18 10.85 23.45
CA LEU C 278 13.70 11.32 24.75
C LEU C 278 12.84 10.27 25.43
N ALA C 279 12.03 9.53 24.65
CA ALA C 279 11.18 8.50 25.24
C ALA C 279 12.00 7.35 25.79
N ALA C 280 13.06 6.95 25.06
CA ALA C 280 13.96 5.92 25.58
C ALA C 280 14.64 6.38 26.86
N ALA C 281 15.14 7.62 26.87
CA ALA C 281 15.79 8.17 28.06
C ALA C 281 14.86 8.14 29.26
N THR C 282 13.59 8.50 29.06
CA THR C 282 12.62 8.50 30.14
C THR C 282 12.52 7.11 30.79
N GLN C 283 12.51 6.05 29.97
CA GLN C 283 12.37 4.70 30.52
C GLN C 283 13.60 4.32 31.36
N GLN C 284 14.79 4.71 30.92
CA GLN C 284 15.99 4.49 31.72
C GLN C 284 15.94 5.27 33.03
N LEU C 285 15.35 6.46 33.01
CA LEU C 285 15.27 7.23 34.24
C LEU C 285 14.15 6.73 35.15
N SER C 286 13.16 6.02 34.60
CA SER C 286 12.21 5.32 35.47
C SER C 286 12.91 4.20 36.23
N LEU C 287 13.78 3.44 35.54
CA LEU C 287 14.55 2.43 36.25
C LEU C 287 15.41 3.06 37.33
N THR C 288 16.08 4.17 36.99
CA THR C 288 16.94 4.87 37.95
C THR C 288 16.16 5.28 39.19
N ARG C 289 14.99 5.89 39.00
CA ARG C 289 14.16 6.28 40.13
C ARG C 289 13.73 5.09 40.96
N ARG C 290 13.32 3.99 40.31
CA ARG C 290 12.89 2.82 41.07
C ARG C 290 14.01 2.29 41.96
N LEU C 291 15.23 2.23 41.42
CA LEU C 291 16.34 1.66 42.16
C LEU C 291 16.82 2.61 43.26
N SER C 292 16.76 3.91 43.04
CA SER C 292 17.22 4.86 44.05
C SER C 292 16.60 6.22 43.83
N PRO C 293 15.46 6.50 44.45
CA PRO C 293 14.73 7.73 44.12
C PRO C 293 15.42 8.98 44.61
N ASN C 294 16.25 8.88 45.66
CA ASN C 294 16.73 10.08 46.32
C ASN C 294 18.17 10.44 45.97
N GLU C 295 18.96 9.51 45.43
CA GLU C 295 20.30 9.86 44.98
C GLU C 295 20.22 10.67 43.69
N ASP C 296 21.35 11.29 43.33
CA ASP C 296 21.40 12.09 42.11
C ASP C 296 20.95 11.27 40.90
N TYR C 297 20.26 11.94 39.97
CA TYR C 297 19.77 11.23 38.78
C TYR C 297 20.90 10.60 37.97
N SER C 298 22.15 11.06 38.13
CA SER C 298 23.29 10.46 37.43
C SER C 298 23.62 9.05 37.93
N SER C 299 22.95 8.54 38.96
CA SER C 299 23.23 7.17 39.43
C SER C 299 22.94 6.11 38.38
N LEU C 300 22.25 6.45 37.30
CA LEU C 300 22.08 5.48 36.22
C LEU C 300 23.44 4.98 35.71
N ILE C 301 24.49 5.80 35.81
CA ILE C 301 25.81 5.33 35.40
C ILE C 301 26.21 4.10 36.22
N ARG C 302 26.00 4.17 37.53
CA ARG C 302 26.27 3.02 38.40
C ARG C 302 25.34 1.85 38.08
N VAL C 303 24.05 2.14 37.85
CA VAL C 303 23.10 1.08 37.51
C VAL C 303 23.57 0.33 36.27
N MET C 304 24.06 1.05 35.26
CA MET C 304 24.47 0.38 34.04
C MET C 304 25.77 -0.36 34.23
N GLU C 305 26.70 0.21 35.02
CA GLU C 305 27.91 -0.51 35.38
C GLU C 305 27.60 -1.85 36.05
N LYS C 306 26.59 -1.87 36.92
CA LYS C 306 26.26 -3.10 37.61
C LYS C 306 25.64 -4.12 36.66
N ILE C 307 24.85 -3.66 35.69
CA ILE C 307 24.31 -4.56 34.67
C ILE C 307 25.46 -5.24 33.92
N VAL C 308 26.49 -4.46 33.57
CA VAL C 308 27.59 -5.01 32.79
C VAL C 308 28.44 -5.94 33.65
N ALA C 309 28.64 -5.60 34.92
CA ALA C 309 29.46 -6.45 35.79
C ALA C 309 28.72 -7.68 36.27
N ASN C 310 27.42 -7.76 36.04
CA ASN C 310 26.58 -8.86 36.49
C ASN C 310 26.57 -8.94 38.00
N GLN D 18 -32.37 -3.88 43.24
CA GLN D 18 -30.93 -3.65 43.25
C GLN D 18 -30.31 -3.86 41.85
N ILE D 19 -30.73 -4.93 41.17
CA ILE D 19 -30.17 -5.23 39.85
C ILE D 19 -30.75 -4.24 38.85
N LEU D 20 -29.87 -3.65 38.04
CA LEU D 20 -30.32 -2.61 37.12
C LEU D 20 -30.89 -3.19 35.83
N SER D 21 -31.86 -4.10 35.98
CA SER D 21 -32.61 -4.63 34.86
C SER D 21 -33.50 -3.55 34.26
N PRO D 22 -34.01 -3.78 33.04
CA PRO D 22 -34.91 -2.76 32.44
C PRO D 22 -36.16 -2.50 33.26
N GLU D 23 -36.67 -3.50 33.98
CA GLU D 23 -37.86 -3.27 34.79
C GLU D 23 -37.53 -2.40 36.00
N ASN D 24 -36.35 -2.59 36.58
CA ASN D 24 -35.98 -1.85 37.79
C ASN D 24 -35.44 -0.47 37.48
N ALA D 25 -34.71 -0.33 36.37
CA ALA D 25 -34.02 0.93 36.05
C ALA D 25 -34.00 1.10 34.54
N PRO D 26 -35.12 1.49 33.94
CA PRO D 26 -35.22 1.50 32.48
C PRO D 26 -34.50 2.65 31.80
N ARG D 27 -34.22 3.75 32.50
CA ARG D 27 -33.69 4.96 31.86
C ARG D 27 -32.17 4.98 31.99
N ILE D 28 -31.48 4.81 30.87
CA ILE D 28 -30.03 4.92 30.83
C ILE D 28 -29.67 6.18 30.07
N GLY D 29 -28.97 7.09 30.74
CA GLY D 29 -28.51 8.33 30.12
C GLY D 29 -27.02 8.26 29.82
N PHE D 30 -26.67 8.64 28.60
CA PHE D 30 -25.27 8.66 28.17
C PHE D 30 -24.69 10.05 28.27
N ILE D 31 -23.50 10.14 28.85
CA ILE D 31 -22.66 11.34 28.75
C ILE D 31 -21.61 11.00 27.69
N GLY D 32 -21.72 11.63 26.52
CA GLY D 32 -20.95 11.21 25.36
C GLY D 32 -21.71 10.19 24.53
N PHE D 33 -21.76 10.36 23.22
CA PHE D 33 -22.57 9.47 22.42
C PHE D 33 -21.98 9.39 21.00
N GLY D 34 -20.77 8.87 20.92
CA GLY D 34 -20.00 8.82 19.68
C GLY D 34 -20.02 7.44 19.05
N ALA D 35 -18.91 7.06 18.42
CA ALA D 35 -18.85 5.81 17.66
C ALA D 35 -19.17 4.61 18.54
N MET D 36 -18.52 4.49 19.71
CA MET D 36 -18.81 3.34 20.55
C MET D 36 -20.12 3.48 21.31
N ALA D 37 -20.38 4.65 21.90
CA ALA D 37 -21.54 4.78 22.77
C ALA D 37 -22.84 4.59 22.00
N SER D 38 -22.90 5.12 20.77
CA SER D 38 -24.14 4.96 20.01
C SER D 38 -24.40 3.49 19.69
N ARG D 39 -23.34 2.73 19.41
CA ARG D 39 -23.54 1.30 19.15
C ARG D 39 -23.94 0.57 20.43
N MET D 40 -23.37 0.97 21.56
CA MET D 40 -23.81 0.41 22.84
C MET D 40 -25.28 0.70 23.08
N GLY D 41 -25.71 1.94 22.79
CA GLY D 41 -27.07 2.32 23.06
C GLY D 41 -28.08 1.50 22.27
N ASP D 42 -27.73 1.12 21.04
CA ASP D 42 -28.63 0.32 20.22
C ASP D 42 -28.87 -1.06 20.84
N HIS D 43 -27.82 -1.68 21.39
CA HIS D 43 -28.03 -2.97 22.04
C HIS D 43 -28.81 -2.82 23.33
N LEU D 44 -28.65 -1.70 24.02
CA LEU D 44 -29.39 -1.47 25.26
C LEU D 44 -30.85 -1.18 24.96
N LYS D 45 -31.11 -0.45 23.86
CA LYS D 45 -32.48 -0.22 23.41
C LYS D 45 -33.15 -1.54 23.03
N THR D 46 -32.44 -2.40 22.30
CA THR D 46 -32.97 -3.73 21.99
C THR D 46 -33.25 -4.55 23.26
N ALA D 47 -32.45 -4.35 24.31
CA ALA D 47 -32.61 -5.12 25.54
C ALA D 47 -33.75 -4.62 26.43
N GLY D 48 -34.41 -3.52 26.06
CA GLY D 48 -35.54 -3.03 26.82
C GLY D 48 -35.32 -1.73 27.55
N TYR D 49 -34.16 -1.10 27.44
CA TYR D 49 -33.89 0.16 28.12
C TYR D 49 -34.32 1.34 27.27
N THR D 50 -34.58 2.46 27.94
CA THR D 50 -34.88 3.73 27.29
C THR D 50 -33.64 4.60 27.35
N ILE D 51 -33.15 5.00 26.16
CA ILE D 51 -31.85 5.67 26.01
C ILE D 51 -32.05 7.16 25.82
N SER D 52 -31.17 7.94 26.43
CA SER D 52 -31.05 9.38 26.20
C SER D 52 -29.57 9.73 26.26
N ALA D 53 -29.22 10.91 25.78
CA ALA D 53 -27.81 11.26 25.67
C ALA D 53 -27.60 12.77 25.79
N TYR D 54 -26.35 13.11 26.13
CA TYR D 54 -25.84 14.48 26.08
C TYR D 54 -24.50 14.46 25.35
N THR D 55 -24.32 15.42 24.44
CA THR D 55 -23.02 15.72 23.85
C THR D 55 -22.86 17.23 23.82
N PRO D 56 -21.62 17.74 23.91
CA PRO D 56 -21.41 19.19 23.82
C PRO D 56 -21.92 19.80 22.53
N SER D 57 -21.86 19.07 21.42
CA SER D 57 -22.34 19.60 20.15
C SER D 57 -23.86 19.52 20.03
N GLY D 58 -24.50 18.63 20.78
CA GLY D 58 -25.91 18.36 20.59
C GLY D 58 -26.22 17.36 19.48
N ARG D 59 -25.21 16.90 18.76
CA ARG D 59 -25.40 15.95 17.67
C ARG D 59 -24.87 14.57 18.06
N SER D 60 -25.33 13.57 17.33
CA SER D 60 -24.96 12.18 17.57
C SER D 60 -25.31 11.39 16.32
N PRO D 61 -24.73 10.20 16.14
CA PRO D 61 -25.07 9.38 14.96
C PRO D 61 -26.49 8.83 14.99
N SER D 62 -27.20 8.88 16.13
CA SER D 62 -28.54 8.30 16.22
C SER D 62 -29.59 9.40 16.25
N PRO D 63 -30.44 9.52 15.22
CA PRO D 63 -31.46 10.58 15.24
C PRO D 63 -32.59 10.34 16.22
N SER D 64 -32.92 9.09 16.53
CA SER D 64 -34.07 8.79 17.38
C SER D 64 -33.78 8.93 18.88
N VAL D 65 -32.55 9.25 19.26
CA VAL D 65 -32.16 9.30 20.67
C VAL D 65 -32.33 10.73 21.17
N PRO D 66 -33.21 10.97 22.13
CA PRO D 66 -33.43 12.36 22.59
C PRO D 66 -32.19 12.92 23.25
N MET D 67 -31.91 14.18 22.96
CA MET D 67 -30.71 14.86 23.41
C MET D 67 -31.05 15.85 24.52
N LEU D 68 -30.30 15.79 25.63
CA LEU D 68 -30.51 16.70 26.75
C LEU D 68 -29.48 17.82 26.71
N PRO D 69 -29.83 19.00 27.21
CA PRO D 69 -28.98 20.18 26.97
C PRO D 69 -27.70 20.27 27.78
N THR D 70 -27.65 19.64 28.96
CA THR D 70 -26.50 19.72 29.84
C THR D 70 -26.28 18.35 30.45
N PRO D 71 -25.07 18.09 30.97
CA PRO D 71 -24.87 16.82 31.70
C PRO D 71 -25.78 16.71 32.91
N LEU D 72 -25.98 17.82 33.62
CA LEU D 72 -26.89 17.81 34.77
C LEU D 72 -28.31 17.41 34.35
N ALA D 73 -28.84 18.03 33.29
CA ALA D 73 -30.17 17.66 32.82
C ALA D 73 -30.24 16.18 32.42
N LEU D 74 -29.18 15.67 31.81
CA LEU D 74 -29.11 14.26 31.46
C LEU D 74 -29.23 13.38 32.71
N ALA D 75 -28.44 13.69 33.74
CA ALA D 75 -28.40 12.86 34.92
C ALA D 75 -29.71 12.94 35.71
N LYS D 76 -30.37 14.10 35.70
CA LYS D 76 -31.59 14.27 36.47
C LYS D 76 -32.76 13.46 35.95
N GLN D 77 -32.68 12.95 34.71
CA GLN D 77 -33.77 12.16 34.15
C GLN D 77 -33.34 10.75 33.76
N ALA D 78 -32.27 10.23 34.34
CA ALA D 78 -31.85 8.86 34.09
C ALA D 78 -31.78 8.08 35.40
N ASP D 79 -31.98 6.76 35.28
CA ASP D 79 -31.80 5.88 36.43
C ASP D 79 -30.33 5.49 36.61
N THR D 80 -29.66 5.25 35.49
CA THR D 80 -28.25 4.89 35.43
C THR D 80 -27.58 5.78 34.38
N VAL D 81 -26.36 6.23 34.66
CA VAL D 81 -25.61 7.06 33.71
C VAL D 81 -24.43 6.26 33.21
N VAL D 82 -24.24 6.24 31.89
CA VAL D 82 -23.05 5.66 31.26
C VAL D 82 -22.24 6.80 30.67
N VAL D 83 -20.94 6.81 30.92
CA VAL D 83 -20.05 7.87 30.42
C VAL D 83 -19.14 7.27 29.35
N CYS D 84 -19.04 7.96 28.21
CA CYS D 84 -18.19 7.51 27.10
C CYS D 84 -17.63 8.76 26.43
N VAL D 85 -16.55 9.29 27.00
CA VAL D 85 -15.98 10.56 26.57
C VAL D 85 -14.52 10.33 26.23
N PRO D 86 -13.89 11.25 25.47
CA PRO D 86 -12.55 10.95 24.94
C PRO D 86 -11.42 10.93 25.97
N ASP D 87 -11.40 11.81 26.98
CA ASP D 87 -10.19 11.96 27.79
C ASP D 87 -10.55 12.51 29.17
N ASP D 88 -9.52 12.68 30.02
CA ASP D 88 -9.71 13.18 31.39
C ASP D 88 -10.38 14.54 31.40
N GLU D 89 -9.97 15.42 30.48
CA GLU D 89 -10.49 16.78 30.44
C GLU D 89 -11.98 16.81 30.11
N ALA D 90 -12.40 16.02 29.13
CA ALA D 90 -13.81 15.92 28.79
C ALA D 90 -14.60 15.31 29.94
N LEU D 91 -14.04 14.32 30.62
CA LEU D 91 -14.69 13.74 31.79
C LEU D 91 -14.93 14.80 32.86
N ALA D 92 -13.89 15.59 33.17
CA ALA D 92 -14.03 16.60 34.21
C ALA D 92 -15.00 17.69 33.79
N ALA D 93 -14.96 18.07 32.51
CA ALA D 93 -15.86 19.12 32.02
C ALA D 93 -17.33 18.77 32.19
N SER D 94 -17.67 17.48 32.10
CA SER D 94 -19.07 17.06 32.14
C SER D 94 -19.51 16.46 33.47
N MET D 95 -18.59 16.03 34.33
CA MET D 95 -19.07 15.51 35.61
C MET D 95 -19.08 16.54 36.73
N TYR D 96 -18.23 17.56 36.66
CA TYR D 96 -18.10 18.51 37.74
C TYR D 96 -18.61 19.86 37.28
N GLY D 97 -18.66 20.80 38.23
CA GLY D 97 -19.03 22.16 37.90
C GLY D 97 -20.52 22.41 37.92
N GLU D 98 -20.86 23.66 37.57
CA GLU D 98 -22.22 24.16 37.69
C GLU D 98 -23.24 23.23 37.02
N ASN D 99 -22.92 22.72 35.84
CA ASN D 99 -23.85 21.86 35.09
C ASN D 99 -23.39 20.40 35.01
N GLY D 100 -22.52 19.97 35.93
CA GLY D 100 -21.98 18.62 35.86
C GLY D 100 -23.00 17.54 36.18
N ALA D 101 -22.70 16.33 35.72
CA ALA D 101 -23.67 15.24 35.82
C ALA D 101 -23.77 14.64 37.22
N LEU D 102 -22.67 14.63 37.98
CA LEU D 102 -22.64 13.85 39.21
C LEU D 102 -23.68 14.36 40.22
N ALA D 103 -23.79 15.68 40.37
CA ALA D 103 -24.74 16.26 41.31
C ALA D 103 -26.20 16.02 40.91
N GLY D 104 -26.45 15.62 39.67
CA GLY D 104 -27.79 15.26 39.23
C GLY D 104 -28.24 13.85 39.54
N MET D 105 -27.39 13.02 40.15
CA MET D 105 -27.74 11.63 40.39
C MET D 105 -28.19 11.42 41.83
N THR D 106 -29.08 10.44 41.99
CA THR D 106 -29.64 10.09 43.28
C THR D 106 -28.71 9.14 44.04
N LYS D 107 -28.78 9.19 45.36
CA LYS D 107 -27.96 8.28 46.17
C LYS D 107 -28.35 6.84 45.92
N GLY D 108 -27.34 5.97 45.90
CA GLY D 108 -27.56 4.57 45.57
C GLY D 108 -27.61 4.27 44.08
N SER D 109 -27.55 5.27 43.21
CA SER D 109 -27.53 5.00 41.78
C SER D 109 -26.10 4.70 41.33
N LEU D 110 -26.00 4.20 40.10
CA LEU D 110 -24.75 3.73 39.51
C LEU D 110 -24.32 4.64 38.36
N LEU D 111 -23.04 5.01 38.36
CA LEU D 111 -22.39 5.66 37.24
C LEU D 111 -21.42 4.64 36.63
N ILE D 112 -21.58 4.34 35.36
CA ILE D 112 -20.72 3.38 34.66
C ILE D 112 -19.85 4.17 33.69
N ASN D 113 -18.55 4.22 33.94
CA ASN D 113 -17.63 4.96 33.08
C ASN D 113 -16.93 3.98 32.16
N THR D 114 -17.27 4.01 30.87
CA THR D 114 -16.63 3.17 29.87
C THR D 114 -15.52 3.90 29.12
N SER D 115 -15.21 5.14 29.52
CA SER D 115 -14.18 5.96 28.88
C SER D 115 -12.80 5.40 29.17
N SER D 116 -11.87 5.63 28.25
CA SER D 116 -10.46 5.30 28.49
C SER D 116 -9.78 6.56 29.03
N VAL D 117 -9.62 6.62 30.35
CA VAL D 117 -9.07 7.78 31.04
C VAL D 117 -8.00 7.30 32.00
N SER D 118 -7.32 8.25 32.63
CA SER D 118 -6.17 7.94 33.46
C SER D 118 -6.59 7.33 34.79
N PRO D 119 -5.67 6.61 35.45
CA PRO D 119 -5.94 6.19 36.83
C PRO D 119 -6.26 7.35 37.75
N GLU D 120 -5.62 8.50 37.56
CA GLU D 120 -5.90 9.66 38.42
C GLU D 120 -7.31 10.17 38.21
N ALA D 121 -7.75 10.27 36.95
CA ALA D 121 -9.12 10.72 36.68
C ALA D 121 -10.12 9.74 37.26
N THR D 122 -9.81 8.44 37.19
CA THR D 122 -10.67 7.41 37.74
C THR D 122 -10.79 7.56 39.25
N ALA D 123 -9.66 7.79 39.93
CA ALA D 123 -9.72 7.91 41.38
C ALA D 123 -10.50 9.15 41.80
N THR D 124 -10.30 10.26 41.08
CA THR D 124 -11.04 11.49 41.38
C THR D 124 -12.54 11.28 41.25
N LEU D 125 -12.97 10.62 40.17
CA LEU D 125 -14.40 10.39 39.97
C LEU D 125 -14.95 9.44 41.02
N TYR D 126 -14.22 8.39 41.36
CA TYR D 126 -14.68 7.47 42.40
C TYR D 126 -14.88 8.21 43.72
N GLU D 127 -13.90 9.03 44.11
CA GLU D 127 -14.00 9.81 45.35
C GLU D 127 -15.18 10.78 45.32
N ALA D 128 -15.32 11.50 44.21
CA ALA D 128 -16.46 12.41 44.07
C ALA D 128 -17.77 11.66 44.16
N GLY D 129 -17.86 10.49 43.51
CA GLY D 129 -19.05 9.69 43.64
C GLY D 129 -19.35 9.30 45.08
N GLN D 130 -18.31 8.92 45.82
CA GLN D 130 -18.50 8.53 47.22
C GLN D 130 -19.16 9.66 48.00
N LYS D 131 -18.68 10.90 47.81
CA LYS D 131 -19.24 12.04 48.52
C LYS D 131 -20.72 12.24 48.20
N HIS D 132 -21.12 11.99 46.96
CA HIS D 132 -22.51 12.11 46.54
C HIS D 132 -23.32 10.85 46.77
N GLY D 133 -22.72 9.80 47.35
CA GLY D 133 -23.44 8.56 47.54
C GLY D 133 -23.67 7.76 46.28
N VAL D 134 -22.87 8.00 45.23
CA VAL D 134 -23.02 7.34 43.93
C VAL D 134 -21.84 6.39 43.74
N VAL D 135 -22.14 5.15 43.37
CA VAL D 135 -21.09 4.16 43.11
C VAL D 135 -20.64 4.31 41.65
N VAL D 136 -19.33 4.50 41.45
CA VAL D 136 -18.77 4.64 40.11
C VAL D 136 -18.01 3.37 39.78
N LEU D 137 -18.43 2.69 38.73
CA LEU D 137 -17.69 1.56 38.17
C LEU D 137 -16.80 2.07 37.03
N ASP D 138 -15.50 1.78 37.10
CA ASP D 138 -14.64 2.03 35.95
C ASP D 138 -14.71 0.79 35.08
N ALA D 139 -15.40 0.91 33.95
CA ALA D 139 -15.69 -0.23 33.08
C ALA D 139 -15.34 0.08 31.63
N PRO D 140 -14.06 0.37 31.35
CA PRO D 140 -13.64 0.47 29.95
C PRO D 140 -13.80 -0.86 29.24
N VAL D 141 -13.75 -0.82 27.91
CA VAL D 141 -14.07 -2.01 27.12
C VAL D 141 -12.90 -2.32 26.19
N SER D 142 -12.73 -3.62 25.92
CA SER D 142 -11.80 -4.10 24.91
C SER D 142 -12.61 -4.53 23.69
N GLY D 143 -12.23 -4.00 22.54
CA GLY D 143 -13.03 -4.17 21.34
C GLY D 143 -13.27 -2.79 20.74
N SER D 144 -13.42 -2.77 19.43
CA SER D 144 -13.60 -1.52 18.71
C SER D 144 -15.02 -1.47 18.14
N THR D 145 -15.23 -0.64 17.13
CA THR D 145 -16.58 -0.51 16.58
C THR D 145 -17.15 -1.81 16.01
N PRO D 146 -16.37 -2.71 15.36
CA PRO D 146 -17.00 -3.98 14.94
C PRO D 146 -17.51 -4.81 16.10
N GLU D 147 -16.77 -4.82 17.21
CA GLU D 147 -17.21 -5.55 18.40
C GLU D 147 -18.36 -4.84 19.10
N ALA D 148 -18.39 -3.51 19.06
CA ALA D 148 -19.55 -2.80 19.57
C ALA D 148 -20.80 -3.17 18.77
N ASP D 149 -20.66 -3.26 17.44
CA ASP D 149 -21.77 -3.63 16.55
C ASP D 149 -22.37 -4.98 16.92
N SER D 150 -21.53 -5.96 17.21
CA SER D 150 -21.98 -7.33 17.46
C SER D 150 -22.15 -7.63 18.95
N ALA D 151 -22.04 -6.62 19.81
CA ALA D 151 -22.12 -6.83 21.26
C ALA D 151 -21.13 -7.90 21.72
N SER D 152 -19.93 -7.88 21.14
CA SER D 152 -18.87 -8.80 21.56
C SER D 152 -17.73 -8.07 22.26
N LEU D 153 -18.01 -6.89 22.82
CA LEU D 153 -17.06 -6.21 23.69
C LEU D 153 -16.70 -7.08 24.89
N VAL D 154 -15.50 -6.86 25.42
CA VAL D 154 -15.08 -7.44 26.69
C VAL D 154 -15.02 -6.30 27.70
N ILE D 155 -15.83 -6.39 28.75
CA ILE D 155 -15.90 -5.32 29.75
C ILE D 155 -14.82 -5.58 30.80
N LEU D 156 -14.08 -4.53 31.15
CA LEU D 156 -12.98 -4.63 32.11
C LEU D 156 -13.33 -3.74 33.30
N VAL D 157 -13.83 -4.31 34.39
CA VAL D 157 -14.53 -3.49 35.37
C VAL D 157 -13.85 -3.55 36.73
N GLY D 158 -13.71 -2.38 37.35
CA GLY D 158 -13.23 -2.25 38.72
C GLY D 158 -14.35 -1.81 39.65
N GLY D 159 -14.44 -2.50 40.78
CA GLY D 159 -15.42 -2.16 41.79
C GLY D 159 -15.72 -3.36 42.66
N ASP D 160 -16.64 -3.15 43.60
CA ASP D 160 -17.09 -4.23 44.48
C ASP D 160 -17.93 -5.24 43.70
N LYS D 161 -17.78 -6.52 44.07
CA LYS D 161 -18.52 -7.60 43.41
C LYS D 161 -20.01 -7.30 43.36
N ASP D 162 -20.58 -6.79 44.45
CA ASP D 162 -22.02 -6.58 44.50
C ASP D 162 -22.46 -5.48 43.54
N ASP D 163 -21.60 -4.49 43.31
CA ASP D 163 -21.91 -3.41 42.38
C ASP D 163 -21.77 -3.85 40.93
N VAL D 164 -20.76 -4.69 40.64
CA VAL D 164 -20.65 -5.29 39.31
C VAL D 164 -21.88 -6.12 39.01
N ALA D 165 -22.36 -6.88 40.00
CA ALA D 165 -23.56 -7.69 39.80
C ALA D 165 -24.77 -6.83 39.47
N ARG D 166 -24.91 -5.67 40.14
CA ARG D 166 -26.02 -4.77 39.83
C ARG D 166 -26.03 -4.39 38.35
N ALA D 167 -24.85 -4.26 37.75
CA ALA D 167 -24.76 -3.79 36.37
C ALA D 167 -24.75 -4.91 35.35
N ALA D 168 -24.85 -6.18 35.79
CA ALA D 168 -24.77 -7.33 34.89
C ALA D 168 -25.66 -7.24 33.65
N PRO D 169 -26.94 -6.87 33.74
CA PRO D 169 -27.75 -6.85 32.51
C PRO D 169 -27.29 -5.79 31.52
N ILE D 170 -26.72 -4.67 31.98
CA ILE D 170 -26.17 -3.67 31.07
C ILE D 170 -24.92 -4.21 30.39
N PHE D 171 -24.00 -4.77 31.18
CA PHE D 171 -22.78 -5.33 30.59
C PHE D 171 -23.11 -6.49 29.67
N ASP D 172 -24.11 -7.29 30.03
CA ASP D 172 -24.43 -8.46 29.21
C ASP D 172 -25.00 -8.04 27.86
N ALA D 173 -25.69 -6.90 27.81
CA ALA D 173 -26.33 -6.48 26.57
C ALA D 173 -25.33 -5.93 25.56
N ILE D 174 -24.25 -5.31 26.06
CA ILE D 174 -23.27 -4.64 25.19
C ILE D 174 -22.04 -5.49 24.92
N GLY D 175 -21.84 -6.58 25.65
CA GLY D 175 -20.61 -7.35 25.54
C GLY D 175 -20.85 -8.85 25.62
N LYS D 176 -19.77 -9.60 25.44
CA LYS D 176 -19.78 -11.05 25.46
C LYS D 176 -19.12 -11.62 26.71
N LEU D 177 -18.45 -10.80 27.50
CA LEU D 177 -17.68 -11.26 28.64
C LEU D 177 -17.39 -10.05 29.52
N THR D 178 -17.56 -10.24 30.83
CA THR D 178 -17.26 -9.21 31.81
C THR D 178 -16.16 -9.74 32.72
N ILE D 179 -15.01 -9.07 32.70
CA ILE D 179 -13.88 -9.43 33.54
C ILE D 179 -13.87 -8.50 34.75
N HIS D 180 -14.06 -9.06 35.94
CA HIS D 180 -13.95 -8.28 37.17
C HIS D 180 -12.46 -8.16 37.50
N ALA D 181 -11.89 -6.99 37.23
CA ALA D 181 -10.45 -6.81 37.33
C ALA D 181 -9.96 -6.58 38.76
N GLY D 182 -10.86 -6.30 39.70
CA GLY D 182 -10.47 -5.95 41.03
C GLY D 182 -11.28 -4.77 41.51
N PRO D 183 -10.80 -4.10 42.57
CA PRO D 183 -11.52 -2.94 43.11
C PRO D 183 -11.45 -1.72 42.20
N THR D 184 -12.06 -0.61 42.64
CA THR D 184 -12.05 0.61 41.84
C THR D 184 -10.65 0.94 41.34
N GLY D 185 -10.59 1.33 40.06
CA GLY D 185 -9.33 1.62 39.41
C GLY D 185 -8.76 0.45 38.63
N SER D 186 -9.22 -0.79 38.90
CA SER D 186 -8.60 -1.95 38.27
C SER D 186 -8.97 -2.05 36.81
N GLY D 187 -10.20 -1.66 36.46
CA GLY D 187 -10.61 -1.71 35.06
C GLY D 187 -9.81 -0.73 34.21
N ALA D 188 -9.67 0.50 34.69
CA ALA D 188 -8.85 1.49 34.00
C ALA D 188 -7.42 0.99 33.77
N ARG D 189 -6.83 0.35 34.78
CA ARG D 189 -5.46 -0.14 34.66
C ARG D 189 -5.37 -1.29 33.65
N LEU D 190 -6.32 -2.24 33.72
CA LEU D 190 -6.33 -3.34 32.76
C LEU D 190 -6.51 -2.83 31.34
N LYS D 191 -7.31 -1.78 31.16
CA LYS D 191 -7.47 -1.22 29.83
C LYS D 191 -6.15 -0.65 29.31
N LEU D 192 -5.39 0.04 30.18
CA LEU D 192 -4.10 0.57 29.76
C LEU D 192 -3.17 -0.55 29.32
N VAL D 193 -3.19 -1.67 30.04
CA VAL D 193 -2.37 -2.82 29.67
C VAL D 193 -2.70 -3.28 28.25
N ILE D 194 -3.99 -3.47 27.98
CA ILE D 194 -4.41 -4.00 26.69
C ILE D 194 -4.15 -3.00 25.57
N ASN D 195 -4.34 -1.71 25.85
CA ASN D 195 -4.03 -0.67 24.86
C ASN D 195 -2.57 -0.69 24.45
N GLY D 196 -1.66 -0.86 25.42
CA GLY D 196 -0.24 -0.92 25.10
C GLY D 196 0.08 -2.08 24.18
N ILE D 197 -0.49 -3.24 24.46
CA ILE D 197 -0.30 -4.40 23.60
C ILE D 197 -0.81 -4.11 22.19
N MET D 198 -1.99 -3.47 22.09
CA MET D 198 -2.55 -3.21 20.77
C MET D 198 -1.72 -2.17 20.03
N GLY D 199 -1.34 -1.08 20.70
CA GLY D 199 -0.59 -0.04 20.02
C GLY D 199 0.79 -0.49 19.56
N ALA D 200 1.55 -1.14 20.45
CA ALA D 200 2.87 -1.62 20.07
C ALA D 200 2.80 -2.80 19.11
N GLY D 201 1.72 -3.58 19.15
CA GLY D 201 1.57 -4.63 18.15
C GLY D 201 1.49 -4.06 16.75
N LEU D 202 0.80 -2.92 16.61
CA LEU D 202 0.69 -2.31 15.29
C LEU D 202 1.99 -1.66 14.86
N THR D 203 2.67 -0.92 15.75
CA THR D 203 3.91 -0.27 15.33
C THR D 203 4.95 -1.32 14.97
N THR D 204 4.99 -2.42 15.72
CA THR D 204 5.89 -3.53 15.41
C THR D 204 5.63 -4.05 14.00
N LEU D 205 4.36 -4.28 13.69
CA LEU D 205 3.99 -4.82 12.39
C LEU D 205 4.33 -3.84 11.27
N ALA D 206 3.99 -2.56 11.45
CA ALA D 206 4.30 -1.58 10.43
C ALA D 206 5.81 -1.49 10.17
N GLU D 207 6.62 -1.55 11.24
CA GLU D 207 8.07 -1.42 11.07
C GLU D 207 8.64 -2.65 10.39
N SER D 208 8.14 -3.82 10.76
CA SER D 208 8.64 -5.06 10.17
C SER D 208 8.28 -5.14 8.69
N VAL D 209 7.03 -4.79 8.35
CA VAL D 209 6.63 -4.71 6.95
C VAL D 209 7.51 -3.71 6.20
N ALA D 210 7.78 -2.55 6.81
CA ALA D 210 8.61 -1.54 6.17
C ALA D 210 10.00 -2.08 5.88
N TYR D 211 10.59 -2.82 6.82
CA TYR D 211 11.89 -3.41 6.51
C TYR D 211 11.76 -4.36 5.31
N GLY D 212 10.74 -5.22 5.34
CA GLY D 212 10.59 -6.20 4.24
C GLY D 212 10.51 -5.52 2.88
N LEU D 213 9.70 -4.47 2.79
CA LEU D 213 9.56 -3.75 1.52
C LEU D 213 10.85 -3.05 1.12
N SER D 214 11.54 -2.46 2.11
CA SER D 214 12.80 -1.77 1.81
C SER D 214 13.85 -2.72 1.27
N ALA D 215 13.77 -3.98 1.67
CA ALA D 215 14.72 -5.01 1.30
C ALA D 215 14.30 -5.73 0.03
N GLY D 216 13.23 -5.26 -0.63
CA GLY D 216 12.89 -5.72 -1.95
C GLY D 216 11.78 -6.75 -2.03
N LEU D 217 11.14 -7.11 -0.92
CA LEU D 217 10.08 -8.10 -0.98
C LEU D 217 8.84 -7.55 -1.67
N ASP D 218 8.24 -8.39 -2.51
CA ASP D 218 7.00 -8.03 -3.20
C ASP D 218 5.89 -7.72 -2.19
N ARG D 219 5.19 -6.60 -2.40
CA ARG D 219 4.23 -6.15 -1.41
C ARG D 219 3.07 -7.15 -1.24
N SER D 220 2.50 -7.62 -2.35
CA SER D 220 1.37 -8.54 -2.24
C SER D 220 1.79 -9.85 -1.58
N MET D 221 2.97 -10.36 -1.95
CA MET D 221 3.49 -11.57 -1.33
C MET D 221 3.66 -11.37 0.16
N LEU D 222 4.29 -10.26 0.55
CA LEU D 222 4.60 -10.00 1.96
C LEU D 222 3.32 -9.91 2.80
N PHE D 223 2.32 -9.15 2.34
CA PHE D 223 1.10 -9.04 3.13
C PHE D 223 0.40 -10.38 3.26
N ASP D 224 0.38 -11.17 2.19
CA ASP D 224 -0.28 -12.46 2.29
C ASP D 224 0.52 -13.46 3.11
N ALA D 225 1.86 -13.40 3.06
CA ALA D 225 2.67 -14.31 3.86
C ALA D 225 2.46 -14.09 5.35
N LEU D 226 2.36 -12.83 5.77
CA LEU D 226 2.20 -12.56 7.19
C LEU D 226 0.85 -13.00 7.71
N ASP D 227 -0.17 -13.11 6.84
CA ASP D 227 -1.44 -13.65 7.31
C ASP D 227 -1.34 -15.11 7.75
N GLN D 228 -0.27 -15.81 7.38
CA GLN D 228 -0.11 -17.23 7.63
C GLN D 228 0.73 -17.54 8.86
N VAL D 229 1.25 -16.53 9.58
CA VAL D 229 2.19 -16.81 10.67
C VAL D 229 1.47 -16.69 12.01
N ALA D 230 1.99 -17.42 12.99
CA ALA D 230 1.34 -17.54 14.27
C ALA D 230 1.70 -16.42 15.24
N VAL D 231 2.61 -15.53 14.86
CA VAL D 231 3.13 -14.54 15.80
C VAL D 231 2.44 -13.19 15.65
N ILE D 232 1.36 -13.11 14.84
CA ILE D 232 0.53 -11.91 14.72
C ILE D 232 -0.85 -12.21 15.30
N SER D 233 -1.41 -11.26 16.06
CA SER D 233 -2.71 -11.45 16.68
C SER D 233 -3.83 -11.43 15.63
N PRO D 234 -4.99 -12.00 15.96
CA PRO D 234 -6.12 -11.89 15.02
C PRO D 234 -6.55 -10.45 14.77
N HIS D 235 -6.49 -9.60 15.79
CA HIS D 235 -6.80 -8.19 15.59
C HIS D 235 -5.86 -7.57 14.57
N HIS D 236 -4.55 -7.81 14.73
CA HIS D 236 -3.59 -7.17 13.84
C HIS D 236 -3.58 -7.80 12.45
N LYS D 237 -3.93 -9.09 12.33
CA LYS D 237 -4.09 -9.66 11.00
C LYS D 237 -5.24 -8.99 10.25
N ARG D 238 -6.31 -8.64 10.97
CA ARG D 238 -7.42 -7.93 10.32
C ARG D 238 -6.98 -6.55 9.84
N LYS D 239 -6.19 -5.84 10.65
CA LYS D 239 -5.65 -4.55 10.24
C LYS D 239 -4.71 -4.69 9.04
N LEU D 240 -3.90 -5.75 9.02
CA LEU D 240 -2.98 -5.94 7.91
C LEU D 240 -3.73 -6.19 6.61
N LYS D 241 -4.79 -7.01 6.65
CA LYS D 241 -5.61 -7.21 5.45
C LYS D 241 -6.24 -5.91 4.99
N ALA D 242 -6.75 -5.11 5.94
CA ALA D 242 -7.32 -3.83 5.56
C ALA D 242 -6.26 -2.92 4.96
N ALA D 243 -5.06 -2.93 5.52
CA ALA D 243 -3.98 -2.10 5.02
C ALA D 243 -3.50 -2.52 3.64
N LYS D 244 -3.60 -3.81 3.32
CA LYS D 244 -3.30 -4.24 1.95
C LYS D 244 -4.20 -3.50 0.97
N ASP D 245 -5.45 -3.29 1.35
CA ASP D 245 -6.46 -2.57 0.56
C ASP D 245 -6.41 -1.05 0.72
N GLY D 246 -5.43 -0.49 1.43
CA GLY D 246 -5.45 0.93 1.78
C GLY D 246 -6.67 1.39 2.56
N ASN D 247 -7.30 0.50 3.33
CA ASN D 247 -8.57 0.79 4.00
C ASN D 247 -8.26 1.18 5.43
N PHE D 248 -8.37 2.48 5.72
CA PHE D 248 -8.13 3.00 7.05
C PHE D 248 -9.34 3.80 7.53
N ALA D 249 -10.53 3.39 7.11
CA ALA D 249 -11.73 3.97 7.68
C ALA D 249 -11.67 3.80 9.19
N PRO D 250 -12.06 4.82 9.96
CA PRO D 250 -11.78 4.79 11.40
C PRO D 250 -12.66 3.78 12.11
N GLN D 251 -12.02 2.78 12.69
CA GLN D 251 -12.60 2.01 13.77
C GLN D 251 -12.10 2.50 15.12
N PHE D 252 -10.78 2.65 15.24
CA PHE D 252 -10.17 3.29 16.40
C PHE D 252 -9.24 4.36 15.84
N PRO D 253 -9.67 5.62 15.79
CA PRO D 253 -8.86 6.66 15.14
C PRO D 253 -7.53 6.89 15.84
N ALA D 254 -6.55 7.32 15.05
CA ALA D 254 -5.22 7.61 15.58
C ALA D 254 -5.26 8.57 16.76
N ARG D 255 -6.17 9.57 16.72
CA ARG D 255 -6.21 10.54 17.81
C ARG D 255 -6.55 9.88 19.14
N LEU D 256 -7.38 8.84 19.14
CA LEU D 256 -7.72 8.16 20.38
C LEU D 256 -6.65 7.13 20.78
N MET D 257 -6.13 6.38 19.81
CA MET D 257 -5.08 5.41 20.14
C MET D 257 -3.85 6.10 20.71
N GLN D 258 -3.46 7.22 20.10
CA GLN D 258 -2.28 7.93 20.58
C GLN D 258 -2.52 8.53 21.97
N LYS D 259 -3.74 9.01 22.23
CA LYS D 259 -4.08 9.47 23.57
C LYS D 259 -3.96 8.34 24.58
N ASP D 260 -4.44 7.14 24.24
CA ASP D 260 -4.33 6.01 25.15
C ASP D 260 -2.88 5.66 25.41
N MET D 261 -2.03 5.78 24.39
CA MET D 261 -0.60 5.53 24.58
C MET D 261 0.01 6.57 25.52
N ARG D 262 -0.37 7.84 25.35
CA ARG D 262 0.09 8.89 26.27
C ARG D 262 -0.33 8.58 27.71
N LEU D 263 -1.58 8.15 27.91
CA LEU D 263 -2.02 7.80 29.26
C LEU D 263 -1.21 6.65 29.84
N LEU D 264 -0.95 5.61 29.04
CA LEU D 264 -0.17 4.48 29.51
C LEU D 264 1.25 4.89 29.88
N LEU D 265 1.88 5.72 29.05
CA LEU D 265 3.25 6.12 29.37
C LEU D 265 3.29 7.00 30.62
N ASP D 266 2.28 7.86 30.82
CA ASP D 266 2.24 8.62 32.05
C ASP D 266 2.07 7.70 33.26
N ALA D 267 1.18 6.72 33.15
CA ALA D 267 0.97 5.83 34.28
C ALA D 267 2.20 5.00 34.57
N ALA D 268 2.88 4.52 33.52
CA ALA D 268 4.08 3.73 33.72
C ALA D 268 5.19 4.56 34.35
N ALA D 269 5.27 5.84 34.00
CA ALA D 269 6.27 6.71 34.64
C ALA D 269 5.93 6.94 36.11
N ARG D 270 4.64 7.12 36.42
CA ARG D 270 4.26 7.29 37.83
C ARG D 270 4.56 6.05 38.65
N GLU D 271 4.44 4.86 38.07
CA GLU D 271 4.81 3.62 38.75
C GLU D 271 6.29 3.29 38.64
N ALA D 272 7.05 4.12 37.93
CA ALA D 272 8.49 3.93 37.72
C ALA D 272 8.79 2.54 37.15
N VAL D 273 8.07 2.16 36.10
CA VAL D 273 8.30 0.90 35.41
C VAL D 273 8.88 1.22 34.04
N PRO D 274 10.08 0.73 33.70
CA PRO D 274 10.63 1.02 32.37
C PRO D 274 9.93 0.21 31.29
N VAL D 275 9.44 0.90 30.26
CA VAL D 275 8.69 0.23 29.20
C VAL D 275 9.19 0.74 27.85
N PRO D 276 10.43 0.43 27.47
CA PRO D 276 11.00 1.05 26.26
C PRO D 276 10.26 0.69 24.97
N THR D 277 9.75 -0.54 24.83
CA THR D 277 9.03 -0.89 23.60
C THR D 277 7.76 -0.07 23.50
N LEU D 278 7.02 0.07 24.60
CA LEU D 278 5.79 0.85 24.58
C LEU D 278 6.08 2.33 24.35
N ALA D 279 7.20 2.82 24.91
CA ALA D 279 7.58 4.22 24.73
C ALA D 279 7.92 4.51 23.27
N ALA D 280 8.64 3.59 22.62
CA ALA D 280 8.95 3.74 21.19
C ALA D 280 7.69 3.72 20.34
N ALA D 281 6.79 2.77 20.63
CA ALA D 281 5.53 2.67 19.91
C ALA D 281 4.72 3.96 20.01
N THR D 282 4.72 4.58 21.20
CA THR D 282 3.98 5.83 21.40
C THR D 282 4.48 6.91 20.46
N GLN D 283 5.78 7.00 20.28
CA GLN D 283 6.30 8.02 19.39
C GLN D 283 5.88 7.78 17.95
N GLN D 284 5.83 6.51 17.54
CA GLN D 284 5.36 6.22 16.19
C GLN D 284 3.90 6.60 16.03
N LEU D 285 3.11 6.42 17.08
CA LEU D 285 1.70 6.77 17.02
C LEU D 285 1.47 8.27 17.15
N SER D 286 2.41 9.00 17.74
CA SER D 286 2.37 10.46 17.61
C SER D 286 2.53 10.88 16.16
N LEU D 287 3.50 10.30 15.45
CA LEU D 287 3.67 10.63 14.05
C LEU D 287 2.41 10.28 13.26
N THR D 288 1.82 9.10 13.52
CA THR D 288 0.58 8.69 12.87
C THR D 288 -0.53 9.71 13.10
N ARG D 289 -0.73 10.12 14.35
CA ARG D 289 -1.75 11.13 14.68
C ARG D 289 -1.50 12.45 13.97
N ARG D 290 -0.24 12.92 13.97
CA ARG D 290 0.10 14.18 13.32
C ARG D 290 -0.28 14.15 11.85
N LEU D 291 0.02 13.05 11.17
CA LEU D 291 -0.25 12.96 9.73
C LEU D 291 -1.72 12.72 9.41
N SER D 292 -2.45 11.98 10.27
CA SER D 292 -3.87 11.75 10.02
C SER D 292 -4.60 11.42 11.31
N PRO D 293 -5.15 12.42 11.99
CA PRO D 293 -5.74 12.15 13.31
C PRO D 293 -7.01 11.32 13.25
N ASN D 294 -7.74 11.36 12.14
CA ASN D 294 -9.09 10.81 12.12
C ASN D 294 -9.21 9.47 11.43
N GLU D 295 -8.21 9.04 10.67
CA GLU D 295 -8.23 7.71 10.10
C GLU D 295 -7.82 6.69 11.16
N ASP D 296 -8.07 5.42 10.86
CA ASP D 296 -7.74 4.36 11.80
C ASP D 296 -6.26 4.41 12.19
N TYR D 297 -5.98 4.05 13.45
CA TYR D 297 -4.61 4.07 13.95
C TYR D 297 -3.68 3.15 13.15
N SER D 298 -4.22 2.15 12.46
CA SER D 298 -3.38 1.28 11.65
C SER D 298 -2.80 1.98 10.43
N SER D 299 -3.17 3.23 10.18
CA SER D 299 -2.60 3.96 9.03
C SER D 299 -1.09 4.12 9.12
N LEU D 300 -0.47 3.88 10.29
CA LEU D 300 1.00 3.90 10.35
C LEU D 300 1.60 2.93 9.34
N ILE D 301 0.87 1.87 8.96
CA ILE D 301 1.40 0.95 7.95
C ILE D 301 1.62 1.71 6.64
N ARG D 302 0.62 2.49 6.22
CA ARG D 302 0.75 3.32 5.02
C ARG D 302 1.85 4.37 5.18
N VAL D 303 1.95 5.00 6.37
CA VAL D 303 3.02 5.96 6.65
C VAL D 303 4.38 5.32 6.41
N MET D 304 4.59 4.14 6.96
CA MET D 304 5.88 3.47 6.85
C MET D 304 6.15 3.07 5.41
N GLU D 305 5.12 2.62 4.69
CA GLU D 305 5.29 2.31 3.27
C GLU D 305 5.76 3.54 2.50
N LYS D 306 5.24 4.70 2.85
CA LYS D 306 5.62 5.93 2.16
C LYS D 306 7.06 6.32 2.47
N ILE D 307 7.49 6.12 3.72
CA ILE D 307 8.88 6.40 4.07
C ILE D 307 9.82 5.56 3.21
N VAL D 308 9.51 4.28 3.02
CA VAL D 308 10.45 3.44 2.29
C VAL D 308 10.33 3.64 0.78
N ALA D 309 9.18 4.12 0.30
CA ALA D 309 9.07 4.47 -1.11
C ALA D 309 9.97 5.63 -1.45
N ASN D 310 10.24 6.50 -0.48
CA ASN D 310 11.16 7.61 -0.65
C ASN D 310 12.46 7.31 0.10
N GLN E 18 36.53 -8.78 -35.43
CA GLN E 18 35.32 -9.56 -35.19
C GLN E 18 34.09 -8.70 -34.94
N ILE E 19 34.28 -7.52 -34.33
CA ILE E 19 33.17 -6.56 -34.26
C ILE E 19 32.89 -6.04 -35.67
N LEU E 20 31.62 -5.96 -36.02
CA LEU E 20 31.22 -5.67 -37.40
C LEU E 20 31.19 -4.16 -37.66
N SER E 21 32.32 -3.51 -37.39
CA SER E 21 32.53 -2.12 -37.73
C SER E 21 32.70 -1.97 -39.24
N PRO E 22 32.54 -0.75 -39.79
CA PRO E 22 32.79 -0.58 -41.22
C PRO E 22 34.21 -0.96 -41.62
N GLU E 23 35.17 -0.81 -40.71
CA GLU E 23 36.55 -1.17 -41.04
C GLU E 23 36.71 -2.69 -41.16
N ASN E 24 36.05 -3.45 -40.28
CA ASN E 24 36.19 -4.91 -40.32
C ASN E 24 35.22 -5.60 -41.28
N ALA E 25 34.05 -5.00 -41.53
CA ALA E 25 33.00 -5.67 -42.30
C ALA E 25 32.17 -4.62 -43.02
N PRO E 26 32.72 -4.01 -44.07
CA PRO E 26 32.07 -2.83 -44.64
C PRO E 26 30.80 -3.14 -45.41
N ARG E 27 30.66 -4.32 -46.01
CA ARG E 27 29.54 -4.56 -46.90
C ARG E 27 28.34 -5.12 -46.13
N ILE E 28 27.21 -4.42 -46.20
CA ILE E 28 25.96 -4.90 -45.63
C ILE E 28 24.97 -5.08 -46.78
N GLY E 29 24.45 -6.30 -46.93
CA GLY E 29 23.47 -6.61 -47.95
C GLY E 29 22.10 -6.77 -47.29
N PHE E 30 21.09 -6.20 -47.92
CA PHE E 30 19.72 -6.26 -47.43
C PHE E 30 18.89 -7.27 -48.24
N ILE E 31 18.12 -8.08 -47.54
CA ILE E 31 17.06 -8.88 -48.14
C ILE E 31 15.77 -8.16 -47.81
N GLY E 32 15.17 -7.51 -48.80
CA GLY E 32 14.07 -6.60 -48.54
C GLY E 32 14.59 -5.20 -48.32
N PHE E 33 13.97 -4.21 -48.96
CA PHE E 33 14.50 -2.87 -48.95
C PHE E 33 13.34 -1.89 -49.11
N GLY E 34 12.42 -1.91 -48.17
CA GLY E 34 11.23 -1.07 -48.20
C GLY E 34 11.32 0.16 -47.33
N ALA E 35 10.19 0.54 -46.76
CA ALA E 35 10.11 1.78 -45.99
C ALA E 35 11.13 1.79 -44.85
N MET E 36 11.19 0.70 -44.07
CA MET E 36 12.10 0.70 -42.94
C MET E 36 13.54 0.46 -43.37
N ALA E 37 13.75 -0.54 -44.24
CA ALA E 37 15.12 -0.93 -44.56
C ALA E 37 15.86 0.14 -45.34
N SER E 38 15.17 0.84 -46.25
CA SER E 38 15.84 1.89 -47.02
C SER E 38 16.31 3.02 -46.10
N ARG E 39 15.52 3.33 -45.07
CA ARG E 39 15.94 4.33 -44.10
C ARG E 39 17.10 3.84 -43.24
N MET E 40 17.05 2.56 -42.82
CA MET E 40 18.18 2.01 -42.10
C MET E 40 19.43 2.10 -42.95
N GLY E 41 19.30 1.72 -44.23
CA GLY E 41 20.46 1.70 -45.11
C GLY E 41 21.10 3.05 -45.27
N ASP E 42 20.28 4.11 -45.24
CA ASP E 42 20.83 5.45 -45.38
C ASP E 42 21.72 5.78 -44.19
N HIS E 43 21.30 5.39 -42.98
CA HIS E 43 22.13 5.65 -41.81
C HIS E 43 23.38 4.80 -41.82
N LEU E 44 23.29 3.58 -42.34
CA LEU E 44 24.46 2.70 -42.40
C LEU E 44 25.47 3.20 -43.43
N LYS E 45 24.98 3.70 -44.57
CA LYS E 45 25.82 4.40 -45.54
C LYS E 45 26.59 5.55 -44.89
N THR E 46 25.89 6.41 -44.16
CA THR E 46 26.54 7.55 -43.51
C THR E 46 27.58 7.09 -42.49
N ALA E 47 27.31 5.98 -41.78
CA ALA E 47 28.27 5.45 -40.83
C ALA E 47 29.47 4.78 -41.51
N GLY E 48 29.47 4.67 -42.83
CA GLY E 48 30.63 4.17 -43.55
C GLY E 48 30.50 2.78 -44.17
N TYR E 49 29.32 2.18 -44.15
CA TYR E 49 29.12 0.87 -44.76
C TYR E 49 28.77 1.02 -46.25
N THR E 50 29.09 -0.03 -47.00
CA THR E 50 28.72 -0.17 -48.40
C THR E 50 27.44 -1.01 -48.48
N ILE E 51 26.37 -0.44 -49.04
CA ILE E 51 25.03 -1.03 -48.99
C ILE E 51 24.70 -1.71 -50.32
N SER E 52 24.01 -2.84 -50.26
CA SER E 52 23.45 -3.51 -51.43
C SER E 52 22.11 -4.11 -51.01
N ALA E 53 21.28 -4.47 -51.99
CA ALA E 53 19.97 -5.00 -51.64
C ALA E 53 19.44 -5.96 -52.69
N TYR E 54 18.52 -6.81 -52.24
CA TYR E 54 17.66 -7.62 -53.09
C TYR E 54 16.21 -7.36 -52.73
N THR E 55 15.36 -7.24 -53.74
CA THR E 55 13.91 -7.34 -53.62
C THR E 55 13.38 -8.15 -54.79
N PRO E 56 12.27 -8.88 -54.61
CA PRO E 56 11.74 -9.69 -55.72
C PRO E 56 11.40 -8.87 -56.95
N SER E 57 10.90 -7.65 -56.77
CA SER E 57 10.55 -6.79 -57.89
C SER E 57 11.76 -6.11 -58.51
N GLY E 58 12.87 -6.02 -57.78
CA GLY E 58 14.08 -5.44 -58.31
C GLY E 58 14.22 -3.94 -58.12
N ARG E 59 13.25 -3.29 -57.48
CA ARG E 59 13.30 -1.85 -57.27
C ARG E 59 13.22 -1.54 -55.78
N SER E 60 13.53 -0.29 -55.45
CA SER E 60 13.63 0.17 -54.08
C SER E 60 13.50 1.67 -54.09
N PRO E 61 13.29 2.31 -52.93
CA PRO E 61 13.19 3.77 -52.90
C PRO E 61 14.54 4.48 -53.05
N SER E 62 15.67 3.77 -53.08
CA SER E 62 16.99 4.40 -53.12
C SER E 62 17.70 4.09 -54.43
N PRO E 63 17.71 5.00 -55.41
CA PRO E 63 18.31 4.68 -56.71
C PRO E 63 19.82 4.48 -56.67
N SER E 64 20.50 4.91 -55.61
CA SER E 64 21.94 4.73 -55.51
C SER E 64 22.36 3.33 -55.03
N VAL E 65 21.42 2.53 -54.54
CA VAL E 65 21.76 1.25 -53.90
C VAL E 65 21.75 0.16 -54.97
N PRO E 66 22.86 -0.55 -55.18
CA PRO E 66 22.88 -1.61 -56.20
C PRO E 66 21.94 -2.75 -55.82
N MET E 67 21.25 -3.27 -56.82
CA MET E 67 20.23 -4.29 -56.59
C MET E 67 20.75 -5.61 -57.17
N LEU E 68 20.68 -6.68 -56.36
CA LEU E 68 21.14 -7.99 -56.84
C LEU E 68 19.94 -8.84 -57.24
N PRO E 69 20.11 -9.78 -58.17
CA PRO E 69 18.94 -10.46 -58.76
C PRO E 69 18.34 -11.59 -57.94
N THR E 70 19.08 -12.18 -57.01
CA THR E 70 18.60 -13.28 -56.18
C THR E 70 19.11 -13.08 -54.76
N PRO E 71 18.45 -13.67 -53.76
CA PRO E 71 19.00 -13.59 -52.41
C PRO E 71 20.40 -14.20 -52.33
N LEU E 72 20.61 -15.29 -53.09
CA LEU E 72 21.93 -15.92 -53.14
C LEU E 72 22.99 -14.96 -53.62
N ALA E 73 22.71 -14.26 -54.72
CA ALA E 73 23.66 -13.29 -55.26
C ALA E 73 23.90 -12.15 -54.28
N LEU E 74 22.83 -11.68 -53.62
CA LEU E 74 23.00 -10.67 -52.58
C LEU E 74 24.00 -11.13 -51.52
N ALA E 75 23.75 -12.31 -50.95
CA ALA E 75 24.61 -12.77 -49.86
C ALA E 75 26.03 -13.03 -50.32
N LYS E 76 26.21 -13.42 -51.59
CA LYS E 76 27.56 -13.77 -52.04
C LYS E 76 28.51 -12.57 -52.07
N GLN E 77 27.99 -11.34 -52.25
CA GLN E 77 28.85 -10.16 -52.30
C GLN E 77 28.72 -9.24 -51.10
N ALA E 78 28.08 -9.68 -50.02
CA ALA E 78 27.96 -8.92 -48.78
C ALA E 78 28.67 -9.65 -47.62
N ASP E 79 29.04 -8.89 -46.58
CA ASP E 79 29.68 -9.42 -45.38
C ASP E 79 28.66 -9.79 -44.29
N THR E 80 27.77 -8.86 -43.97
CA THR E 80 26.64 -9.09 -43.07
C THR E 80 25.37 -8.96 -43.89
N VAL E 81 24.36 -9.77 -43.59
CA VAL E 81 23.07 -9.67 -44.25
C VAL E 81 22.04 -9.19 -43.25
N VAL E 82 21.25 -8.19 -43.64
CA VAL E 82 20.13 -7.71 -42.84
C VAL E 82 18.84 -8.04 -43.58
N VAL E 83 17.87 -8.63 -42.88
CA VAL E 83 16.61 -9.04 -43.48
C VAL E 83 15.51 -8.12 -42.97
N CYS E 84 14.67 -7.65 -43.89
CA CYS E 84 13.55 -6.76 -43.51
C CYS E 84 12.39 -7.03 -44.48
N VAL E 85 11.70 -8.14 -44.26
CA VAL E 85 10.63 -8.61 -45.15
C VAL E 85 9.28 -8.62 -44.43
N PRO E 86 8.16 -8.74 -45.15
CA PRO E 86 6.85 -8.53 -44.49
C PRO E 86 6.43 -9.63 -43.52
N ASP E 87 6.70 -10.90 -43.81
CA ASP E 87 6.05 -11.97 -43.04
C ASP E 87 6.81 -13.28 -43.18
N ASP E 88 6.30 -14.32 -42.51
CA ASP E 88 6.96 -15.63 -42.45
C ASP E 88 7.19 -16.20 -43.84
N GLU E 89 6.19 -16.08 -44.71
CA GLU E 89 6.26 -16.67 -46.05
C GLU E 89 7.33 -15.99 -46.88
N ALA E 90 7.39 -14.66 -46.81
CA ALA E 90 8.44 -13.92 -47.50
C ALA E 90 9.81 -14.32 -46.98
N LEU E 91 9.93 -14.48 -45.66
CA LEU E 91 11.20 -14.89 -45.08
C LEU E 91 11.64 -16.24 -45.62
N ALA E 92 10.73 -17.22 -45.64
CA ALA E 92 11.07 -18.54 -46.12
C ALA E 92 11.44 -18.52 -47.59
N ALA E 93 10.71 -17.72 -48.40
CA ALA E 93 10.97 -17.66 -49.83
C ALA E 93 12.38 -17.17 -50.13
N SER E 94 12.90 -16.25 -49.32
CA SER E 94 14.19 -15.64 -49.60
C SER E 94 15.35 -16.23 -48.81
N MET E 95 15.09 -16.94 -47.71
CA MET E 95 16.13 -17.52 -46.89
C MET E 95 16.58 -18.89 -47.36
N TYR E 96 15.64 -19.70 -47.86
CA TYR E 96 15.88 -21.13 -48.05
C TYR E 96 15.93 -21.48 -49.54
N GLY E 97 16.46 -22.68 -49.80
CA GLY E 97 16.59 -23.13 -51.18
C GLY E 97 17.93 -22.75 -51.79
N GLU E 98 18.19 -23.32 -52.97
CA GLU E 98 19.50 -23.11 -53.59
C GLU E 98 19.72 -21.67 -54.01
N ASN E 99 18.65 -20.88 -54.18
CA ASN E 99 18.78 -19.48 -54.53
C ASN E 99 18.54 -18.55 -53.35
N GLY E 100 18.31 -19.09 -52.15
CA GLY E 100 18.08 -18.29 -50.98
C GLY E 100 19.36 -17.74 -50.38
N ALA E 101 19.17 -16.90 -49.37
CA ALA E 101 20.29 -16.14 -48.82
C ALA E 101 21.26 -17.04 -48.05
N LEU E 102 20.74 -18.03 -47.31
CA LEU E 102 21.62 -18.85 -46.49
C LEU E 102 22.62 -19.63 -47.33
N ALA E 103 22.18 -20.12 -48.50
CA ALA E 103 23.08 -20.81 -49.42
C ALA E 103 24.20 -19.91 -49.93
N GLY E 104 24.00 -18.59 -49.88
CA GLY E 104 25.02 -17.65 -50.32
C GLY E 104 25.92 -17.11 -49.23
N MET E 105 25.69 -17.46 -47.97
CA MET E 105 26.47 -16.91 -46.88
C MET E 105 27.62 -17.83 -46.49
N THR E 106 28.69 -17.22 -46.01
CA THR E 106 29.89 -17.93 -45.61
C THR E 106 29.88 -18.13 -44.11
N LYS E 107 30.32 -19.33 -43.68
CA LYS E 107 30.42 -19.62 -42.25
C LYS E 107 31.15 -18.52 -41.50
N GLY E 108 30.63 -18.18 -40.32
CA GLY E 108 31.19 -17.12 -39.50
C GLY E 108 30.54 -15.77 -39.70
N SER E 109 29.80 -15.59 -40.78
CA SER E 109 29.08 -14.34 -41.01
C SER E 109 27.81 -14.29 -40.16
N LEU E 110 27.26 -13.10 -40.05
CA LEU E 110 26.09 -12.84 -39.21
C LEU E 110 24.90 -12.44 -40.08
N LEU E 111 23.73 -12.96 -39.74
CA LEU E 111 22.48 -12.58 -40.37
C LEU E 111 21.63 -11.90 -39.32
N ILE E 112 21.18 -10.67 -39.58
CA ILE E 112 20.38 -9.89 -38.64
C ILE E 112 18.98 -9.80 -39.21
N ASN E 113 18.01 -10.41 -38.54
CA ASN E 113 16.63 -10.39 -39.02
C ASN E 113 15.87 -9.30 -38.26
N THR E 114 15.57 -8.19 -38.94
CA THR E 114 14.79 -7.13 -38.32
C THR E 114 13.31 -7.24 -38.62
N SER E 115 12.91 -8.29 -39.34
CA SER E 115 11.51 -8.44 -39.72
C SER E 115 10.68 -8.81 -38.50
N SER E 116 9.38 -8.52 -38.57
CA SER E 116 8.43 -8.96 -37.55
C SER E 116 7.78 -10.25 -38.03
N VAL E 117 8.22 -11.37 -37.46
CA VAL E 117 7.80 -12.70 -37.87
C VAL E 117 7.47 -13.51 -36.61
N SER E 118 6.90 -14.68 -36.83
CA SER E 118 6.44 -15.51 -35.73
C SER E 118 7.61 -16.09 -34.95
N PRO E 119 7.39 -16.47 -33.68
CA PRO E 119 8.42 -17.25 -32.96
C PRO E 119 8.81 -18.53 -33.66
N GLU E 120 7.86 -19.20 -34.33
CA GLU E 120 8.18 -20.42 -35.09
C GLU E 120 9.13 -20.14 -36.24
N ALA E 121 8.84 -19.10 -37.03
CA ALA E 121 9.73 -18.75 -38.13
C ALA E 121 11.11 -18.37 -37.63
N THR E 122 11.16 -17.67 -36.49
CA THR E 122 12.42 -17.28 -35.87
C THR E 122 13.26 -18.50 -35.51
N ALA E 123 12.62 -19.49 -34.87
CA ALA E 123 13.35 -20.69 -34.47
C ALA E 123 13.84 -21.48 -35.69
N THR E 124 12.98 -21.58 -36.72
CA THR E 124 13.37 -22.28 -37.94
C THR E 124 14.59 -21.63 -38.59
N LEU E 125 14.60 -20.30 -38.69
CA LEU E 125 15.74 -19.60 -39.28
C LEU E 125 16.99 -19.72 -38.42
N TYR E 126 16.85 -19.64 -37.10
CA TYR E 126 18.01 -19.81 -36.24
C TYR E 126 18.65 -21.17 -36.46
N GLU E 127 17.84 -22.23 -36.48
CA GLU E 127 18.39 -23.58 -36.64
C GLU E 127 19.00 -23.76 -38.02
N ALA E 128 18.33 -23.23 -39.07
CA ALA E 128 18.89 -23.31 -40.41
C ALA E 128 20.23 -22.60 -40.49
N GLY E 129 20.32 -21.40 -39.91
CA GLY E 129 21.59 -20.70 -39.88
C GLY E 129 22.69 -21.51 -39.20
N GLN E 130 22.36 -22.14 -38.07
CA GLN E 130 23.37 -22.93 -37.37
C GLN E 130 23.93 -24.02 -38.27
N LYS E 131 23.08 -24.65 -39.09
CA LYS E 131 23.57 -25.68 -40.01
C LYS E 131 24.52 -25.12 -41.06
N HIS E 132 24.44 -23.84 -41.38
CA HIS E 132 25.34 -23.16 -42.30
C HIS E 132 26.48 -22.45 -41.59
N GLY E 133 26.62 -22.61 -40.27
CA GLY E 133 27.62 -21.85 -39.53
C GLY E 133 27.36 -20.36 -39.46
N VAL E 134 26.09 -19.96 -39.53
CA VAL E 134 25.69 -18.56 -39.54
C VAL E 134 24.87 -18.31 -38.28
N VAL E 135 25.32 -17.39 -37.44
CA VAL E 135 24.53 -16.94 -36.29
C VAL E 135 23.43 -16.01 -36.79
N VAL E 136 22.19 -16.26 -36.39
CA VAL E 136 21.07 -15.40 -36.76
C VAL E 136 20.61 -14.67 -35.50
N LEU E 137 20.64 -13.34 -35.55
CA LEU E 137 20.08 -12.50 -34.48
C LEU E 137 18.66 -12.13 -34.86
N ASP E 138 17.71 -12.39 -33.97
CA ASP E 138 16.36 -11.89 -34.18
C ASP E 138 16.31 -10.51 -33.53
N ALA E 139 16.31 -9.47 -34.36
CA ALA E 139 16.45 -8.09 -33.90
C ALA E 139 15.38 -7.21 -34.53
N PRO E 140 14.09 -7.53 -34.31
CA PRO E 140 13.05 -6.58 -34.69
C PRO E 140 13.23 -5.27 -33.96
N VAL E 141 12.55 -4.22 -34.44
CA VAL E 141 12.74 -2.88 -33.89
C VAL E 141 11.42 -2.28 -33.46
N SER E 142 11.49 -1.44 -32.43
CA SER E 142 10.36 -0.63 -31.99
C SER E 142 10.53 0.77 -32.55
N GLY E 143 9.51 1.27 -33.24
CA GLY E 143 9.58 2.54 -33.93
C GLY E 143 9.18 2.35 -35.38
N SER E 144 8.73 3.43 -36.00
CA SER E 144 8.22 3.39 -37.35
C SER E 144 9.10 4.24 -38.26
N THR E 145 8.55 4.69 -39.40
CA THR E 145 9.38 5.45 -40.33
C THR E 145 9.92 6.76 -39.77
N PRO E 146 9.22 7.53 -38.91
CA PRO E 146 9.86 8.71 -38.32
C PRO E 146 11.07 8.36 -37.48
N GLU E 147 10.99 7.29 -36.71
CA GLU E 147 12.12 6.87 -35.90
C GLU E 147 13.23 6.27 -36.75
N ALA E 148 12.89 5.58 -37.84
CA ALA E 148 13.93 5.12 -38.74
C ALA E 148 14.65 6.29 -39.37
N ASP E 149 13.91 7.36 -39.72
CA ASP E 149 14.52 8.55 -40.31
C ASP E 149 15.52 9.19 -39.37
N SER E 150 15.21 9.24 -38.08
CA SER E 150 16.06 9.91 -37.10
C SER E 150 17.00 8.95 -36.38
N ALA E 151 17.06 7.68 -36.80
CA ALA E 151 17.89 6.67 -36.15
C ALA E 151 17.63 6.61 -34.64
N SER E 152 16.36 6.69 -34.27
CA SER E 152 15.95 6.53 -32.88
C SER E 152 15.12 5.26 -32.68
N LEU E 153 15.28 4.28 -33.56
CA LEU E 153 14.73 2.95 -33.32
C LEU E 153 15.23 2.37 -32.00
N VAL E 154 14.41 1.52 -31.40
CA VAL E 154 14.81 0.69 -30.27
C VAL E 154 14.95 -0.75 -30.78
N ILE E 155 16.15 -1.32 -30.66
CA ILE E 155 16.42 -2.64 -31.21
C ILE E 155 16.11 -3.68 -30.13
N LEU E 156 15.32 -4.70 -30.48
CA LEU E 156 14.89 -5.74 -29.53
C LEU E 156 15.54 -7.04 -29.97
N VAL E 157 16.64 -7.46 -29.34
CA VAL E 157 17.48 -8.50 -29.94
C VAL E 157 17.58 -9.73 -29.04
N GLY E 158 17.43 -10.89 -29.66
CA GLY E 158 17.64 -12.17 -29.01
C GLY E 158 18.92 -12.80 -29.52
N GLY E 159 19.69 -13.36 -28.62
CA GLY E 159 20.93 -14.03 -29.00
C GLY E 159 21.92 -14.01 -27.86
N ASP E 160 23.06 -14.65 -28.11
CA ASP E 160 24.15 -14.64 -27.15
C ASP E 160 24.77 -13.25 -27.05
N LYS E 161 25.19 -12.88 -25.84
CA LYS E 161 25.72 -11.54 -25.62
C LYS E 161 26.90 -11.23 -26.55
N ASP E 162 27.73 -12.24 -26.86
CA ASP E 162 28.90 -11.98 -27.70
C ASP E 162 28.50 -11.65 -29.14
N ASP E 163 27.44 -12.28 -29.65
CA ASP E 163 26.97 -11.97 -30.99
C ASP E 163 26.27 -10.61 -31.03
N VAL E 164 25.52 -10.27 -29.99
CA VAL E 164 24.92 -8.93 -29.91
C VAL E 164 26.03 -7.88 -29.94
N ALA E 165 27.12 -8.14 -29.22
CA ALA E 165 28.24 -7.20 -29.18
C ALA E 165 28.89 -7.03 -30.55
N ARG E 166 28.99 -8.10 -31.33
CA ARG E 166 29.53 -7.99 -32.69
C ARG E 166 28.72 -7.01 -33.53
N ALA E 167 27.40 -7.04 -33.38
CA ALA E 167 26.53 -6.22 -34.23
C ALA E 167 26.30 -4.82 -33.69
N ALA E 168 26.87 -4.48 -32.53
CA ALA E 168 26.68 -3.16 -31.92
C ALA E 168 26.89 -1.98 -32.86
N PRO E 169 27.95 -1.89 -33.66
CA PRO E 169 28.05 -0.72 -34.55
C PRO E 169 26.89 -0.59 -35.51
N ILE E 170 26.32 -1.71 -35.98
CA ILE E 170 25.18 -1.63 -36.88
C ILE E 170 23.95 -1.16 -36.13
N PHE E 171 23.67 -1.76 -34.97
CA PHE E 171 22.55 -1.35 -34.13
C PHE E 171 22.68 0.11 -33.69
N ASP E 172 23.90 0.55 -33.37
CA ASP E 172 24.09 1.94 -32.95
C ASP E 172 23.85 2.93 -34.09
N ALA E 173 24.11 2.53 -35.34
CA ALA E 173 23.91 3.44 -36.45
C ALA E 173 22.43 3.63 -36.77
N ILE E 174 21.60 2.60 -36.57
CA ILE E 174 20.20 2.70 -36.93
C ILE E 174 19.29 3.03 -35.75
N GLY E 175 19.81 3.00 -34.52
CA GLY E 175 18.95 3.11 -33.35
C GLY E 175 19.58 3.94 -32.26
N LYS E 176 18.75 4.20 -31.23
CA LYS E 176 19.15 4.93 -30.03
C LYS E 176 19.35 4.03 -28.83
N LEU E 177 18.91 2.77 -28.90
CA LEU E 177 18.97 1.88 -27.75
C LEU E 177 18.83 0.46 -28.25
N THR E 178 19.68 -0.43 -27.72
CA THR E 178 19.61 -1.86 -27.99
C THR E 178 19.23 -2.56 -26.70
N ILE E 179 18.07 -3.21 -26.69
CA ILE E 179 17.63 -4.03 -25.57
C ILE E 179 17.96 -5.48 -25.86
N HIS E 180 18.85 -6.07 -25.07
CA HIS E 180 19.12 -7.50 -25.17
C HIS E 180 18.03 -8.23 -24.41
N ALA E 181 17.09 -8.82 -25.15
CA ALA E 181 15.87 -9.38 -24.57
C ALA E 181 16.08 -10.78 -24.01
N GLY E 182 17.20 -11.43 -24.30
CA GLY E 182 17.40 -12.81 -23.94
C GLY E 182 18.01 -13.59 -25.08
N PRO E 183 17.99 -14.92 -24.99
CA PRO E 183 18.55 -15.74 -26.07
C PRO E 183 17.73 -15.68 -27.34
N THR E 184 18.14 -16.45 -28.36
CA THR E 184 17.40 -16.51 -29.62
C THR E 184 15.90 -16.68 -29.40
N GLY E 185 15.12 -15.89 -30.16
CA GLY E 185 13.68 -15.89 -30.02
C GLY E 185 13.14 -14.82 -29.09
N SER E 186 13.97 -14.27 -28.20
CA SER E 186 13.48 -13.31 -27.23
C SER E 186 13.12 -11.98 -27.87
N GLY E 187 13.88 -11.56 -28.90
CA GLY E 187 13.55 -10.31 -29.57
C GLY E 187 12.21 -10.39 -30.29
N ALA E 188 11.98 -11.50 -31.00
CA ALA E 188 10.72 -11.72 -31.68
C ALA E 188 9.55 -11.65 -30.69
N ARG E 189 9.72 -12.25 -29.51
CA ARG E 189 8.62 -12.27 -28.54
C ARG E 189 8.37 -10.88 -27.96
N LEU E 190 9.44 -10.15 -27.64
CA LEU E 190 9.29 -8.79 -27.11
C LEU E 190 8.64 -7.87 -28.13
N LYS E 191 8.97 -8.04 -29.42
CA LYS E 191 8.29 -7.26 -30.46
C LYS E 191 6.78 -7.54 -30.47
N LEU E 192 6.39 -8.80 -30.31
CA LEU E 192 4.96 -9.14 -30.29
C LEU E 192 4.26 -8.44 -29.12
N VAL E 193 4.91 -8.42 -27.95
CA VAL E 193 4.37 -7.72 -26.79
C VAL E 193 4.10 -6.27 -27.12
N ILE E 194 5.11 -5.59 -27.66
CA ILE E 194 5.01 -4.16 -27.92
C ILE E 194 3.99 -3.88 -29.02
N ASN E 195 3.92 -4.76 -30.03
CA ASN E 195 2.93 -4.60 -31.09
C ASN E 195 1.51 -4.67 -30.56
N GLY E 196 1.26 -5.59 -29.62
CA GLY E 196 -0.08 -5.68 -29.05
C GLY E 196 -0.46 -4.41 -28.32
N ILE E 197 0.47 -3.86 -27.54
CA ILE E 197 0.22 -2.61 -26.84
C ILE E 197 -0.11 -1.49 -27.83
N MET E 198 0.67 -1.42 -28.91
CA MET E 198 0.48 -0.38 -29.93
C MET E 198 -0.88 -0.54 -30.62
N GLY E 199 -1.17 -1.75 -31.07
CA GLY E 199 -2.41 -2.02 -31.80
C GLY E 199 -3.65 -1.77 -30.97
N ALA E 200 -3.70 -2.37 -29.78
CA ALA E 200 -4.87 -2.17 -28.92
C ALA E 200 -4.94 -0.75 -28.38
N GLY E 201 -3.80 -0.07 -28.24
CA GLY E 201 -3.87 1.34 -27.87
C GLY E 201 -4.60 2.16 -28.91
N LEU E 202 -4.37 1.87 -30.19
CA LEU E 202 -5.05 2.62 -31.23
C LEU E 202 -6.53 2.26 -31.29
N THR E 203 -6.87 0.97 -31.19
CA THR E 203 -8.28 0.63 -31.31
C THR E 203 -9.07 1.19 -30.13
N THR E 204 -8.46 1.16 -28.93
CA THR E 204 -9.06 1.79 -27.75
C THR E 204 -9.36 3.25 -28.02
N LEU E 205 -8.36 3.97 -28.56
CA LEU E 205 -8.53 5.40 -28.80
C LEU E 205 -9.60 5.66 -29.85
N ALA E 206 -9.61 4.89 -30.94
CA ALA E 206 -10.62 5.09 -31.98
C ALA E 206 -12.03 4.85 -31.45
N GLU E 207 -12.21 3.82 -30.63
CA GLU E 207 -13.53 3.53 -30.07
C GLU E 207 -13.96 4.58 -29.08
N SER E 208 -13.02 5.04 -28.25
CA SER E 208 -13.38 6.03 -27.24
C SER E 208 -13.76 7.35 -27.91
N VAL E 209 -12.99 7.76 -28.92
CA VAL E 209 -13.34 8.95 -29.71
C VAL E 209 -14.71 8.76 -30.36
N ALA E 210 -14.94 7.59 -30.95
CA ALA E 210 -16.22 7.32 -31.61
C ALA E 210 -17.38 7.46 -30.65
N TYR E 211 -17.25 6.93 -29.42
CA TYR E 211 -18.32 7.14 -28.45
C TYR E 211 -18.53 8.63 -28.19
N GLY E 212 -17.43 9.35 -27.95
CA GLY E 212 -17.55 10.78 -27.67
C GLY E 212 -18.28 11.55 -28.75
N LEU E 213 -17.94 11.28 -30.01
CA LEU E 213 -18.61 11.93 -31.13
C LEU E 213 -20.07 11.52 -31.21
N SER E 214 -20.36 10.22 -30.98
CA SER E 214 -21.74 9.75 -31.03
C SER E 214 -22.60 10.39 -29.98
N ALA E 215 -21.99 10.78 -28.86
CA ALA E 215 -22.69 11.39 -27.75
C ALA E 215 -22.77 12.90 -27.89
N GLY E 216 -22.33 13.45 -29.02
CA GLY E 216 -22.50 14.86 -29.32
C GLY E 216 -21.34 15.78 -28.98
N LEU E 217 -20.19 15.25 -28.57
CA LEU E 217 -19.05 16.12 -28.29
C LEU E 217 -18.48 16.71 -29.58
N ASP E 218 -18.16 18.00 -29.50
CA ASP E 218 -17.55 18.71 -30.64
C ASP E 218 -16.22 18.04 -31.00
N ARG E 219 -16.04 17.77 -32.29
CA ARG E 219 -14.88 16.98 -32.73
C ARG E 219 -13.58 17.70 -32.42
N SER E 220 -13.50 18.99 -32.73
CA SER E 220 -12.26 19.73 -32.50
C SER E 220 -11.94 19.80 -31.02
N MET E 221 -12.96 20.06 -30.19
CA MET E 221 -12.77 20.09 -28.75
C MET E 221 -12.23 18.75 -28.26
N LEU E 222 -12.85 17.66 -28.73
CA LEU E 222 -12.53 16.32 -28.22
C LEU E 222 -11.10 15.92 -28.55
N PHE E 223 -10.68 16.09 -29.82
CA PHE E 223 -9.30 15.75 -30.18
C PHE E 223 -8.30 16.58 -29.38
N ASP E 224 -8.61 17.86 -29.19
CA ASP E 224 -7.67 18.72 -28.46
C ASP E 224 -7.64 18.37 -26.96
N ALA E 225 -8.79 18.01 -26.39
CA ALA E 225 -8.85 17.64 -24.98
C ALA E 225 -8.02 16.40 -24.70
N LEU E 226 -8.10 15.41 -25.58
CA LEU E 226 -7.38 14.16 -25.36
C LEU E 226 -5.88 14.34 -25.48
N ASP E 227 -5.42 15.36 -26.20
CA ASP E 227 -4.00 15.68 -26.17
C ASP E 227 -3.50 16.10 -24.81
N GLN E 228 -4.40 16.46 -23.90
CA GLN E 228 -4.03 17.01 -22.60
C GLN E 228 -4.03 15.99 -21.47
N VAL E 229 -4.40 14.71 -21.71
CA VAL E 229 -4.53 13.75 -20.62
C VAL E 229 -3.32 12.81 -20.60
N ALA E 230 -3.08 12.24 -19.42
CA ALA E 230 -1.88 11.45 -19.18
C ALA E 230 -2.07 9.98 -19.51
N VAL E 231 -3.26 9.57 -19.96
CA VAL E 231 -3.55 8.16 -20.13
C VAL E 231 -3.39 7.73 -21.59
N ILE E 232 -2.89 8.61 -22.48
CA ILE E 232 -2.58 8.29 -23.87
C ILE E 232 -1.07 8.37 -24.08
N SER E 233 -0.52 7.40 -24.79
CA SER E 233 0.91 7.35 -25.02
C SER E 233 1.36 8.46 -25.99
N PRO E 234 2.63 8.85 -25.93
CA PRO E 234 3.12 9.84 -26.91
C PRO E 234 2.93 9.39 -28.35
N HIS E 235 3.13 8.09 -28.61
CA HIS E 235 2.91 7.59 -29.96
C HIS E 235 1.48 7.81 -30.39
N HIS E 236 0.54 7.45 -29.52
CA HIS E 236 -0.87 7.54 -29.90
C HIS E 236 -1.36 8.97 -29.92
N LYS E 237 -0.74 9.86 -29.11
CA LYS E 237 -1.07 11.28 -29.23
C LYS E 237 -0.64 11.83 -30.57
N ARG E 238 0.53 11.41 -31.08
CA ARG E 238 0.92 11.81 -32.42
C ARG E 238 -0.07 11.32 -33.47
N LYS E 239 -0.55 10.07 -33.33
CA LYS E 239 -1.53 9.54 -34.26
C LYS E 239 -2.85 10.31 -34.17
N LEU E 240 -3.24 10.71 -32.96
CA LEU E 240 -4.49 11.45 -32.82
C LEU E 240 -4.41 12.81 -33.51
N LYS E 241 -3.28 13.51 -33.35
CA LYS E 241 -3.13 14.80 -34.02
C LYS E 241 -3.16 14.62 -35.52
N ALA E 242 -2.51 13.57 -36.03
CA ALA E 242 -2.59 13.31 -37.46
C ALA E 242 -4.02 13.01 -37.88
N ALA E 243 -4.75 12.23 -37.08
CA ALA E 243 -6.13 11.90 -37.42
C ALA E 243 -7.05 13.11 -37.37
N LYS E 244 -6.75 14.10 -36.51
CA LYS E 244 -7.54 15.33 -36.56
C LYS E 244 -7.45 15.97 -37.93
N ASP E 245 -6.27 15.91 -38.55
CA ASP E 245 -5.98 16.41 -39.89
C ASP E 245 -6.37 15.44 -41.01
N GLY E 246 -6.98 14.30 -40.71
CA GLY E 246 -7.19 13.32 -41.75
C GLY E 246 -5.93 12.76 -42.41
N ASN E 247 -4.79 12.80 -41.72
CA ASN E 247 -3.51 12.43 -42.32
C ASN E 247 -3.22 10.97 -41.96
N PHE E 248 -3.40 10.08 -42.94
CA PHE E 248 -3.09 8.66 -42.77
C PHE E 248 -2.09 8.18 -43.81
N ALA E 249 -1.23 9.10 -44.25
CA ALA E 249 -0.08 8.68 -45.04
C ALA E 249 0.64 7.56 -44.31
N PRO E 250 1.06 6.50 -45.01
CA PRO E 250 1.51 5.30 -44.30
C PRO E 250 2.83 5.54 -43.60
N GLN E 251 2.82 5.37 -42.28
CA GLN E 251 4.03 5.11 -41.52
C GLN E 251 4.16 3.64 -41.20
N PHE E 252 3.12 3.07 -40.59
CA PHE E 252 2.99 1.63 -40.37
C PHE E 252 1.65 1.27 -41.01
N PRO E 253 1.64 0.75 -42.23
CA PRO E 253 0.36 0.47 -42.90
C PRO E 253 -0.48 -0.59 -42.20
N ALA E 254 -1.80 -0.46 -42.38
CA ALA E 254 -2.74 -1.41 -41.80
C ALA E 254 -2.40 -2.85 -42.13
N ARG E 255 -1.95 -3.13 -43.36
CA ARG E 255 -1.65 -4.50 -43.73
C ARG E 255 -0.54 -5.11 -42.87
N LEU E 256 0.44 -4.31 -42.45
CA LEU E 256 1.50 -4.85 -41.60
C LEU E 256 1.06 -4.89 -40.12
N MET E 257 0.38 -3.85 -39.65
CA MET E 257 -0.11 -3.87 -38.27
C MET E 257 -1.02 -5.05 -38.04
N GLN E 258 -1.95 -5.28 -38.97
CA GLN E 258 -2.90 -6.38 -38.79
C GLN E 258 -2.19 -7.72 -38.83
N LYS E 259 -1.19 -7.87 -39.71
CA LYS E 259 -0.37 -9.09 -39.72
C LYS E 259 0.31 -9.30 -38.37
N ASP E 260 0.87 -8.23 -37.78
CA ASP E 260 1.51 -8.36 -36.47
C ASP E 260 0.52 -8.78 -35.40
N MET E 261 -0.72 -8.28 -35.48
CA MET E 261 -1.74 -8.69 -34.52
C MET E 261 -2.08 -10.16 -34.71
N ARG E 262 -2.17 -10.61 -35.97
CA ARG E 262 -2.40 -12.03 -36.24
C ARG E 262 -1.29 -12.89 -35.62
N LEU E 263 -0.03 -12.50 -35.79
CA LEU E 263 1.06 -13.27 -35.21
C LEU E 263 0.96 -13.31 -33.69
N LEU E 264 0.62 -12.17 -33.07
CA LEU E 264 0.52 -12.14 -31.61
C LEU E 264 -0.60 -13.03 -31.13
N LEU E 265 -1.75 -13.00 -31.81
CA LEU E 265 -2.87 -13.81 -31.32
C LEU E 265 -2.61 -15.29 -31.54
N ASP E 266 -1.92 -15.66 -32.63
CA ASP E 266 -1.49 -17.04 -32.77
C ASP E 266 -0.55 -17.47 -31.64
N ALA E 267 0.42 -16.61 -31.30
CA ALA E 267 1.37 -16.99 -30.27
C ALA E 267 0.70 -17.08 -28.91
N ALA E 268 -0.20 -16.14 -28.62
CA ALA E 268 -0.91 -16.21 -27.35
C ALA E 268 -1.77 -17.45 -27.27
N ALA E 269 -2.36 -17.89 -28.39
CA ALA E 269 -3.13 -19.14 -28.35
C ALA E 269 -2.21 -20.35 -28.16
N ARG E 270 -1.03 -20.36 -28.79
CA ARG E 270 -0.12 -21.47 -28.58
C ARG E 270 0.32 -21.55 -27.13
N GLU E 271 0.44 -20.41 -26.44
CA GLU E 271 0.80 -20.36 -25.04
C GLU E 271 -0.41 -20.49 -24.11
N ALA E 272 -1.61 -20.63 -24.67
CA ALA E 272 -2.86 -20.70 -23.90
C ALA E 272 -2.99 -19.56 -22.88
N VAL E 273 -2.72 -18.34 -23.33
CA VAL E 273 -2.91 -17.15 -22.50
C VAL E 273 -4.14 -16.41 -23.00
N PRO E 274 -5.17 -16.22 -22.17
CA PRO E 274 -6.39 -15.51 -22.61
C PRO E 274 -6.16 -14.02 -22.69
N VAL E 275 -6.36 -13.44 -23.88
CA VAL E 275 -6.08 -12.01 -24.08
C VAL E 275 -7.27 -11.36 -24.79
N PRO E 276 -8.41 -11.22 -24.12
CA PRO E 276 -9.61 -10.71 -24.81
C PRO E 276 -9.47 -9.31 -25.36
N THR E 277 -8.73 -8.41 -24.69
CA THR E 277 -8.60 -7.05 -25.23
C THR E 277 -7.82 -7.06 -26.54
N LEU E 278 -6.71 -7.78 -26.56
CA LEU E 278 -5.91 -7.89 -27.77
C LEU E 278 -6.67 -8.60 -28.89
N ALA E 279 -7.50 -9.57 -28.54
CA ALA E 279 -8.29 -10.27 -29.57
C ALA E 279 -9.31 -9.33 -30.20
N ALA E 280 -9.98 -8.52 -29.38
CA ALA E 280 -10.93 -7.54 -29.90
C ALA E 280 -10.21 -6.52 -30.78
N ALA E 281 -9.03 -6.08 -30.32
CA ALA E 281 -8.29 -5.11 -31.12
C ALA E 281 -7.94 -5.70 -32.47
N THR E 282 -7.55 -6.99 -32.50
CA THR E 282 -7.17 -7.63 -33.75
C THR E 282 -8.32 -7.59 -34.75
N GLN E 283 -9.55 -7.81 -34.29
CA GLN E 283 -10.67 -7.84 -35.23
C GLN E 283 -10.95 -6.45 -35.79
N GLN E 284 -10.79 -5.42 -34.96
CA GLN E 284 -10.92 -4.05 -35.45
C GLN E 284 -9.84 -3.73 -36.48
N LEU E 285 -8.64 -4.27 -36.30
CA LEU E 285 -7.60 -4.00 -37.28
C LEU E 285 -7.77 -4.86 -38.53
N SER E 286 -8.47 -6.00 -38.45
CA SER E 286 -8.86 -6.69 -39.68
C SER E 286 -9.83 -5.83 -40.51
N LEU E 287 -10.80 -5.20 -39.86
CA LEU E 287 -11.69 -4.27 -40.57
C LEU E 287 -10.88 -3.13 -41.19
N THR E 288 -9.95 -2.55 -40.43
CA THR E 288 -9.12 -1.46 -40.94
C THR E 288 -8.35 -1.89 -42.20
N ARG E 289 -7.72 -3.06 -42.14
CA ARG E 289 -6.97 -3.56 -43.30
C ARG E 289 -7.87 -3.81 -44.49
N ARG E 290 -9.03 -4.39 -44.26
CA ARG E 290 -9.95 -4.64 -45.36
C ARG E 290 -10.34 -3.35 -46.06
N LEU E 291 -10.66 -2.31 -45.27
CA LEU E 291 -11.10 -1.05 -45.85
C LEU E 291 -9.97 -0.28 -46.52
N SER E 292 -8.75 -0.32 -45.96
CA SER E 292 -7.62 0.40 -46.53
C SER E 292 -6.32 -0.26 -46.11
N PRO E 293 -5.80 -1.19 -46.91
CA PRO E 293 -4.60 -1.93 -46.50
C PRO E 293 -3.34 -1.08 -46.47
N ASN E 294 -3.26 -0.03 -47.28
CA ASN E 294 -1.98 0.65 -47.49
C ASN E 294 -1.87 1.98 -46.75
N GLU E 295 -2.95 2.52 -46.22
CA GLU E 295 -2.84 3.72 -45.40
C GLU E 295 -2.39 3.33 -43.99
N ASP E 296 -1.99 4.34 -43.22
CA ASP E 296 -1.52 4.09 -41.85
C ASP E 296 -2.57 3.32 -41.07
N TYR E 297 -2.10 2.45 -40.16
CA TYR E 297 -3.02 1.66 -39.34
C TYR E 297 -3.94 2.53 -38.48
N SER E 298 -3.53 3.76 -38.17
CA SER E 298 -4.37 4.65 -37.39
C SER E 298 -5.62 5.09 -38.15
N SER E 299 -5.77 4.73 -39.43
CA SER E 299 -6.99 5.06 -40.17
C SER E 299 -8.25 4.47 -39.55
N LEU E 300 -8.14 3.51 -38.64
CA LEU E 300 -9.33 3.09 -37.90
C LEU E 300 -10.04 4.26 -37.21
N ILE E 301 -9.30 5.32 -36.86
CA ILE E 301 -10.00 6.47 -36.26
C ILE E 301 -11.02 7.03 -37.26
N ARG E 302 -10.60 7.18 -38.52
CA ARG E 302 -11.50 7.66 -39.58
C ARG E 302 -12.64 6.68 -39.83
N VAL E 303 -12.33 5.38 -39.86
CA VAL E 303 -13.35 4.34 -40.03
C VAL E 303 -14.44 4.48 -38.97
N MET E 304 -14.05 4.65 -37.70
CA MET E 304 -15.08 4.76 -36.66
C MET E 304 -15.84 6.07 -36.76
N GLU E 305 -15.17 7.17 -37.14
CA GLU E 305 -15.89 8.42 -37.34
C GLU E 305 -16.96 8.26 -38.40
N LYS E 306 -16.66 7.49 -39.44
CA LYS E 306 -17.64 7.29 -40.49
C LYS E 306 -18.79 6.41 -40.02
N ILE E 307 -18.50 5.43 -39.17
CA ILE E 307 -19.57 4.60 -38.60
C ILE E 307 -20.55 5.47 -37.84
N VAL E 308 -20.05 6.39 -37.02
CA VAL E 308 -20.97 7.17 -36.21
C VAL E 308 -21.62 8.30 -37.00
N ALA E 309 -21.02 8.71 -38.12
CA ALA E 309 -21.74 9.61 -39.00
C ALA E 309 -22.92 8.90 -39.67
N ASN E 310 -22.74 7.61 -39.98
CA ASN E 310 -23.81 6.69 -40.39
C ASN E 310 -24.64 7.28 -41.54
N ILE F 179 -20.33 -34.29 -47.17
CA ILE F 179 -20.70 -33.11 -47.94
C ILE F 179 -19.53 -32.74 -48.83
N HIS F 180 -19.81 -32.61 -50.13
CA HIS F 180 -18.82 -32.09 -51.08
C HIS F 180 -18.78 -30.58 -50.93
N ALA F 181 -17.75 -30.07 -50.25
CA ALA F 181 -17.70 -28.64 -49.96
C ALA F 181 -17.22 -27.82 -51.14
N GLY F 182 -16.61 -28.44 -52.16
CA GLY F 182 -16.05 -27.72 -53.28
C GLY F 182 -14.69 -28.27 -53.66
N PRO F 183 -13.89 -27.49 -54.39
CA PRO F 183 -12.55 -27.95 -54.78
C PRO F 183 -11.59 -28.10 -53.61
N THR F 184 -10.34 -28.46 -53.90
CA THR F 184 -9.34 -28.63 -52.84
C THR F 184 -9.29 -27.41 -51.93
N GLY F 185 -9.23 -27.68 -50.63
CA GLY F 185 -9.23 -26.65 -49.62
C GLY F 185 -10.59 -26.37 -49.01
N SER F 186 -11.67 -26.79 -49.68
CA SER F 186 -13.01 -26.41 -49.24
C SER F 186 -13.41 -27.17 -47.97
N GLY F 187 -12.97 -28.41 -47.83
CA GLY F 187 -13.29 -29.16 -46.61
C GLY F 187 -12.57 -28.60 -45.40
N ALA F 188 -11.30 -28.21 -45.58
CA ALA F 188 -10.58 -27.55 -44.48
C ALA F 188 -11.31 -26.29 -44.05
N ARG F 189 -11.78 -25.50 -45.02
CA ARG F 189 -12.43 -24.23 -44.70
C ARG F 189 -13.77 -24.46 -44.02
N LEU F 190 -14.57 -25.40 -44.54
CA LEU F 190 -15.89 -25.65 -43.95
C LEU F 190 -15.78 -26.19 -42.54
N LYS F 191 -14.78 -27.03 -42.28
CA LYS F 191 -14.53 -27.54 -40.93
C LYS F 191 -14.24 -26.39 -39.96
N LEU F 192 -13.41 -25.43 -40.40
CA LEU F 192 -13.14 -24.28 -39.54
C LEU F 192 -14.41 -23.49 -39.26
N VAL F 193 -15.29 -23.33 -40.25
CA VAL F 193 -16.58 -22.65 -40.03
C VAL F 193 -17.36 -23.36 -38.92
N ILE F 194 -17.50 -24.69 -39.05
CA ILE F 194 -18.32 -25.44 -38.10
C ILE F 194 -17.69 -25.47 -36.71
N ASN F 195 -16.36 -25.62 -36.63
CA ASN F 195 -15.68 -25.59 -35.33
C ASN F 195 -15.93 -24.30 -34.59
N GLY F 196 -15.89 -23.17 -35.30
CA GLY F 196 -16.07 -21.89 -34.66
C GLY F 196 -17.46 -21.75 -34.07
N ILE F 197 -18.47 -22.25 -34.80
CA ILE F 197 -19.83 -22.26 -34.28
C ILE F 197 -19.90 -23.09 -33.01
N MET F 198 -19.25 -24.25 -33.03
CA MET F 198 -19.29 -25.13 -31.87
C MET F 198 -18.60 -24.49 -30.66
N GLY F 199 -17.40 -23.93 -30.87
CA GLY F 199 -16.67 -23.36 -29.75
C GLY F 199 -17.36 -22.15 -29.14
N ALA F 200 -17.80 -21.21 -29.98
CA ALA F 200 -18.44 -20.02 -29.47
C ALA F 200 -19.80 -20.34 -28.88
N GLY F 201 -20.51 -21.33 -29.43
CA GLY F 201 -21.75 -21.77 -28.80
C GLY F 201 -21.53 -22.17 -27.36
N LEU F 202 -20.42 -22.84 -27.07
CA LEU F 202 -20.17 -23.27 -25.71
C LEU F 202 -19.79 -22.08 -24.84
N THR F 203 -18.92 -21.19 -25.33
CA THR F 203 -18.49 -20.10 -24.45
C THR F 203 -19.67 -19.17 -24.16
N THR F 204 -20.56 -18.99 -25.14
CA THR F 204 -21.79 -18.22 -24.92
C THR F 204 -22.64 -18.85 -23.82
N LEU F 205 -22.82 -20.16 -23.91
CA LEU F 205 -23.64 -20.87 -22.92
C LEU F 205 -23.02 -20.79 -21.53
N ALA F 206 -21.71 -21.04 -21.43
CA ALA F 206 -21.02 -20.97 -20.15
C ALA F 206 -21.16 -19.60 -19.52
N GLU F 207 -21.04 -18.54 -20.32
CA GLU F 207 -21.09 -17.18 -19.78
C GLU F 207 -22.50 -16.84 -19.35
N SER F 208 -23.49 -17.27 -20.12
CA SER F 208 -24.88 -16.96 -19.81
C SER F 208 -25.32 -17.69 -18.55
N VAL F 209 -24.94 -18.97 -18.44
CA VAL F 209 -25.22 -19.72 -17.21
C VAL F 209 -24.52 -19.07 -16.02
N ALA F 210 -23.28 -18.61 -16.21
CA ALA F 210 -22.56 -17.93 -15.13
C ALA F 210 -23.32 -16.70 -14.64
N TYR F 211 -23.79 -15.85 -15.57
CA TYR F 211 -24.57 -14.69 -15.15
C TYR F 211 -25.80 -15.15 -14.35
N GLY F 212 -26.54 -16.14 -14.87
CA GLY F 212 -27.73 -16.61 -14.17
C GLY F 212 -27.44 -17.02 -12.74
N LEU F 213 -26.37 -17.78 -12.54
CA LEU F 213 -26.04 -18.24 -11.19
C LEU F 213 -25.60 -17.07 -10.32
N SER F 214 -24.85 -16.12 -10.88
CA SER F 214 -24.45 -14.94 -10.11
C SER F 214 -25.65 -14.10 -9.68
N ALA F 215 -26.72 -14.14 -10.47
CA ALA F 215 -27.93 -13.37 -10.22
C ALA F 215 -28.89 -14.10 -9.29
N GLY F 216 -28.48 -15.22 -8.72
CA GLY F 216 -29.24 -15.89 -7.70
C GLY F 216 -30.21 -16.96 -8.17
N LEU F 217 -30.21 -17.28 -9.46
CA LEU F 217 -31.10 -18.34 -9.96
C LEU F 217 -30.69 -19.70 -9.43
N ASP F 218 -31.68 -20.51 -9.07
CA ASP F 218 -31.41 -21.87 -8.60
C ASP F 218 -30.74 -22.68 -9.71
N ARG F 219 -29.66 -23.39 -9.36
CA ARG F 219 -28.85 -24.08 -10.38
C ARG F 219 -29.66 -25.15 -11.13
N SER F 220 -30.37 -26.02 -10.40
CA SER F 220 -31.10 -27.09 -11.06
C SER F 220 -32.20 -26.52 -11.95
N MET F 221 -32.94 -25.55 -11.43
CA MET F 221 -33.95 -24.87 -12.24
C MET F 221 -33.34 -24.32 -13.52
N LEU F 222 -32.20 -23.63 -13.40
CA LEU F 222 -31.59 -22.98 -14.56
C LEU F 222 -31.17 -23.99 -15.62
N PHE F 223 -30.44 -25.04 -15.22
CA PHE F 223 -30.00 -26.04 -16.19
C PHE F 223 -31.21 -26.72 -16.85
N ASP F 224 -32.26 -27.01 -16.07
CA ASP F 224 -33.42 -27.69 -16.65
C ASP F 224 -34.21 -26.77 -17.57
N ALA F 225 -34.31 -25.49 -17.21
CA ALA F 225 -35.02 -24.54 -18.05
C ALA F 225 -34.35 -24.38 -19.39
N LEU F 226 -33.02 -24.30 -19.42
CA LEU F 226 -32.31 -24.10 -20.68
C LEU F 226 -32.45 -25.31 -21.59
N ASP F 227 -32.67 -26.51 -21.02
CA ASP F 227 -32.96 -27.64 -21.88
C ASP F 227 -34.27 -27.49 -22.65
N GLN F 228 -35.12 -26.53 -22.28
CA GLN F 228 -36.45 -26.40 -22.87
C GLN F 228 -36.58 -25.25 -23.85
N VAL F 229 -35.50 -24.53 -24.17
CA VAL F 229 -35.61 -23.39 -25.07
C VAL F 229 -35.01 -23.76 -26.42
N ALA F 230 -35.46 -23.07 -27.46
CA ALA F 230 -35.10 -23.41 -28.83
C ALA F 230 -33.83 -22.73 -29.33
N VAL F 231 -33.19 -21.88 -28.51
CA VAL F 231 -32.04 -21.10 -28.94
C VAL F 231 -30.69 -21.77 -28.62
N ILE F 232 -30.71 -22.99 -28.05
CA ILE F 232 -29.51 -23.79 -27.82
C ILE F 232 -29.52 -25.00 -28.74
N SER F 233 -28.35 -25.33 -29.31
CA SER F 233 -28.26 -26.45 -30.25
C SER F 233 -28.41 -27.80 -29.52
N PRO F 234 -28.80 -28.86 -30.22
CA PRO F 234 -28.84 -30.18 -29.56
C PRO F 234 -27.49 -30.61 -29.04
N HIS F 235 -26.41 -30.29 -29.77
CA HIS F 235 -25.06 -30.59 -29.27
C HIS F 235 -24.82 -29.93 -27.92
N HIS F 236 -25.11 -28.63 -27.83
CA HIS F 236 -24.80 -27.91 -26.61
C HIS F 236 -25.76 -28.24 -25.48
N LYS F 237 -26.99 -28.69 -25.79
CA LYS F 237 -27.87 -29.17 -24.73
C LYS F 237 -27.33 -30.45 -24.11
N ARG F 238 -26.71 -31.33 -24.93
CA ARG F 238 -26.05 -32.51 -24.35
C ARG F 238 -24.91 -32.10 -23.44
N LYS F 239 -24.14 -31.09 -23.85
CA LYS F 239 -23.03 -30.61 -23.02
C LYS F 239 -23.56 -30.05 -21.71
N LEU F 240 -24.67 -29.31 -21.76
CA LEU F 240 -25.24 -28.74 -20.55
C LEU F 240 -25.72 -29.82 -19.58
N LYS F 241 -26.35 -30.89 -20.09
CA LYS F 241 -26.77 -31.96 -19.21
C LYS F 241 -25.59 -32.63 -18.53
N ALA F 242 -24.53 -32.90 -19.30
CA ALA F 242 -23.32 -33.46 -18.70
C ALA F 242 -22.71 -32.51 -17.67
N ALA F 243 -22.69 -31.21 -17.98
CA ALA F 243 -22.16 -30.24 -17.03
C ALA F 243 -22.99 -30.16 -15.75
N LYS F 244 -24.30 -30.41 -15.86
CA LYS F 244 -25.12 -30.42 -14.64
C LYS F 244 -24.56 -31.41 -13.63
N ASP F 245 -24.00 -32.52 -14.11
CA ASP F 245 -23.41 -33.57 -13.28
C ASP F 245 -21.91 -33.40 -13.06
N GLY F 246 -21.33 -32.29 -13.54
CA GLY F 246 -19.87 -32.12 -13.47
C GLY F 246 -19.10 -33.12 -14.31
N ASN F 247 -19.70 -33.63 -15.37
CA ASN F 247 -19.10 -34.67 -16.20
C ASN F 247 -18.44 -34.04 -17.41
N PHE F 248 -17.11 -33.97 -17.40
CA PHE F 248 -16.36 -33.46 -18.54
C PHE F 248 -15.37 -34.49 -19.07
N ALA F 249 -15.71 -35.76 -18.95
CA ALA F 249 -14.96 -36.77 -19.68
C ALA F 249 -14.92 -36.40 -21.16
N PRO F 250 -13.78 -36.51 -21.82
CA PRO F 250 -13.62 -35.86 -23.13
C PRO F 250 -14.38 -36.56 -24.24
N GLN F 251 -15.15 -35.78 -24.99
CA GLN F 251 -15.53 -36.15 -26.34
C GLN F 251 -14.72 -35.36 -27.36
N PHE F 252 -14.62 -34.04 -27.16
CA PHE F 252 -13.71 -33.19 -27.92
C PHE F 252 -12.89 -32.42 -26.89
N PRO F 253 -11.63 -32.82 -26.68
CA PRO F 253 -10.82 -32.21 -25.62
C PRO F 253 -10.52 -30.73 -25.85
N ALA F 254 -10.37 -30.01 -24.73
CA ALA F 254 -10.11 -28.57 -24.77
C ALA F 254 -8.90 -28.24 -25.63
N ARG F 255 -7.84 -29.05 -25.55
CA ARG F 255 -6.62 -28.74 -26.29
C ARG F 255 -6.84 -28.77 -27.79
N LEU F 256 -7.72 -29.67 -28.29
CA LEU F 256 -8.02 -29.74 -29.72
C LEU F 256 -9.04 -28.69 -30.15
N MET F 257 -10.12 -28.49 -29.39
CA MET F 257 -10.99 -27.33 -29.61
C MET F 257 -10.22 -26.04 -29.75
N GLN F 258 -9.35 -25.76 -28.78
CA GLN F 258 -8.70 -24.47 -28.75
C GLN F 258 -7.73 -24.35 -29.91
N LYS F 259 -7.06 -25.45 -30.28
CA LYS F 259 -6.20 -25.42 -31.46
C LYS F 259 -7.02 -25.11 -32.71
N ASP F 260 -8.22 -25.69 -32.83
CA ASP F 260 -9.04 -25.44 -34.01
C ASP F 260 -9.52 -23.99 -34.05
N MET F 261 -9.82 -23.39 -32.88
CA MET F 261 -10.12 -21.96 -32.90
C MET F 261 -8.91 -21.12 -33.27
N ARG F 262 -7.71 -21.50 -32.80
CA ARG F 262 -6.52 -20.79 -33.25
C ARG F 262 -6.42 -20.80 -34.76
N LEU F 263 -6.65 -21.97 -35.38
CA LEU F 263 -6.57 -22.06 -36.85
C LEU F 263 -7.62 -21.18 -37.50
N LEU F 264 -8.84 -21.17 -36.96
CA LEU F 264 -9.90 -20.36 -37.54
C LEU F 264 -9.56 -18.87 -37.43
N LEU F 265 -9.04 -18.46 -36.27
CA LEU F 265 -8.74 -17.05 -36.08
C LEU F 265 -7.59 -16.62 -36.98
N ASP F 266 -6.62 -17.51 -37.21
CA ASP F 266 -5.55 -17.16 -38.13
C ASP F 266 -6.08 -17.03 -39.55
N ALA F 267 -6.96 -17.96 -39.97
CA ALA F 267 -7.52 -17.88 -41.31
C ALA F 267 -8.39 -16.65 -41.49
N ALA F 268 -9.18 -16.30 -40.47
CA ALA F 268 -10.03 -15.12 -40.58
C ALA F 268 -9.18 -13.86 -40.68
N ALA F 269 -8.05 -13.82 -39.96
CA ALA F 269 -7.15 -12.67 -40.07
C ALA F 269 -6.51 -12.62 -41.45
N ARG F 270 -6.09 -13.76 -42.00
CA ARG F 270 -5.54 -13.73 -43.35
C ARG F 270 -6.54 -13.21 -44.36
N GLU F 271 -7.84 -13.49 -44.17
CA GLU F 271 -8.87 -12.99 -45.07
C GLU F 271 -9.39 -11.60 -44.70
N ALA F 272 -8.86 -11.02 -43.61
CA ALA F 272 -9.28 -9.70 -43.14
C ALA F 272 -10.78 -9.64 -42.92
N VAL F 273 -11.31 -10.63 -42.23
CA VAL F 273 -12.72 -10.67 -41.84
C VAL F 273 -12.80 -10.47 -40.33
N PRO F 274 -13.44 -9.40 -39.85
CA PRO F 274 -13.57 -9.20 -38.40
C PRO F 274 -14.55 -10.22 -37.82
N VAL F 275 -14.08 -10.96 -36.81
CA VAL F 275 -14.90 -11.99 -36.17
C VAL F 275 -14.81 -11.82 -34.66
N PRO F 276 -15.34 -10.73 -34.09
CA PRO F 276 -15.16 -10.47 -32.65
C PRO F 276 -15.73 -11.52 -31.71
N THR F 277 -16.89 -12.12 -32.04
CA THR F 277 -17.48 -13.11 -31.13
C THR F 277 -16.62 -14.37 -31.10
N LEU F 278 -16.15 -14.81 -32.27
CA LEU F 278 -15.26 -15.97 -32.37
C LEU F 278 -13.93 -15.69 -31.68
N ALA F 279 -13.40 -14.47 -31.84
CA ALA F 279 -12.14 -14.10 -31.19
C ALA F 279 -12.27 -14.11 -29.68
N ALA F 280 -13.39 -13.60 -29.15
CA ALA F 280 -13.60 -13.67 -27.70
C ALA F 280 -13.73 -15.11 -27.23
N ALA F 281 -14.51 -15.94 -27.97
CA ALA F 281 -14.66 -17.35 -27.60
C ALA F 281 -13.30 -18.05 -27.57
N THR F 282 -12.43 -17.72 -28.51
CA THR F 282 -11.09 -18.31 -28.53
C THR F 282 -10.33 -18.04 -27.24
N GLN F 283 -10.39 -16.81 -26.74
CA GLN F 283 -9.66 -16.50 -25.52
C GLN F 283 -10.22 -17.27 -24.33
N GLN F 284 -11.55 -17.44 -24.29
CA GLN F 284 -12.12 -18.24 -23.22
C GLN F 284 -11.69 -19.70 -23.33
N LEU F 285 -11.57 -20.20 -24.56
CA LEU F 285 -11.08 -21.56 -24.75
C LEU F 285 -9.58 -21.69 -24.46
N SER F 286 -8.79 -20.62 -24.62
CA SER F 286 -7.41 -20.65 -24.11
C SER F 286 -7.37 -20.84 -22.59
N LEU F 287 -8.21 -20.10 -21.85
CA LEU F 287 -8.28 -20.33 -20.42
C LEU F 287 -8.70 -21.77 -20.10
N THR F 288 -9.70 -22.27 -20.84
CA THR F 288 -10.18 -23.64 -20.63
C THR F 288 -9.04 -24.65 -20.81
N ARG F 289 -8.29 -24.51 -21.90
CA ARG F 289 -7.18 -25.42 -22.17
C ARG F 289 -6.11 -25.33 -21.09
N ARG F 290 -5.78 -24.11 -20.69
CA ARG F 290 -4.77 -23.92 -19.64
C ARG F 290 -5.15 -24.65 -18.37
N LEU F 291 -6.43 -24.58 -17.97
CA LEU F 291 -6.83 -25.17 -16.70
C LEU F 291 -7.02 -26.68 -16.78
N SER F 292 -7.46 -27.19 -17.93
CA SER F 292 -7.59 -28.63 -18.11
C SER F 292 -7.51 -28.96 -19.60
N PRO F 293 -6.33 -29.32 -20.10
CA PRO F 293 -6.21 -29.50 -21.54
C PRO F 293 -6.94 -30.73 -22.05
N ASN F 294 -7.11 -31.76 -21.21
CA ASN F 294 -7.56 -33.05 -21.69
C ASN F 294 -9.04 -33.33 -21.46
N GLU F 295 -9.68 -32.63 -20.54
CA GLU F 295 -11.11 -32.84 -20.37
C GLU F 295 -11.87 -32.21 -21.55
N ASP F 296 -13.16 -32.56 -21.66
CA ASP F 296 -13.98 -32.00 -22.73
C ASP F 296 -13.92 -30.47 -22.72
N TYR F 297 -14.01 -29.89 -23.93
CA TYR F 297 -13.94 -28.43 -24.05
C TYR F 297 -15.07 -27.73 -23.32
N SER F 298 -16.16 -28.45 -23.03
CA SER F 298 -17.26 -27.88 -22.28
C SER F 298 -16.93 -27.62 -20.82
N SER F 299 -15.75 -28.04 -20.33
CA SER F 299 -15.38 -27.74 -18.95
C SER F 299 -15.34 -26.26 -18.63
N LEU F 300 -15.40 -25.37 -19.63
CA LEU F 300 -15.50 -23.95 -19.34
C LEU F 300 -16.73 -23.66 -18.48
N ILE F 301 -17.79 -24.46 -18.63
CA ILE F 301 -18.97 -24.28 -17.78
C ILE F 301 -18.57 -24.38 -16.31
N ARG F 302 -17.76 -25.40 -15.98
CA ARG F 302 -17.27 -25.56 -14.63
C ARG F 302 -16.35 -24.41 -14.20
N VAL F 303 -15.45 -23.99 -15.10
CA VAL F 303 -14.55 -22.87 -14.81
C VAL F 303 -15.35 -21.64 -14.42
N MET F 304 -16.37 -21.32 -15.22
CA MET F 304 -17.19 -20.13 -14.96
C MET F 304 -17.98 -20.27 -13.67
N GLU F 305 -18.55 -21.46 -13.42
CA GLU F 305 -19.25 -21.70 -12.16
C GLU F 305 -18.32 -21.39 -10.98
N LYS F 306 -17.06 -21.81 -11.08
CA LYS F 306 -16.12 -21.62 -9.98
C LYS F 306 -15.76 -20.14 -9.81
N ILE F 307 -15.64 -19.38 -10.91
CA ILE F 307 -15.42 -17.94 -10.81
C ILE F 307 -16.58 -17.30 -10.04
N VAL F 308 -17.81 -17.67 -10.41
CA VAL F 308 -18.96 -17.03 -9.78
C VAL F 308 -19.10 -17.45 -8.33
N ALA F 309 -18.74 -18.69 -8.01
CA ALA F 309 -18.84 -19.17 -6.64
C ALA F 309 -17.66 -18.74 -5.78
N ASN F 310 -16.66 -18.08 -6.36
CA ASN F 310 -15.45 -17.65 -5.69
C ASN F 310 -14.73 -18.84 -5.05
N ILE G 19 -19.20 35.72 -9.61
CA ILE G 19 -18.00 34.87 -9.60
C ILE G 19 -17.82 34.30 -8.19
N LEU G 20 -17.58 33.00 -8.10
CA LEU G 20 -17.62 32.30 -6.81
C LEU G 20 -16.25 32.33 -6.11
N SER G 21 -15.70 33.53 -5.99
CA SER G 21 -14.50 33.75 -5.21
C SER G 21 -14.79 33.54 -3.73
N PRO G 22 -13.74 33.33 -2.91
CA PRO G 22 -13.97 33.26 -1.46
C PRO G 22 -14.67 34.51 -0.92
N GLU G 23 -14.39 35.67 -1.51
CA GLU G 23 -15.09 36.89 -1.12
C GLU G 23 -16.59 36.75 -1.30
N ASN G 24 -17.03 36.45 -2.53
CA ASN G 24 -18.46 36.45 -2.84
C ASN G 24 -19.17 35.19 -2.38
N ALA G 25 -18.48 34.05 -2.30
CA ALA G 25 -19.10 32.79 -1.92
C ALA G 25 -18.12 31.99 -1.08
N PRO G 26 -18.00 32.32 0.22
CA PRO G 26 -16.94 31.70 1.03
C PRO G 26 -17.21 30.25 1.39
N ARG G 27 -18.46 29.90 1.66
CA ARG G 27 -18.79 28.57 2.18
C ARG G 27 -18.98 27.60 1.02
N ILE G 28 -18.10 26.60 0.91
CA ILE G 28 -18.31 25.48 0.01
C ILE G 28 -18.66 24.27 0.85
N GLY G 29 -19.83 23.70 0.60
CA GLY G 29 -20.26 22.46 1.23
C GLY G 29 -20.09 21.29 0.28
N PHE G 30 -19.55 20.19 0.80
CA PHE G 30 -19.35 18.97 0.02
C PHE G 30 -20.43 17.95 0.35
N ILE G 31 -20.96 17.32 -0.69
CA ILE G 31 -21.74 16.09 -0.56
C ILE G 31 -20.82 14.94 -0.97
N GLY G 32 -20.45 14.11 0.00
CA GLY G 32 -19.42 13.10 -0.21
C GLY G 32 -18.05 13.67 0.05
N PHE G 33 -17.17 12.93 0.75
CA PHE G 33 -15.91 13.51 1.16
C PHE G 33 -14.87 12.39 1.36
N GLY G 34 -14.52 11.74 0.26
CA GLY G 34 -13.63 10.60 0.27
C GLY G 34 -12.23 10.96 -0.21
N ALA G 35 -11.62 10.03 -0.95
CA ALA G 35 -10.22 10.17 -1.34
C ALA G 35 -9.98 11.44 -2.15
N MET G 36 -10.77 11.64 -3.21
CA MET G 36 -10.61 12.83 -4.05
C MET G 36 -11.15 14.08 -3.37
N ALA G 37 -12.33 14.00 -2.75
CA ALA G 37 -13.02 15.20 -2.28
C ALA G 37 -12.26 15.86 -1.14
N SER G 38 -11.78 15.07 -0.18
CA SER G 38 -11.01 15.66 0.92
C SER G 38 -9.76 16.35 0.41
N ARG G 39 -9.14 15.81 -0.65
CA ARG G 39 -7.97 16.47 -1.22
C ARG G 39 -8.34 17.78 -1.91
N MET G 40 -9.45 17.81 -2.66
CA MET G 40 -9.85 19.11 -3.23
C MET G 40 -10.21 20.11 -2.14
N GLY G 41 -10.81 19.65 -1.04
CA GLY G 41 -11.17 20.56 0.04
C GLY G 41 -9.95 21.21 0.68
N ASP G 42 -8.85 20.48 0.80
CA ASP G 42 -7.63 21.08 1.36
C ASP G 42 -7.10 22.19 0.46
N HIS G 43 -7.13 21.99 -0.85
CA HIS G 43 -6.71 23.07 -1.75
C HIS G 43 -7.70 24.24 -1.72
N LEU G 44 -8.98 23.97 -1.53
CA LEU G 44 -9.94 25.06 -1.45
C LEU G 44 -9.82 25.81 -0.13
N LYS G 45 -9.50 25.11 0.95
CA LYS G 45 -9.23 25.77 2.23
C LYS G 45 -8.02 26.69 2.11
N THR G 46 -6.97 26.20 1.44
CA THR G 46 -5.77 27.01 1.21
C THR G 46 -6.09 28.24 0.35
N ALA G 47 -7.05 28.13 -0.57
CA ALA G 47 -7.43 29.24 -1.43
C ALA G 47 -8.36 30.23 -0.74
N GLY G 48 -8.83 29.94 0.47
CA GLY G 48 -9.58 30.89 1.27
C GLY G 48 -11.01 30.51 1.56
N TYR G 49 -11.46 29.33 1.14
CA TYR G 49 -12.85 28.94 1.31
C TYR G 49 -13.05 28.28 2.66
N THR G 50 -14.30 28.32 3.13
CA THR G 50 -14.73 27.63 4.35
C THR G 50 -15.38 26.30 3.95
N ILE G 51 -14.75 25.19 4.32
CA ILE G 51 -15.19 23.86 3.90
C ILE G 51 -16.09 23.25 4.97
N SER G 52 -17.20 22.67 4.51
CA SER G 52 -18.05 21.79 5.31
C SER G 52 -18.38 20.57 4.45
N ALA G 53 -18.92 19.52 5.07
CA ALA G 53 -19.17 18.29 4.33
C ALA G 53 -20.28 17.48 4.97
N TYR G 54 -20.94 16.69 4.13
CA TYR G 54 -21.84 15.63 4.56
C TYR G 54 -21.38 14.31 3.96
N THR G 55 -21.37 13.27 4.78
CA THR G 55 -21.21 11.89 4.31
C THR G 55 -22.17 11.00 5.08
N PRO G 56 -22.61 9.88 4.48
CA PRO G 56 -23.58 9.02 5.18
C PRO G 56 -23.06 8.41 6.47
N SER G 57 -21.73 8.30 6.64
CA SER G 57 -21.15 7.76 7.86
C SER G 57 -20.78 8.82 8.89
N GLY G 58 -20.58 10.07 8.47
CA GLY G 58 -20.23 11.14 9.41
C GLY G 58 -18.75 11.23 9.71
N VAL G 65 -12.81 19.78 9.10
CA VAL G 65 -14.05 20.01 8.35
C VAL G 65 -15.29 19.68 9.19
N PRO G 66 -16.16 20.68 9.39
CA PRO G 66 -17.46 20.41 10.03
C PRO G 66 -18.28 19.40 9.25
N MET G 67 -18.80 18.40 9.97
CA MET G 67 -19.72 17.42 9.41
C MET G 67 -21.15 17.87 9.66
N LEU G 68 -22.00 17.79 8.63
CA LEU G 68 -23.41 18.17 8.76
C LEU G 68 -24.30 16.94 8.73
N PRO G 69 -25.46 16.97 9.39
CA PRO G 69 -26.22 15.72 9.59
C PRO G 69 -26.90 15.18 8.33
N THR G 70 -27.30 16.04 7.40
CA THR G 70 -28.01 15.61 6.21
C THR G 70 -27.52 16.41 5.01
N PRO G 71 -27.79 15.94 3.79
CA PRO G 71 -27.55 16.81 2.63
C PRO G 71 -28.31 18.12 2.68
N LEU G 72 -29.56 18.10 3.19
CA LEU G 72 -30.29 19.34 3.43
C LEU G 72 -29.50 20.32 4.28
N ALA G 73 -29.12 19.90 5.49
CA ALA G 73 -28.41 20.81 6.39
C ALA G 73 -27.09 21.27 5.79
N LEU G 74 -26.43 20.42 5.01
CA LEU G 74 -25.21 20.83 4.33
C LEU G 74 -25.48 22.02 3.41
N ALA G 75 -26.47 21.88 2.53
CA ALA G 75 -26.71 22.89 1.50
C ALA G 75 -27.19 24.21 2.11
N LYS G 76 -27.93 24.14 3.21
CA LYS G 76 -28.50 25.38 3.77
C LYS G 76 -27.41 26.29 4.33
N GLN G 77 -26.29 25.73 4.77
CA GLN G 77 -25.21 26.53 5.34
C GLN G 77 -24.02 26.67 4.40
N ALA G 78 -24.22 26.48 3.09
CA ALA G 78 -23.17 26.65 2.11
C ALA G 78 -23.62 27.59 1.01
N ASP G 79 -22.65 28.27 0.39
CA ASP G 79 -22.91 29.13 -0.75
C ASP G 79 -22.80 28.40 -2.07
N THR G 80 -21.90 27.41 -2.15
CA THR G 80 -21.75 26.54 -3.30
C THR G 80 -21.66 25.12 -2.81
N VAL G 81 -22.27 24.18 -3.52
CA VAL G 81 -22.27 22.77 -3.17
C VAL G 81 -21.44 22.02 -4.21
N VAL G 82 -20.53 21.18 -3.74
CA VAL G 82 -19.71 20.33 -4.59
C VAL G 82 -20.04 18.89 -4.24
N VAL G 83 -20.33 18.07 -5.26
CA VAL G 83 -20.77 16.70 -5.07
C VAL G 83 -19.67 15.75 -5.54
N CYS G 84 -19.33 14.75 -4.71
CA CYS G 84 -18.31 13.75 -5.05
C CYS G 84 -18.72 12.40 -4.44
N VAL G 85 -19.64 11.74 -5.12
CA VAL G 85 -20.26 10.50 -4.64
C VAL G 85 -19.97 9.41 -5.65
N PRO G 86 -20.11 8.14 -5.26
CA PRO G 86 -19.59 7.05 -6.12
C PRO G 86 -20.39 6.77 -7.38
N ASP G 87 -21.73 6.80 -7.36
CA ASP G 87 -22.49 6.33 -8.52
C ASP G 87 -23.81 7.09 -8.63
N ASP G 88 -24.61 6.70 -9.63
CA ASP G 88 -25.94 7.29 -9.85
C ASP G 88 -26.81 7.15 -8.61
N GLU G 89 -26.79 5.97 -8.02
CA GLU G 89 -27.67 5.66 -6.89
C GLU G 89 -27.34 6.54 -5.69
N ALA G 90 -26.05 6.71 -5.40
CA ALA G 90 -25.65 7.61 -4.32
C ALA G 90 -26.02 9.06 -4.64
N LEU G 91 -25.87 9.47 -5.90
CA LEU G 91 -26.21 10.83 -6.28
C LEU G 91 -27.68 11.10 -6.03
N ALA G 92 -28.56 10.17 -6.42
CA ALA G 92 -29.99 10.40 -6.23
C ALA G 92 -30.38 10.40 -4.76
N ALA G 93 -29.71 9.57 -3.95
CA ALA G 93 -30.05 9.49 -2.53
C ALA G 93 -29.78 10.80 -1.82
N SER G 94 -28.72 11.50 -2.19
CA SER G 94 -28.35 12.72 -1.49
C SER G 94 -28.87 13.98 -2.18
N MET G 95 -29.32 13.88 -3.43
CA MET G 95 -29.69 15.06 -4.19
C MET G 95 -31.17 15.38 -4.02
N TYR G 96 -32.01 14.34 -3.95
CA TYR G 96 -33.45 14.48 -4.12
C TYR G 96 -34.20 14.23 -2.81
N GLY G 97 -35.44 14.71 -2.76
CA GLY G 97 -36.28 14.54 -1.60
C GLY G 97 -36.15 15.67 -0.59
N GLU G 98 -37.03 15.62 0.41
CA GLU G 98 -37.08 16.66 1.43
C GLU G 98 -35.74 16.83 2.12
N ASN G 99 -34.98 15.75 2.29
CA ASN G 99 -33.70 15.80 2.96
C ASN G 99 -32.52 15.97 2.02
N GLY G 100 -32.78 16.12 0.71
CA GLY G 100 -31.71 16.22 -0.26
C GLY G 100 -31.08 17.58 -0.31
N ALA G 101 -29.97 17.66 -1.06
CA ALA G 101 -29.22 18.91 -1.17
C ALA G 101 -30.02 19.98 -1.90
N LEU G 102 -30.76 19.60 -2.94
CA LEU G 102 -31.45 20.60 -3.76
C LEU G 102 -32.49 21.36 -2.94
N ALA G 103 -33.16 20.68 -2.01
CA ALA G 103 -34.15 21.36 -1.17
C ALA G 103 -33.51 22.33 -0.19
N GLY G 104 -32.19 22.30 -0.05
CA GLY G 104 -31.48 23.23 0.81
C GLY G 104 -30.81 24.37 0.10
N MET G 105 -30.80 24.39 -1.23
CA MET G 105 -30.16 25.45 -1.99
C MET G 105 -31.14 26.56 -2.36
N THR G 106 -30.56 27.73 -2.63
CA THR G 106 -31.32 28.93 -2.98
C THR G 106 -31.15 29.24 -4.45
N LYS G 107 -32.22 29.76 -5.06
CA LYS G 107 -32.21 30.30 -6.42
C LYS G 107 -30.95 31.11 -6.68
N GLY G 108 -30.34 30.85 -7.83
CA GLY G 108 -29.14 31.57 -8.25
C GLY G 108 -27.85 30.93 -7.81
N SER G 109 -27.90 29.91 -6.95
CA SER G 109 -26.68 29.24 -6.53
C SER G 109 -26.24 28.23 -7.58
N LEU G 110 -25.03 27.73 -7.41
CA LEU G 110 -24.40 26.81 -8.33
C LEU G 110 -24.10 25.52 -7.60
N LEU G 111 -24.36 24.39 -8.26
CA LEU G 111 -23.98 23.07 -7.75
C LEU G 111 -22.98 22.47 -8.74
N ILE G 112 -21.87 21.98 -8.23
CA ILE G 112 -20.80 21.44 -9.05
C ILE G 112 -20.71 19.95 -8.76
N ASN G 113 -20.99 19.12 -9.77
CA ASN G 113 -20.96 17.68 -9.60
C ASN G 113 -19.67 17.15 -10.21
N THR G 114 -18.76 16.66 -9.35
CA THR G 114 -17.52 16.06 -9.82
C THR G 114 -17.58 14.56 -9.88
N SER G 115 -18.74 13.98 -9.58
CA SER G 115 -18.90 12.52 -9.56
C SER G 115 -18.85 11.96 -10.98
N SER G 116 -18.42 10.71 -11.08
CA SER G 116 -18.47 9.96 -12.33
C SER G 116 -19.79 9.20 -12.39
N VAL G 117 -20.78 9.76 -13.08
CA VAL G 117 -22.14 9.21 -13.13
C VAL G 117 -22.58 9.16 -14.59
N SER G 118 -23.75 8.57 -14.83
CA SER G 118 -24.22 8.32 -16.18
C SER G 118 -24.75 9.59 -16.83
N PRO G 119 -24.76 9.64 -18.16
CA PRO G 119 -25.41 10.79 -18.83
C PRO G 119 -26.87 10.96 -18.42
N GLU G 120 -27.57 9.85 -18.16
CA GLU G 120 -28.98 9.93 -17.76
C GLU G 120 -29.10 10.59 -16.40
N ALA G 121 -28.25 10.17 -15.46
CA ALA G 121 -28.26 10.78 -14.13
C ALA G 121 -27.89 12.26 -14.20
N THR G 122 -26.97 12.61 -15.09
CA THR G 122 -26.57 13.99 -15.31
C THR G 122 -27.74 14.84 -15.81
N ALA G 123 -28.47 14.33 -16.80
CA ALA G 123 -29.59 15.09 -17.33
C ALA G 123 -30.69 15.24 -16.29
N THR G 124 -30.93 14.20 -15.49
CA THR G 124 -31.96 14.27 -14.47
C THR G 124 -31.63 15.33 -13.43
N LEU G 125 -30.37 15.39 -13.00
CA LEU G 125 -29.98 16.38 -11.99
C LEU G 125 -30.03 17.79 -12.56
N TYR G 126 -29.59 17.96 -13.82
CA TYR G 126 -29.63 19.28 -14.43
C TYR G 126 -31.07 19.81 -14.49
N GLU G 127 -31.99 18.97 -14.99
CA GLU G 127 -33.41 19.32 -15.01
C GLU G 127 -33.90 19.68 -13.61
N ALA G 128 -33.58 18.85 -12.63
CA ALA G 128 -34.06 19.06 -11.28
C ALA G 128 -33.50 20.36 -10.69
N GLY G 129 -32.23 20.65 -10.96
CA GLY G 129 -31.67 21.93 -10.55
C GLY G 129 -32.41 23.10 -11.15
N GLN G 130 -32.73 23.02 -12.46
CA GLN G 130 -33.42 24.11 -13.14
C GLN G 130 -34.71 24.49 -12.43
N LYS G 131 -35.45 23.50 -11.90
CA LYS G 131 -36.70 23.79 -11.22
C LYS G 131 -36.48 24.50 -9.89
N HIS G 132 -35.36 24.24 -9.24
CA HIS G 132 -34.97 24.97 -8.04
C HIS G 132 -34.27 26.30 -8.34
N GLY G 133 -34.09 26.64 -9.62
CA GLY G 133 -33.29 27.81 -9.95
C GLY G 133 -31.82 27.64 -9.66
N VAL G 134 -31.32 26.42 -9.65
CA VAL G 134 -29.91 26.11 -9.39
C VAL G 134 -29.29 25.59 -10.68
N VAL G 135 -28.15 26.16 -11.05
CA VAL G 135 -27.41 25.69 -12.22
C VAL G 135 -26.48 24.56 -11.77
N VAL G 136 -26.58 23.42 -12.45
CA VAL G 136 -25.74 22.26 -12.17
C VAL G 136 -24.68 22.16 -13.25
N LEU G 137 -23.41 22.25 -12.84
CA LEU G 137 -22.30 21.98 -13.71
C LEU G 137 -21.89 20.51 -13.55
N ASP G 138 -21.83 19.78 -14.66
CA ASP G 138 -21.26 18.43 -14.62
C ASP G 138 -19.77 18.59 -14.88
N ALA G 139 -18.96 18.46 -13.84
CA ALA G 139 -17.53 18.73 -13.93
C ALA G 139 -16.73 17.58 -13.31
N PRO G 140 -16.83 16.37 -13.86
CA PRO G 140 -15.90 15.31 -13.48
C PRO G 140 -14.46 15.73 -13.76
N VAL G 141 -13.51 14.97 -13.20
CA VAL G 141 -12.10 15.31 -13.31
C VAL G 141 -11.31 14.13 -13.84
N SER G 142 -10.24 14.43 -14.57
CA SER G 142 -9.26 13.44 -14.98
C SER G 142 -8.03 13.56 -14.08
N GLY G 143 -7.57 12.43 -13.55
CA GLY G 143 -6.51 12.44 -12.56
C GLY G 143 -6.97 11.72 -11.30
N SER G 144 -6.02 11.12 -10.61
CA SER G 144 -6.26 10.31 -9.44
C SER G 144 -5.77 11.03 -8.18
N THR G 145 -5.59 10.30 -7.10
CA THR G 145 -5.16 10.94 -5.85
C THR G 145 -3.82 11.66 -5.94
N PRO G 146 -2.77 11.16 -6.63
CA PRO G 146 -1.55 11.97 -6.74
C PRO G 146 -1.80 13.32 -7.40
N GLU G 147 -2.67 13.33 -8.40
CA GLU G 147 -3.02 14.58 -9.08
C GLU G 147 -3.87 15.47 -8.20
N ALA G 148 -4.79 14.90 -7.43
CA ALA G 148 -5.56 15.71 -6.50
C ALA G 148 -4.67 16.26 -5.40
N ASP G 149 -3.68 15.48 -4.96
CA ASP G 149 -2.70 15.95 -4.00
C ASP G 149 -2.03 17.25 -4.48
N SER G 150 -1.54 17.24 -5.72
CA SER G 150 -0.79 18.37 -6.26
C SER G 150 -1.66 19.37 -7.02
N ALA G 151 -2.98 19.25 -6.90
CA ALA G 151 -3.93 20.13 -7.60
C ALA G 151 -3.63 20.17 -9.10
N SER G 152 -3.32 19.00 -9.68
CA SER G 152 -3.02 18.89 -11.10
C SER G 152 -4.12 18.15 -11.85
N LEU G 153 -5.32 18.11 -11.28
CA LEU G 153 -6.48 17.56 -11.97
C LEU G 153 -6.79 18.35 -13.24
N VAL G 154 -7.39 17.66 -14.21
CA VAL G 154 -7.99 18.29 -15.38
C VAL G 154 -9.49 18.26 -15.20
N ILE G 155 -10.13 19.42 -15.19
CA ILE G 155 -11.57 19.52 -14.98
C ILE G 155 -12.26 19.43 -16.34
N LEU G 156 -13.26 18.54 -16.44
CA LEU G 156 -14.03 18.29 -17.67
C LEU G 156 -15.44 18.79 -17.42
N VAL G 157 -15.77 19.99 -17.90
CA VAL G 157 -16.98 20.66 -17.43
C VAL G 157 -17.96 20.90 -18.57
N GLY G 158 -19.23 20.58 -18.31
CA GLY G 158 -20.35 20.87 -19.20
C GLY G 158 -21.22 21.95 -18.60
N GLY G 159 -21.55 22.93 -19.42
CA GLY G 159 -22.46 23.97 -18.98
C GLY G 159 -22.33 25.21 -19.86
N ASP G 160 -23.05 26.25 -19.45
CA ASP G 160 -22.94 27.53 -20.15
C ASP G 160 -21.61 28.18 -19.84
N LYS G 161 -21.05 28.86 -20.84
CA LYS G 161 -19.76 29.53 -20.69
C LYS G 161 -19.73 30.47 -19.51
N ASP G 162 -20.84 31.20 -19.28
CA ASP G 162 -20.90 32.15 -18.17
C ASP G 162 -20.91 31.44 -16.83
N ASP G 163 -21.61 30.30 -16.75
CA ASP G 163 -21.65 29.53 -15.51
C ASP G 163 -20.32 28.88 -15.22
N VAL G 164 -19.59 28.45 -16.26
CA VAL G 164 -18.24 27.93 -16.06
C VAL G 164 -17.32 29.04 -15.57
N ALA G 165 -17.46 30.24 -16.13
CA ALA G 165 -16.65 31.36 -15.65
C ALA G 165 -16.91 31.63 -14.18
N ARG G 166 -18.17 31.49 -13.76
CA ARG G 166 -18.54 31.66 -12.35
C ARG G 166 -17.70 30.77 -11.44
N ALA G 167 -17.47 29.53 -11.86
CA ALA G 167 -16.79 28.54 -11.04
C ALA G 167 -15.28 28.56 -11.19
N ALA G 168 -14.73 29.44 -12.03
CA ALA G 168 -13.30 29.44 -12.36
C ALA G 168 -12.38 29.40 -11.14
N PRO G 169 -12.57 30.22 -10.10
CA PRO G 169 -11.62 30.15 -8.96
C PRO G 169 -11.65 28.81 -8.25
N ILE G 170 -12.78 28.11 -8.24
CA ILE G 170 -12.82 26.80 -7.60
C ILE G 170 -12.08 25.78 -8.46
N PHE G 171 -12.34 25.79 -9.77
CA PHE G 171 -11.65 24.88 -10.67
C PHE G 171 -10.15 25.15 -10.67
N ASP G 172 -9.74 26.42 -10.58
CA ASP G 172 -8.31 26.73 -10.57
C ASP G 172 -7.63 26.25 -9.29
N ALA G 173 -8.36 26.21 -8.18
CA ALA G 173 -7.75 25.81 -6.93
C ALA G 173 -7.48 24.31 -6.89
N ILE G 174 -8.36 23.52 -7.50
CA ILE G 174 -8.26 22.06 -7.42
C ILE G 174 -7.55 21.44 -8.62
N GLY G 175 -7.42 22.17 -9.73
CA GLY G 175 -6.87 21.61 -10.94
C GLY G 175 -5.84 22.51 -11.59
N LYS G 176 -5.22 21.96 -12.64
CA LYS G 176 -4.25 22.67 -13.46
C LYS G 176 -4.83 23.10 -14.80
N LEU G 177 -5.98 22.59 -15.20
CA LEU G 177 -6.54 22.87 -16.52
C LEU G 177 -8.04 22.62 -16.45
N THR G 178 -8.81 23.54 -17.01
CA THR G 178 -10.26 23.41 -17.08
C THR G 178 -10.63 23.30 -18.55
N ILE G 179 -11.19 22.16 -18.94
CA ILE G 179 -11.60 21.93 -20.32
C ILE G 179 -13.10 22.13 -20.39
N HIS G 180 -13.53 23.15 -21.14
CA HIS G 180 -14.95 23.36 -21.33
C HIS G 180 -15.41 22.43 -22.44
N ALA G 181 -16.15 21.38 -22.08
CA ALA G 181 -16.45 20.30 -23.02
C ALA G 181 -17.65 20.60 -23.89
N GLY G 182 -18.45 21.58 -23.52
CA GLY G 182 -19.66 21.89 -24.24
C GLY G 182 -20.77 22.22 -23.25
N PRO G 183 -22.02 22.14 -23.68
CA PRO G 183 -23.15 22.37 -22.76
C PRO G 183 -23.32 21.25 -21.75
N THR G 184 -24.38 21.36 -20.92
CA THR G 184 -24.65 20.38 -19.87
C THR G 184 -24.63 18.95 -20.43
N GLY G 185 -23.98 18.06 -19.68
CA GLY G 185 -23.80 16.67 -20.09
C GLY G 185 -22.49 16.40 -20.80
N SER G 186 -21.83 17.45 -21.30
CA SER G 186 -20.61 17.24 -22.07
C SER G 186 -19.45 16.81 -21.17
N GLY G 187 -19.40 17.30 -19.93
CA GLY G 187 -18.37 16.83 -19.02
C GLY G 187 -18.51 15.35 -18.70
N ALA G 188 -19.73 14.93 -18.36
CA ALA G 188 -19.98 13.52 -18.09
C ALA G 188 -19.53 12.66 -19.25
N ARG G 189 -19.84 13.10 -20.48
CA ARG G 189 -19.50 12.30 -21.65
C ARG G 189 -17.99 12.24 -21.86
N LEU G 190 -17.30 13.39 -21.73
CA LEU G 190 -15.84 13.42 -21.91
C LEU G 190 -15.14 12.55 -20.88
N LYS G 191 -15.66 12.51 -19.64
CA LYS G 191 -15.10 11.64 -18.61
C LYS G 191 -15.23 10.17 -19.00
N LEU G 192 -16.38 9.79 -19.58
CA LEU G 192 -16.56 8.41 -20.05
C LEU G 192 -15.53 8.06 -21.10
N VAL G 193 -15.26 8.97 -22.02
CA VAL G 193 -14.24 8.76 -23.05
C VAL G 193 -12.88 8.48 -22.40
N ILE G 194 -12.48 9.34 -21.46
CA ILE G 194 -11.16 9.20 -20.86
C ILE G 194 -11.07 7.95 -19.99
N ASN G 195 -12.15 7.59 -19.29
CA ASN G 195 -12.14 6.36 -18.50
C ASN G 195 -11.94 5.13 -19.37
N GLY G 196 -12.59 5.10 -20.53
CA GLY G 196 -12.40 4.00 -21.46
C GLY G 196 -10.95 3.83 -21.85
N ILE G 197 -10.28 4.94 -22.19
CA ILE G 197 -8.87 4.89 -22.57
C ILE G 197 -8.01 4.37 -21.42
N MET G 198 -8.29 4.86 -20.21
CA MET G 198 -7.55 4.40 -19.03
C MET G 198 -7.75 2.92 -18.79
N GLY G 199 -9.02 2.46 -18.73
CA GLY G 199 -9.28 1.07 -18.39
C GLY G 199 -8.72 0.11 -19.42
N ALA G 200 -9.01 0.37 -20.69
CA ALA G 200 -8.53 -0.53 -21.74
C ALA G 200 -7.01 -0.44 -21.89
N GLY G 201 -6.42 0.72 -21.59
CA GLY G 201 -4.98 0.81 -21.59
C GLY G 201 -4.35 -0.14 -20.59
N LEU G 202 -4.95 -0.29 -19.42
CA LEU G 202 -4.41 -1.21 -18.43
C LEU G 202 -4.64 -2.66 -18.84
N THR G 203 -5.84 -3.00 -19.36
CA THR G 203 -6.08 -4.39 -19.69
C THR G 203 -5.19 -4.83 -20.85
N THR G 204 -4.97 -3.94 -21.81
CA THR G 204 -4.02 -4.19 -22.90
C THR G 204 -2.63 -4.48 -22.36
N LEU G 205 -2.15 -3.62 -21.46
CA LEU G 205 -0.84 -3.80 -20.88
C LEU G 205 -0.73 -5.10 -20.10
N ALA G 206 -1.75 -5.43 -19.29
CA ALA G 206 -1.68 -6.66 -18.51
C ALA G 206 -1.65 -7.91 -19.39
N GLU G 207 -2.45 -7.91 -20.48
CA GLU G 207 -2.48 -9.06 -21.36
C GLU G 207 -1.18 -9.19 -22.14
N SER G 208 -0.63 -8.06 -22.57
CA SER G 208 0.62 -8.09 -23.33
C SER G 208 1.78 -8.58 -22.48
N VAL G 209 1.89 -8.07 -21.24
CA VAL G 209 2.87 -8.60 -20.28
C VAL G 209 2.67 -10.08 -20.04
N ALA G 210 1.41 -10.51 -19.86
CA ALA G 210 1.12 -11.92 -19.63
C ALA G 210 1.64 -12.79 -20.78
N TYR G 211 1.38 -12.37 -22.03
CA TYR G 211 1.92 -13.12 -23.16
C TYR G 211 3.44 -13.18 -23.05
N GLY G 212 4.07 -12.05 -22.80
CA GLY G 212 5.54 -12.04 -22.78
C GLY G 212 6.10 -13.00 -21.74
N LEU G 213 5.51 -13.00 -20.55
CA LEU G 213 5.95 -13.93 -19.51
C LEU G 213 5.70 -15.37 -19.90
N SER G 214 4.52 -15.64 -20.48
CA SER G 214 4.20 -17.00 -20.90
C SER G 214 5.15 -17.50 -21.97
N ALA G 215 5.75 -16.60 -22.74
CA ALA G 215 6.63 -16.97 -23.82
C ALA G 215 8.08 -17.05 -23.37
N GLY G 216 8.33 -16.96 -22.06
CA GLY G 216 9.65 -17.18 -21.51
C GLY G 216 10.50 -15.94 -21.29
N LEU G 217 9.98 -14.75 -21.54
CA LEU G 217 10.79 -13.54 -21.32
C LEU G 217 11.08 -13.32 -19.84
N ASP G 218 12.31 -12.91 -19.54
CA ASP G 218 12.67 -12.62 -18.15
C ASP G 218 11.84 -11.45 -17.62
N ARG G 219 11.31 -11.61 -16.40
CA ARG G 219 10.34 -10.63 -15.89
C ARG G 219 10.96 -9.24 -15.73
N SER G 220 12.12 -9.16 -15.06
CA SER G 220 12.74 -7.85 -14.84
C SER G 220 13.09 -7.19 -16.16
N MET G 221 13.63 -7.96 -17.11
CA MET G 221 13.95 -7.40 -18.41
C MET G 221 12.70 -6.86 -19.08
N LEU G 222 11.62 -7.63 -19.05
CA LEU G 222 10.39 -7.24 -19.74
C LEU G 222 9.81 -5.96 -19.14
N PHE G 223 9.70 -5.90 -17.80
CA PHE G 223 9.16 -4.70 -17.17
C PHE G 223 10.03 -3.48 -17.46
N ASP G 224 11.34 -3.64 -17.43
CA ASP G 224 12.22 -2.51 -17.68
C ASP G 224 12.22 -2.10 -19.15
N ALA G 225 12.05 -3.07 -20.07
CA ALA G 225 12.03 -2.73 -21.49
C ALA G 225 10.80 -1.93 -21.84
N LEU G 226 9.66 -2.28 -21.26
CA LEU G 226 8.42 -1.57 -21.56
C LEU G 226 8.45 -0.15 -21.02
N ASP G 227 9.26 0.11 -19.98
CA ASP G 227 9.40 1.49 -19.52
C ASP G 227 10.06 2.38 -20.57
N GLN G 228 10.73 1.80 -21.56
CA GLN G 228 11.51 2.55 -22.54
C GLN G 228 10.83 2.68 -23.90
N VAL G 229 9.58 2.24 -24.05
CA VAL G 229 8.91 2.32 -25.35
C VAL G 229 7.90 3.46 -25.33
N ALA G 230 7.59 3.95 -26.53
CA ALA G 230 6.78 5.14 -26.69
C ALA G 230 5.28 4.87 -26.78
N VAL G 231 4.85 3.61 -26.73
CA VAL G 231 3.47 3.25 -26.98
C VAL G 231 2.70 3.00 -25.69
N ILE G 232 3.32 3.28 -24.52
CA ILE G 232 2.64 3.20 -23.22
C ILE G 232 2.53 4.61 -22.66
N SER G 233 1.35 4.96 -22.10
CA SER G 233 1.14 6.28 -21.54
C SER G 233 1.98 6.47 -20.26
N PRO G 234 2.28 7.72 -19.90
CA PRO G 234 2.97 7.95 -18.62
C PRO G 234 2.19 7.38 -17.44
N HIS G 235 0.86 7.47 -17.47
CA HIS G 235 0.04 6.92 -16.39
C HIS G 235 0.26 5.43 -16.27
N HIS G 236 0.22 4.72 -17.38
CA HIS G 236 0.33 3.27 -17.33
C HIS G 236 1.76 2.82 -17.07
N LYS G 237 2.75 3.62 -17.44
CA LYS G 237 4.11 3.29 -17.04
C LYS G 237 4.28 3.36 -15.52
N ARG G 238 3.60 4.32 -14.86
CA ARG G 238 3.64 4.37 -13.40
C ARG G 238 3.00 3.12 -12.81
N LYS G 239 1.86 2.70 -13.36
CA LYS G 239 1.24 1.48 -12.87
C LYS G 239 2.14 0.28 -13.07
N LEU G 240 2.84 0.22 -14.21
CA LEU G 240 3.71 -0.93 -14.49
C LEU G 240 4.89 -0.99 -13.51
N LYS G 241 5.47 0.15 -13.16
CA LYS G 241 6.56 0.15 -12.17
C LYS G 241 6.04 -0.30 -10.81
N ALA G 242 4.86 0.14 -10.41
CA ALA G 242 4.30 -0.32 -9.15
C ALA G 242 4.02 -1.82 -9.19
N ALA G 243 3.49 -2.30 -10.32
CA ALA G 243 3.23 -3.72 -10.46
C ALA G 243 4.50 -4.56 -10.41
N LYS G 244 5.64 -3.99 -10.86
CA LYS G 244 6.89 -4.75 -10.79
C LYS G 244 7.17 -5.18 -9.37
N ASP G 245 6.84 -4.32 -8.42
CA ASP G 245 7.02 -4.55 -6.99
C ASP G 245 5.82 -5.22 -6.33
N GLY G 246 4.79 -5.57 -7.10
CA GLY G 246 3.57 -6.12 -6.52
C GLY G 246 2.76 -5.14 -5.71
N ASN G 247 2.88 -3.86 -5.98
CA ASN G 247 2.27 -2.82 -5.15
C ASN G 247 0.98 -2.35 -5.81
N PHE G 248 -0.16 -2.76 -5.25
CA PHE G 248 -1.46 -2.32 -5.74
C PHE G 248 -2.26 -1.61 -4.66
N ALA G 249 -1.58 -0.92 -3.74
CA ALA G 249 -2.28 0.02 -2.88
C ALA G 249 -3.13 0.95 -3.75
N PRO G 250 -4.37 1.23 -3.37
CA PRO G 250 -5.31 1.89 -4.29
C PRO G 250 -4.99 3.36 -4.50
N GLN G 251 -4.88 3.74 -5.76
CA GLN G 251 -5.08 5.12 -6.18
C GLN G 251 -6.44 5.28 -6.83
N PHE G 252 -6.80 4.34 -7.69
CA PHE G 252 -8.15 4.28 -8.25
C PHE G 252 -8.58 2.82 -8.13
N PRO G 253 -9.44 2.48 -7.16
CA PRO G 253 -9.74 1.07 -6.91
C PRO G 253 -10.50 0.41 -8.05
N ALA G 254 -10.32 -0.91 -8.15
CA ALA G 254 -10.98 -1.71 -9.17
C ALA G 254 -12.49 -1.52 -9.17
N ARG G 255 -13.12 -1.47 -7.99
CA ARG G 255 -14.58 -1.36 -7.96
C ARG G 255 -15.07 -0.09 -8.66
N LEU G 256 -14.32 1.00 -8.56
CA LEU G 256 -14.74 2.26 -9.18
C LEU G 256 -14.39 2.28 -10.66
N MET G 257 -13.22 1.76 -11.03
CA MET G 257 -12.89 1.70 -12.45
C MET G 257 -13.87 0.80 -13.20
N GLN G 258 -14.22 -0.34 -12.62
CA GLN G 258 -15.13 -1.24 -13.30
C GLN G 258 -16.53 -0.63 -13.41
N LYS G 259 -16.97 0.10 -12.37
CA LYS G 259 -18.24 0.84 -12.47
C LYS G 259 -18.19 1.85 -13.61
N ASP G 260 -17.07 2.56 -13.77
CA ASP G 260 -16.96 3.56 -14.82
C ASP G 260 -17.02 2.90 -16.19
N MET G 261 -16.39 1.72 -16.32
CA MET G 261 -16.47 0.95 -17.56
C MET G 261 -17.92 0.54 -17.83
N ARG G 262 -18.63 0.10 -16.78
CA ARG G 262 -20.03 -0.29 -16.93
C ARG G 262 -20.85 0.89 -17.48
N LEU G 263 -20.62 2.09 -16.91
CA LEU G 263 -21.33 3.27 -17.40
C LEU G 263 -20.99 3.55 -18.85
N LEU G 264 -19.72 3.44 -19.21
CA LEU G 264 -19.32 3.72 -20.59
C LEU G 264 -19.98 2.75 -21.56
N LEU G 265 -20.00 1.47 -21.22
CA LEU G 265 -20.55 0.48 -22.15
C LEU G 265 -22.08 0.63 -22.25
N ASP G 266 -22.75 1.01 -21.16
CA ASP G 266 -24.18 1.34 -21.28
C ASP G 266 -24.41 2.52 -22.20
N ALA G 267 -23.63 3.57 -22.05
CA ALA G 267 -23.78 4.76 -22.89
C ALA G 267 -23.48 4.45 -24.35
N ALA G 268 -22.43 3.65 -24.61
CA ALA G 268 -22.10 3.29 -25.98
C ALA G 268 -23.19 2.43 -26.61
N ALA G 269 -23.84 1.58 -25.82
CA ALA G 269 -24.94 0.78 -26.34
C ALA G 269 -26.15 1.65 -26.65
N ARG G 270 -26.43 2.64 -25.79
CA ARG G 270 -27.54 3.56 -26.07
C ARG G 270 -27.33 4.35 -27.35
N GLU G 271 -26.08 4.70 -27.66
CA GLU G 271 -25.73 5.40 -28.89
C GLU G 271 -25.52 4.46 -30.06
N ALA G 272 -25.61 3.15 -29.83
CA ALA G 272 -25.38 2.09 -30.82
C ALA G 272 -24.03 2.28 -31.52
N VAL G 273 -22.98 2.41 -30.72
CA VAL G 273 -21.62 2.56 -31.23
C VAL G 273 -20.87 1.29 -30.87
N PRO G 274 -20.38 0.52 -31.85
CA PRO G 274 -19.62 -0.70 -31.52
C PRO G 274 -18.27 -0.33 -30.93
N VAL G 275 -18.00 -0.83 -29.72
CA VAL G 275 -16.76 -0.56 -29.01
C VAL G 275 -16.16 -1.89 -28.52
N PRO G 276 -15.75 -2.79 -29.41
CA PRO G 276 -15.31 -4.14 -28.95
C PRO G 276 -14.09 -4.13 -28.03
N THR G 277 -13.09 -3.28 -28.27
CA THR G 277 -11.93 -3.28 -27.37
C THR G 277 -12.33 -2.83 -25.98
N LEU G 278 -13.18 -1.80 -25.91
CA LEU G 278 -13.64 -1.33 -24.61
C LEU G 278 -14.52 -2.36 -23.94
N ALA G 279 -15.31 -3.10 -24.74
CA ALA G 279 -16.18 -4.14 -24.15
C ALA G 279 -15.36 -5.28 -23.58
N ALA G 280 -14.32 -5.71 -24.31
CA ALA G 280 -13.43 -6.75 -23.78
C ALA G 280 -12.74 -6.29 -22.51
N ALA G 281 -12.22 -5.04 -22.51
CA ALA G 281 -11.57 -4.48 -21.33
C ALA G 281 -12.49 -4.50 -20.12
N THR G 282 -13.75 -4.13 -20.31
CA THR G 282 -14.71 -4.14 -19.20
C THR G 282 -14.80 -5.52 -18.56
N GLN G 283 -14.81 -6.58 -19.37
CA GLN G 283 -14.94 -7.92 -18.80
C GLN G 283 -13.71 -8.30 -17.98
N GLN G 284 -12.52 -7.88 -18.43
CA GLN G 284 -11.32 -8.12 -17.64
C GLN G 284 -11.35 -7.33 -16.33
N LEU G 285 -11.95 -6.14 -16.37
CA LEU G 285 -12.06 -5.37 -15.14
C LEU G 285 -13.17 -5.90 -14.23
N SER G 286 -14.16 -6.61 -14.78
CA SER G 286 -15.10 -7.33 -13.91
C SER G 286 -14.39 -8.43 -13.14
N LEU G 287 -13.52 -9.19 -13.82
CA LEU G 287 -12.73 -10.19 -13.10
C LEU G 287 -11.84 -9.52 -12.05
N THR G 288 -11.20 -8.41 -12.40
CA THR G 288 -10.33 -7.69 -11.46
C THR G 288 -11.10 -7.28 -10.21
N ARG G 289 -12.28 -6.69 -10.39
CA ARG G 289 -13.10 -6.27 -9.25
C ARG G 289 -13.52 -7.47 -8.40
N ARG G 290 -13.94 -8.55 -9.04
CA ARG G 290 -14.36 -9.74 -8.29
C ARG G 290 -13.24 -10.27 -7.41
N LEU G 291 -12.02 -10.27 -7.92
CA LEU G 291 -10.89 -10.84 -7.21
C LEU G 291 -10.37 -9.91 -6.11
N SER G 292 -10.41 -8.61 -6.33
CA SER G 292 -9.98 -7.64 -5.31
C SER G 292 -10.64 -6.29 -5.57
N PRO G 293 -11.77 -5.99 -4.93
CA PRO G 293 -12.49 -4.76 -5.30
C PRO G 293 -11.78 -3.51 -4.85
N ASN G 294 -10.97 -3.57 -3.79
CA ASN G 294 -10.48 -2.34 -3.19
C ASN G 294 -9.03 -2.02 -3.51
N GLU G 295 -8.24 -2.96 -4.02
CA GLU G 295 -6.90 -2.61 -4.47
C GLU G 295 -7.00 -1.82 -5.77
N ASP G 296 -5.86 -1.22 -6.15
CA ASP G 296 -5.81 -0.47 -7.41
C ASP G 296 -6.31 -1.29 -8.59
N TYR G 297 -6.96 -0.61 -9.54
CA TYR G 297 -7.47 -1.31 -10.71
C TYR G 297 -6.35 -1.97 -11.53
N SER G 298 -5.11 -1.51 -11.38
CA SER G 298 -3.99 -2.12 -12.08
C SER G 298 -3.64 -3.51 -11.56
N SER G 299 -4.30 -4.00 -10.50
CA SER G 299 -4.04 -5.35 -10.01
C SER G 299 -4.33 -6.44 -11.05
N LEU G 300 -5.02 -6.13 -12.15
CA LEU G 300 -5.16 -7.11 -13.22
C LEU G 300 -3.79 -7.61 -13.70
N ILE G 301 -2.75 -6.77 -13.59
CA ILE G 301 -1.41 -7.24 -13.97
C ILE G 301 -1.03 -8.45 -13.14
N ARG G 302 -1.28 -8.37 -11.82
CA ARG G 302 -0.99 -9.50 -10.93
C ARG G 302 -1.90 -10.69 -11.24
N VAL G 303 -3.19 -10.44 -11.48
CA VAL G 303 -4.13 -11.50 -11.85
C VAL G 303 -3.60 -12.27 -13.06
N MET G 304 -3.20 -11.55 -14.10
CA MET G 304 -2.73 -12.19 -15.33
C MET G 304 -1.40 -12.94 -15.09
N GLU G 305 -0.47 -12.35 -14.34
CA GLU G 305 0.76 -13.11 -14.00
C GLU G 305 0.44 -14.41 -13.30
N LYS G 306 -0.56 -14.42 -12.40
CA LYS G 306 -0.84 -15.65 -11.68
C LYS G 306 -1.49 -16.69 -12.59
N ILE G 307 -2.33 -16.26 -13.54
CA ILE G 307 -2.85 -17.19 -14.53
C ILE G 307 -1.71 -17.86 -15.28
N VAL G 308 -0.72 -17.06 -15.72
CA VAL G 308 0.36 -17.60 -16.53
C VAL G 308 1.27 -18.49 -15.68
N ALA G 309 1.48 -18.13 -14.41
CA ALA G 309 2.32 -18.92 -13.52
C ALA G 309 1.61 -20.16 -13.01
N ASN G 310 0.32 -20.30 -13.33
CA ASN G 310 -0.56 -21.35 -12.82
C ASN G 310 -0.68 -21.25 -11.30
N ASP G 311 -1.04 -20.05 -10.85
CA ASP G 311 -1.21 -19.64 -9.45
C ASP G 311 0.15 -19.43 -8.80
N GLN H 18 -60.74 -16.83 -7.55
CA GLN H 18 -59.32 -16.68 -7.27
C GLN H 18 -58.49 -16.90 -8.53
N ILE H 19 -58.63 -18.08 -9.14
CA ILE H 19 -57.92 -18.34 -10.38
C ILE H 19 -58.45 -17.39 -11.46
N LEU H 20 -57.55 -16.90 -12.31
CA LEU H 20 -57.90 -15.82 -13.25
C LEU H 20 -58.45 -16.39 -14.55
N SER H 21 -59.46 -17.25 -14.41
CA SER H 21 -60.13 -17.85 -15.55
C SER H 21 -61.04 -16.83 -16.22
N PRO H 22 -61.47 -17.09 -17.47
CA PRO H 22 -62.44 -16.18 -18.11
C PRO H 22 -63.73 -16.04 -17.32
N GLU H 23 -64.14 -17.10 -16.62
CA GLU H 23 -65.31 -17.01 -15.75
C GLU H 23 -65.10 -15.99 -14.64
N ASN H 24 -63.94 -16.03 -13.98
CA ASN H 24 -63.69 -15.19 -12.80
C ASN H 24 -63.16 -13.81 -13.15
N ALA H 25 -62.40 -13.67 -14.24
CA ALA H 25 -61.72 -12.41 -14.55
C ALA H 25 -61.63 -12.27 -16.06
N PRO H 26 -62.76 -11.95 -16.71
CA PRO H 26 -62.79 -12.01 -18.18
C PRO H 26 -62.05 -10.86 -18.87
N ARG H 27 -61.91 -9.69 -18.24
CA ARG H 27 -61.32 -8.54 -18.92
C ARG H 27 -59.81 -8.51 -18.71
N ILE H 28 -59.05 -8.66 -19.79
CA ILE H 28 -57.59 -8.49 -19.75
C ILE H 28 -57.26 -7.21 -20.51
N GLY H 29 -56.57 -6.29 -19.85
CA GLY H 29 -56.16 -5.03 -20.48
C GLY H 29 -54.66 -5.06 -20.70
N PHE H 30 -54.22 -4.63 -21.88
CA PHE H 30 -52.81 -4.61 -22.24
C PHE H 30 -52.26 -3.20 -22.17
N ILE H 31 -51.09 -3.05 -21.55
CA ILE H 31 -50.28 -1.85 -21.65
C ILE H 31 -49.18 -2.18 -22.64
N GLY H 32 -49.25 -1.57 -23.83
CA GLY H 32 -48.42 -2.02 -24.93
C GLY H 32 -49.18 -3.06 -25.73
N PHE H 33 -49.15 -2.94 -27.05
CA PHE H 33 -49.93 -3.85 -27.86
C PHE H 33 -49.30 -3.94 -29.23
N GLY H 34 -48.05 -4.39 -29.26
CA GLY H 34 -47.27 -4.50 -30.49
C GLY H 34 -47.26 -5.90 -31.05
N ALA H 35 -46.12 -6.26 -31.65
CA ALA H 35 -46.03 -7.53 -32.36
C ALA H 35 -46.34 -8.73 -31.46
N MET H 36 -45.78 -8.74 -30.25
CA MET H 36 -45.99 -9.91 -29.39
C MET H 36 -47.35 -9.86 -28.71
N ALA H 37 -47.70 -8.69 -28.17
CA ALA H 37 -48.91 -8.56 -27.37
C ALA H 37 -50.17 -8.81 -28.20
N SER H 38 -50.20 -8.32 -29.44
CA SER H 38 -51.40 -8.51 -30.26
C SER H 38 -51.63 -9.98 -30.53
N ARG H 39 -50.54 -10.74 -30.71
CA ARG H 39 -50.67 -12.19 -30.93
C ARG H 39 -51.09 -12.91 -29.65
N MET H 40 -50.53 -12.50 -28.51
CA MET H 40 -51.00 -13.00 -27.23
C MET H 40 -52.49 -12.71 -27.07
N GLY H 41 -52.90 -11.50 -27.41
CA GLY H 41 -54.29 -11.11 -27.28
C GLY H 41 -55.23 -11.99 -28.09
N ASP H 42 -54.82 -12.37 -29.31
CA ASP H 42 -55.66 -13.23 -30.14
C ASP H 42 -55.96 -14.55 -29.44
N HIS H 43 -54.94 -15.18 -28.86
CA HIS H 43 -55.16 -16.46 -28.19
C HIS H 43 -55.98 -16.29 -26.92
N LEU H 44 -55.82 -15.17 -26.22
CA LEU H 44 -56.63 -14.91 -25.04
C LEU H 44 -58.09 -14.70 -25.41
N LYS H 45 -58.35 -14.03 -26.53
CA LYS H 45 -59.72 -13.89 -27.01
C LYS H 45 -60.31 -15.26 -27.36
N THR H 46 -59.52 -16.12 -28.00
CA THR H 46 -59.98 -17.48 -28.29
C THR H 46 -60.26 -18.26 -27.02
N ALA H 47 -59.51 -18.02 -25.95
CA ALA H 47 -59.73 -18.73 -24.70
C ALA H 47 -60.95 -18.21 -23.93
N GLY H 48 -61.54 -17.09 -24.36
CA GLY H 48 -62.76 -16.58 -23.76
C GLY H 48 -62.62 -15.24 -23.08
N TYR H 49 -61.45 -14.62 -23.06
CA TYR H 49 -61.28 -13.33 -22.41
C TYR H 49 -61.72 -12.18 -23.31
N THR H 50 -62.07 -11.07 -22.68
CA THR H 50 -62.35 -9.81 -23.38
C THR H 50 -61.13 -8.90 -23.28
N ILE H 51 -60.62 -8.48 -24.44
CA ILE H 51 -59.31 -7.85 -24.56
C ILE H 51 -59.49 -6.36 -24.82
N SER H 52 -58.62 -5.57 -24.20
CA SER H 52 -58.54 -4.13 -24.44
C SER H 52 -57.07 -3.74 -24.35
N ALA H 53 -56.74 -2.56 -24.88
CA ALA H 53 -55.34 -2.17 -24.88
C ALA H 53 -55.15 -0.66 -24.78
N TYR H 54 -53.95 -0.27 -24.37
CA TYR H 54 -53.45 1.09 -24.44
C TYR H 54 -52.12 1.09 -25.17
N THR H 55 -51.92 2.02 -26.09
CA THR H 55 -50.62 2.37 -26.62
C THR H 55 -50.50 3.89 -26.67
N PRO H 56 -49.29 4.44 -26.55
CA PRO H 56 -49.17 5.90 -26.62
C PRO H 56 -49.63 6.49 -27.94
N SER H 57 -49.45 5.74 -29.04
CA SER H 57 -49.91 6.22 -30.34
C SER H 57 -51.41 6.04 -30.53
N GLY H 58 -52.05 5.18 -29.75
CA GLY H 58 -53.44 4.83 -29.98
C GLY H 58 -53.67 3.79 -31.06
N ARG H 59 -52.64 3.40 -31.80
CA ARG H 59 -52.78 2.44 -32.88
C ARG H 59 -52.19 1.10 -32.48
N SER H 60 -52.70 0.04 -33.09
CA SER H 60 -52.31 -1.32 -32.75
C SER H 60 -52.48 -2.18 -33.99
N PRO H 61 -51.96 -3.42 -33.98
CA PRO H 61 -52.17 -4.32 -35.12
C PRO H 61 -53.54 -5.01 -35.15
N SER H 62 -54.38 -4.84 -34.13
CA SER H 62 -55.66 -5.54 -34.06
C SER H 62 -56.82 -4.57 -34.14
N PRO H 63 -57.49 -4.46 -35.28
CA PRO H 63 -58.57 -3.46 -35.42
C PRO H 63 -59.77 -3.71 -34.54
N SER H 64 -59.96 -4.92 -34.02
CA SER H 64 -61.14 -5.24 -33.23
C SER H 64 -60.98 -4.94 -31.74
N VAL H 65 -59.81 -4.49 -31.30
CA VAL H 65 -59.50 -4.36 -29.87
C VAL H 65 -59.74 -2.92 -29.46
N PRO H 66 -60.63 -2.66 -28.50
CA PRO H 66 -60.83 -1.28 -28.03
C PRO H 66 -59.55 -0.69 -27.46
N MET H 67 -59.30 0.56 -27.79
CA MET H 67 -58.11 1.29 -27.34
C MET H 67 -58.53 2.33 -26.31
N LEU H 68 -57.85 2.35 -25.20
CA LEU H 68 -58.12 3.29 -24.13
C LEU H 68 -57.10 4.42 -24.17
N PRO H 69 -57.46 5.62 -23.70
CA PRO H 69 -56.61 6.79 -23.96
C PRO H 69 -55.39 6.93 -23.06
N THR H 70 -55.39 6.33 -21.88
CA THR H 70 -54.33 6.46 -20.91
C THR H 70 -54.11 5.11 -20.24
N PRO H 71 -52.92 4.86 -19.66
CA PRO H 71 -52.74 3.61 -18.90
C PRO H 71 -53.72 3.48 -17.76
N LEU H 72 -54.02 4.59 -17.09
CA LEU H 72 -55.02 4.59 -16.03
C LEU H 72 -56.38 4.11 -16.54
N ALA H 73 -56.85 4.68 -17.65
CA ALA H 73 -58.15 4.31 -18.18
C ALA H 73 -58.19 2.85 -18.59
N LEU H 74 -57.09 2.34 -19.14
CA LEU H 74 -56.97 0.91 -19.41
C LEU H 74 -57.17 0.08 -18.13
N ALA H 75 -56.42 0.41 -17.07
CA ALA H 75 -56.47 -0.40 -15.86
C ALA H 75 -57.82 -0.31 -15.17
N LYS H 76 -58.49 0.83 -15.26
CA LYS H 76 -59.78 1.01 -14.57
C LYS H 76 -60.86 0.10 -15.11
N GLN H 77 -60.73 -0.42 -16.33
CA GLN H 77 -61.75 -1.29 -16.89
C GLN H 77 -61.23 -2.68 -17.18
N ALA H 78 -60.13 -3.06 -16.54
CA ALA H 78 -59.56 -4.39 -16.67
C ALA H 78 -59.59 -5.12 -15.34
N ASP H 79 -59.72 -6.44 -15.40
CA ASP H 79 -59.58 -7.28 -14.22
C ASP H 79 -58.11 -7.66 -13.97
N THR H 80 -57.40 -7.97 -15.05
CA THR H 80 -55.97 -8.29 -15.03
C THR H 80 -55.30 -7.39 -16.06
N VAL H 81 -54.09 -6.92 -15.76
CA VAL H 81 -53.33 -6.09 -16.70
C VAL H 81 -52.09 -6.87 -17.13
N VAL H 82 -51.85 -6.90 -18.43
CA VAL H 82 -50.65 -7.50 -19.03
C VAL H 82 -49.85 -6.37 -19.65
N VAL H 83 -48.56 -6.31 -19.32
CA VAL H 83 -47.70 -5.23 -19.80
C VAL H 83 -46.72 -5.81 -20.80
N CYS H 84 -46.56 -5.14 -21.95
CA CYS H 84 -45.65 -5.60 -23.01
C CYS H 84 -45.10 -4.35 -23.71
N VAL H 85 -44.13 -3.71 -23.05
CA VAL H 85 -43.56 -2.45 -23.54
C VAL H 85 -42.09 -2.68 -23.85
N PRO H 86 -41.46 -1.77 -24.60
CA PRO H 86 -40.08 -2.05 -25.05
C PRO H 86 -39.02 -2.05 -23.96
N ASP H 87 -39.05 -1.16 -22.97
CA ASP H 87 -37.88 -0.97 -22.11
C ASP H 87 -38.27 -0.35 -20.76
N ASP H 88 -37.26 -0.16 -19.90
CA ASP H 88 -37.47 0.37 -18.54
C ASP H 88 -38.18 1.71 -18.59
N GLU H 89 -37.74 2.58 -19.49
CA GLU H 89 -38.30 3.93 -19.58
C GLU H 89 -39.77 3.90 -19.94
N ALA H 90 -40.15 3.07 -20.92
CA ALA H 90 -41.56 2.99 -21.29
C ALA H 90 -42.38 2.38 -20.16
N LEU H 91 -41.80 1.42 -19.43
CA LEU H 91 -42.50 0.83 -18.30
C LEU H 91 -42.81 1.87 -17.25
N ALA H 92 -41.79 2.65 -16.85
CA ALA H 92 -42.00 3.72 -15.88
C ALA H 92 -43.01 4.75 -16.39
N ALA H 93 -42.94 5.08 -17.67
CA ALA H 93 -43.84 6.09 -18.23
C ALA H 93 -45.31 5.69 -18.08
N SER H 94 -45.60 4.39 -18.15
CA SER H 94 -47.00 3.96 -18.15
C SER H 94 -47.46 3.34 -16.83
N MET H 95 -46.54 2.95 -15.95
CA MET H 95 -46.94 2.39 -14.66
C MET H 95 -47.17 3.45 -13.61
N TYR H 96 -46.38 4.52 -13.64
CA TYR H 96 -46.30 5.50 -12.55
C TYR H 96 -46.83 6.86 -12.99
N GLY H 97 -46.97 7.77 -12.03
CA GLY H 97 -47.43 9.11 -12.33
C GLY H 97 -48.95 9.22 -12.34
N GLU H 98 -49.41 10.40 -12.73
CA GLU H 98 -50.82 10.75 -12.56
C GLU H 98 -51.72 9.84 -13.39
N ASN H 99 -51.27 9.49 -14.59
CA ASN H 99 -52.03 8.68 -15.51
C ASN H 99 -51.53 7.24 -15.58
N GLY H 100 -50.78 6.81 -14.56
CA GLY H 100 -50.19 5.48 -14.59
C GLY H 100 -51.21 4.38 -14.34
N ALA H 101 -50.86 3.17 -14.80
CA ALA H 101 -51.79 2.05 -14.72
C ALA H 101 -51.99 1.55 -13.30
N LEU H 102 -50.95 1.62 -12.45
CA LEU H 102 -51.04 0.96 -11.16
C LEU H 102 -52.19 1.50 -10.32
N ALA H 103 -52.38 2.81 -10.32
CA ALA H 103 -53.42 3.44 -9.52
C ALA H 103 -54.82 3.12 -10.01
N GLY H 104 -54.97 2.59 -11.23
CA GLY H 104 -56.27 2.20 -11.70
C GLY H 104 -56.68 0.78 -11.41
N MET H 105 -55.81 0.00 -10.78
CA MET H 105 -56.11 -1.40 -10.51
C MET H 105 -56.74 -1.61 -9.14
N THR H 106 -57.53 -2.66 -9.07
CA THR H 106 -58.26 -3.02 -7.87
C THR H 106 -57.32 -3.79 -6.95
N LYS H 107 -57.42 -3.56 -5.64
CA LYS H 107 -56.58 -4.32 -4.71
C LYS H 107 -56.87 -5.81 -4.82
N GLY H 108 -55.79 -6.62 -4.83
CA GLY H 108 -55.92 -8.04 -5.03
C GLY H 108 -55.81 -8.49 -6.47
N SER H 109 -55.80 -7.57 -7.45
CA SER H 109 -55.67 -7.95 -8.84
C SER H 109 -54.20 -8.24 -9.17
N LEU H 110 -53.98 -8.82 -10.35
CA LEU H 110 -52.66 -9.27 -10.78
C LEU H 110 -52.22 -8.42 -11.96
N LEU H 111 -50.98 -7.95 -11.92
CA LEU H 111 -50.33 -7.35 -13.09
C LEU H 111 -49.27 -8.34 -13.58
N ILE H 112 -49.33 -8.68 -14.85
CA ILE H 112 -48.39 -9.62 -15.45
C ILE H 112 -47.50 -8.82 -16.38
N ASN H 113 -46.21 -8.73 -16.07
CA ASN H 113 -45.30 -7.98 -16.92
C ASN H 113 -44.52 -8.96 -17.80
N THR H 114 -44.81 -8.97 -19.11
CA THR H 114 -44.10 -9.81 -20.07
C THR H 114 -42.97 -9.06 -20.78
N SER H 115 -42.74 -7.79 -20.41
CA SER H 115 -41.69 -7.01 -21.05
C SER H 115 -40.32 -7.50 -20.62
N SER H 116 -39.34 -7.28 -21.48
CA SER H 116 -37.95 -7.61 -21.16
C SER H 116 -37.31 -6.31 -20.65
N VAL H 117 -37.18 -6.21 -19.32
CA VAL H 117 -36.63 -5.03 -18.67
C VAL H 117 -35.57 -5.45 -17.67
N SER H 118 -34.93 -4.46 -17.05
CA SER H 118 -33.80 -4.73 -16.17
C SER H 118 -34.26 -5.32 -14.83
N PRO H 119 -33.36 -6.00 -14.13
CA PRO H 119 -33.69 -6.45 -12.75
C PRO H 119 -34.08 -5.29 -11.83
N GLU H 120 -33.45 -4.12 -12.01
CA GLU H 120 -33.80 -2.95 -11.21
C GLU H 120 -35.22 -2.49 -11.49
N ALA H 121 -35.60 -2.39 -12.78
CA ALA H 121 -36.97 -1.99 -13.11
C ALA H 121 -37.99 -3.00 -12.59
N THR H 122 -37.64 -4.29 -12.64
CA THR H 122 -38.51 -5.33 -12.11
C THR H 122 -38.72 -5.14 -10.61
N ALA H 123 -37.64 -4.91 -9.89
CA ALA H 123 -37.75 -4.72 -8.44
C ALA H 123 -38.60 -3.49 -8.11
N THR H 124 -38.39 -2.39 -8.85
CA THR H 124 -39.15 -1.17 -8.60
C THR H 124 -40.64 -1.40 -8.81
N LEU H 125 -40.99 -2.11 -9.88
CA LEU H 125 -42.41 -2.33 -10.16
C LEU H 125 -43.04 -3.27 -9.15
N TYR H 126 -42.30 -4.30 -8.72
CA TYR H 126 -42.84 -5.20 -7.71
C TYR H 126 -43.17 -4.44 -6.44
N GLU H 127 -42.24 -3.61 -5.98
CA GLU H 127 -42.43 -2.84 -4.76
C GLU H 127 -43.60 -1.87 -4.91
N ALA H 128 -43.68 -1.19 -6.06
CA ALA H 128 -44.78 -0.27 -6.32
C ALA H 128 -46.10 -1.01 -6.32
N GLY H 129 -46.15 -2.20 -6.93
CA GLY H 129 -47.38 -2.98 -6.90
C GLY H 129 -47.82 -3.29 -5.48
N GLN H 130 -46.88 -3.70 -4.62
CA GLN H 130 -47.19 -3.99 -3.23
C GLN H 130 -47.88 -2.80 -2.55
N LYS H 131 -47.41 -1.58 -2.84
CA LYS H 131 -48.03 -0.39 -2.24
C LYS H 131 -49.50 -0.24 -2.65
N HIS H 132 -49.88 -0.74 -3.82
CA HIS H 132 -51.24 -0.66 -4.32
C HIS H 132 -52.04 -1.94 -4.08
N GLY H 133 -51.48 -2.90 -3.34
CA GLY H 133 -52.13 -4.19 -3.12
C GLY H 133 -52.21 -5.04 -4.37
N VAL H 134 -51.29 -4.85 -5.31
CA VAL H 134 -51.31 -5.53 -6.59
C VAL H 134 -50.08 -6.41 -6.67
N VAL H 135 -50.28 -7.68 -6.96
CA VAL H 135 -49.16 -8.61 -7.10
C VAL H 135 -48.65 -8.50 -8.53
N VAL H 136 -47.34 -8.32 -8.69
CA VAL H 136 -46.72 -8.19 -10.01
C VAL H 136 -45.93 -9.46 -10.29
N LEU H 137 -46.30 -10.18 -11.34
CA LEU H 137 -45.53 -11.32 -11.82
C LEU H 137 -44.59 -10.83 -12.91
N ASP H 138 -43.29 -11.11 -12.78
CA ASP H 138 -42.37 -10.81 -13.88
C ASP H 138 -42.36 -12.07 -14.73
N ALA H 139 -42.99 -12.00 -15.89
CA ALA H 139 -43.26 -13.18 -16.72
C ALA H 139 -42.85 -12.91 -18.16
N PRO H 140 -41.60 -12.56 -18.42
CA PRO H 140 -41.12 -12.51 -19.80
C PRO H 140 -41.23 -13.89 -20.45
N VAL H 141 -41.14 -13.90 -21.77
CA VAL H 141 -41.37 -15.11 -22.56
C VAL H 141 -40.18 -15.39 -23.45
N SER H 142 -39.95 -16.68 -23.72
CA SER H 142 -39.03 -17.17 -24.73
C SER H 142 -39.83 -17.60 -25.95
N GLY H 143 -39.40 -17.17 -27.12
CA GLY H 143 -40.19 -17.29 -28.32
C GLY H 143 -40.46 -15.93 -28.92
N SER H 144 -40.58 -15.86 -30.24
CA SER H 144 -40.79 -14.63 -30.96
C SER H 144 -42.18 -14.67 -31.60
N THR H 145 -42.36 -13.89 -32.67
CA THR H 145 -43.69 -13.84 -33.27
C THR H 145 -44.16 -15.19 -33.82
N PRO H 146 -43.31 -16.07 -34.38
CA PRO H 146 -43.85 -17.37 -34.81
C PRO H 146 -44.42 -18.20 -33.67
N GLU H 147 -43.72 -18.19 -32.53
CA GLU H 147 -44.20 -18.93 -31.38
C GLU H 147 -45.40 -18.24 -30.74
N ALA H 148 -45.46 -16.91 -30.79
CA ALA H 148 -46.64 -16.21 -30.31
C ALA H 148 -47.86 -16.58 -31.16
N ASP H 149 -47.64 -16.72 -32.47
CA ASP H 149 -48.72 -17.10 -33.39
C ASP H 149 -49.30 -18.46 -33.05
N SER H 150 -48.43 -19.42 -32.71
CA SER H 150 -48.83 -20.80 -32.46
C SER H 150 -49.05 -21.09 -30.99
N ALA H 151 -48.98 -20.07 -30.12
CA ALA H 151 -49.10 -20.25 -28.68
C ALA H 151 -48.10 -21.27 -28.14
N SER H 152 -46.87 -21.23 -28.66
CA SER H 152 -45.82 -22.11 -28.17
C SER H 152 -44.77 -21.34 -27.36
N LEU H 153 -45.12 -20.16 -26.88
CA LEU H 153 -44.24 -19.42 -25.99
C LEU H 153 -43.90 -20.22 -24.75
N VAL H 154 -42.68 -20.01 -24.25
CA VAL H 154 -42.27 -20.52 -22.94
C VAL H 154 -42.30 -19.35 -21.96
N ILE H 155 -43.12 -19.45 -20.92
CA ILE H 155 -43.27 -18.38 -19.94
C ILE H 155 -42.23 -18.57 -18.83
N LEU H 156 -41.50 -17.49 -18.52
CA LEU H 156 -40.42 -17.50 -17.53
C LEU H 156 -40.83 -16.59 -16.38
N VAL H 157 -41.36 -17.14 -15.28
CA VAL H 157 -42.11 -16.31 -14.34
C VAL H 157 -41.45 -16.34 -12.96
N GLY H 158 -41.32 -15.15 -12.38
CA GLY H 158 -40.91 -14.99 -10.98
C GLY H 158 -42.09 -14.55 -10.12
N GLY H 159 -42.21 -15.19 -8.97
CA GLY H 159 -43.22 -14.86 -8.00
C GLY H 159 -43.48 -16.02 -7.06
N ASP H 160 -44.48 -15.83 -6.20
CA ASP H 160 -44.92 -16.88 -5.30
C ASP H 160 -45.72 -17.93 -6.08
N LYS H 161 -45.56 -19.20 -5.67
CA LYS H 161 -46.25 -20.30 -6.35
C LYS H 161 -47.75 -20.07 -6.46
N ASP H 162 -48.37 -19.50 -5.43
CA ASP H 162 -49.82 -19.34 -5.44
C ASP H 162 -50.26 -18.29 -6.45
N ASP H 163 -49.46 -17.24 -6.65
CA ASP H 163 -49.78 -16.23 -7.66
C ASP H 163 -49.55 -16.76 -9.07
N VAL H 164 -48.47 -17.52 -9.27
CA VAL H 164 -48.29 -18.18 -10.57
C VAL H 164 -49.51 -19.03 -10.91
N ALA H 165 -50.04 -19.76 -9.92
CA ALA H 165 -51.18 -20.62 -10.19
C ALA H 165 -52.41 -19.80 -10.56
N ARG H 166 -52.61 -18.65 -9.93
CA ARG H 166 -53.74 -17.79 -10.29
C ARG H 166 -53.71 -17.41 -11.76
N ALA H 167 -52.51 -17.22 -12.31
CA ALA H 167 -52.34 -16.78 -13.69
C ALA H 167 -52.30 -17.93 -14.68
N ALA H 168 -52.36 -19.17 -14.22
CA ALA H 168 -52.17 -20.31 -15.11
C ALA H 168 -53.07 -20.30 -16.34
N PRO H 169 -54.38 -19.98 -16.26
CA PRO H 169 -55.17 -20.00 -17.50
C PRO H 169 -54.72 -18.99 -18.54
N ILE H 170 -54.12 -17.87 -18.12
CA ILE H 170 -53.60 -16.90 -19.07
C ILE H 170 -52.30 -17.41 -19.69
N PHE H 171 -51.40 -17.92 -18.85
CA PHE H 171 -50.14 -18.47 -19.35
C PHE H 171 -50.40 -19.67 -20.25
N ASP H 172 -51.38 -20.52 -19.89
CA ASP H 172 -51.66 -21.69 -20.73
C ASP H 172 -52.24 -21.30 -22.09
N ALA H 173 -52.95 -20.18 -22.17
CA ALA H 173 -53.55 -19.77 -23.44
C ALA H 173 -52.51 -19.25 -24.43
N ILE H 174 -51.48 -18.56 -23.93
CA ILE H 174 -50.48 -17.93 -24.80
C ILE H 174 -49.24 -18.79 -24.98
N GLY H 175 -49.06 -19.85 -24.19
CA GLY H 175 -47.82 -20.61 -24.23
C GLY H 175 -48.04 -22.11 -24.12
N LYS H 176 -46.93 -22.84 -24.26
CA LYS H 176 -46.90 -24.29 -24.17
C LYS H 176 -46.30 -24.80 -22.88
N LEU H 177 -45.68 -23.92 -22.10
CA LEU H 177 -44.91 -24.32 -20.94
C LEU H 177 -44.66 -23.10 -20.08
N THR H 178 -44.91 -23.22 -18.79
CA THR H 178 -44.65 -22.17 -17.81
C THR H 178 -43.55 -22.65 -16.90
N ILE H 179 -42.41 -21.97 -16.91
CA ILE H 179 -41.29 -22.30 -16.05
C ILE H 179 -41.32 -21.36 -14.86
N HIS H 180 -41.52 -21.90 -13.66
CA HIS H 180 -41.46 -21.08 -12.46
C HIS H 180 -40.00 -20.93 -12.07
N ALA H 181 -39.43 -19.76 -12.34
CA ALA H 181 -37.99 -19.55 -12.20
C ALA H 181 -37.55 -19.26 -10.77
N GLY H 182 -38.47 -18.95 -9.86
CA GLY H 182 -38.11 -18.54 -8.53
C GLY H 182 -38.99 -17.40 -8.08
N PRO H 183 -38.58 -16.68 -7.02
CA PRO H 183 -39.38 -15.54 -6.52
C PRO H 183 -39.30 -14.34 -7.44
N THR H 184 -39.94 -13.23 -7.08
CA THR H 184 -39.93 -12.04 -7.92
C THR H 184 -38.52 -11.67 -8.35
N GLY H 185 -38.39 -11.35 -9.64
CA GLY H 185 -37.13 -11.04 -10.26
C GLY H 185 -36.51 -12.20 -10.99
N SER H 186 -36.93 -13.43 -10.68
CA SER H 186 -36.29 -14.61 -11.27
C SER H 186 -36.62 -14.74 -12.74
N GLY H 187 -37.85 -14.37 -13.14
CA GLY H 187 -38.22 -14.43 -14.54
C GLY H 187 -37.39 -13.48 -15.37
N ALA H 188 -37.26 -12.24 -14.91
CA ALA H 188 -36.44 -11.26 -15.61
C ALA H 188 -35.00 -11.74 -15.79
N ARG H 189 -34.41 -12.31 -14.75
CA ARG H 189 -33.03 -12.79 -14.84
C ARG H 189 -32.90 -13.94 -15.81
N LEU H 190 -33.85 -14.90 -15.78
CA LEU H 190 -33.78 -16.02 -16.70
C LEU H 190 -33.95 -15.56 -18.15
N LYS H 191 -34.78 -14.53 -18.39
CA LYS H 191 -34.89 -13.97 -19.74
C LYS H 191 -33.56 -13.38 -20.20
N LEU H 192 -32.85 -12.65 -19.32
CA LEU H 192 -31.55 -12.11 -19.71
C LEU H 192 -30.59 -13.22 -20.13
N VAL H 193 -30.60 -14.32 -19.39
CA VAL H 193 -29.74 -15.47 -19.73
C VAL H 193 -30.05 -15.94 -21.13
N ILE H 194 -31.33 -16.16 -21.42
CA ILE H 194 -31.74 -16.72 -22.70
C ILE H 194 -31.46 -15.73 -23.84
N ASN H 195 -31.66 -14.44 -23.60
CA ASN H 195 -31.38 -13.42 -24.62
C ASN H 195 -29.92 -13.42 -25.00
N GLY H 196 -29.04 -13.58 -24.02
CA GLY H 196 -27.62 -13.62 -24.31
C GLY H 196 -27.26 -14.79 -25.21
N ILE H 197 -27.83 -15.97 -24.93
CA ILE H 197 -27.61 -17.13 -25.77
C ILE H 197 -28.11 -16.86 -27.19
N MET H 198 -29.29 -16.25 -27.31
CA MET H 198 -29.86 -16.00 -28.64
C MET H 198 -29.02 -14.97 -29.40
N GLY H 199 -28.64 -13.86 -28.74
CA GLY H 199 -27.90 -12.83 -29.44
C GLY H 199 -26.52 -13.28 -29.90
N ALA H 200 -25.74 -13.87 -28.98
CA ALA H 200 -24.41 -14.35 -29.35
C ALA H 200 -24.48 -15.53 -30.30
N GLY H 201 -25.55 -16.32 -30.25
CA GLY H 201 -25.72 -17.37 -31.25
C GLY H 201 -25.80 -16.82 -32.66
N LEU H 202 -26.50 -15.71 -32.84
CA LEU H 202 -26.59 -15.10 -34.15
C LEU H 202 -25.27 -14.47 -34.56
N THR H 203 -24.60 -13.73 -33.65
CA THR H 203 -23.38 -13.07 -34.09
C THR H 203 -22.32 -14.12 -34.43
N THR H 204 -22.26 -15.20 -33.67
CA THR H 204 -21.38 -16.33 -34.00
C THR H 204 -21.65 -16.83 -35.41
N LEU H 205 -22.92 -17.06 -35.72
CA LEU H 205 -23.28 -17.60 -37.03
C LEU H 205 -22.93 -16.61 -38.14
N ALA H 206 -23.25 -15.32 -37.96
CA ALA H 206 -22.96 -14.34 -39.00
C ALA H 206 -21.46 -14.25 -39.28
N GLU H 207 -20.64 -14.33 -38.24
CA GLU H 207 -19.20 -14.21 -38.42
C GLU H 207 -18.62 -15.46 -39.06
N SER H 208 -19.15 -16.62 -38.68
CA SER H 208 -18.67 -17.88 -39.24
C SER H 208 -19.01 -17.99 -40.73
N VAL H 209 -20.27 -17.67 -41.08
CA VAL H 209 -20.65 -17.58 -42.49
C VAL H 209 -19.77 -16.58 -43.23
N ALA H 210 -19.49 -15.42 -42.63
CA ALA H 210 -18.67 -14.43 -43.32
C ALA H 210 -17.28 -14.96 -43.60
N TYR H 211 -16.65 -15.65 -42.63
CA TYR H 211 -15.35 -16.24 -42.89
C TYR H 211 -15.44 -17.23 -44.04
N GLY H 212 -16.45 -18.12 -43.99
CA GLY H 212 -16.58 -19.12 -45.05
C GLY H 212 -16.68 -18.51 -46.44
N LEU H 213 -17.53 -17.48 -46.58
CA LEU H 213 -17.69 -16.80 -47.87
C LEU H 213 -16.39 -16.13 -48.28
N SER H 214 -15.70 -15.50 -47.32
CA SER H 214 -14.46 -14.81 -47.64
C SER H 214 -13.40 -15.79 -48.11
N ALA H 215 -13.47 -17.03 -47.64
CA ALA H 215 -12.49 -18.06 -47.98
C ALA H 215 -12.86 -18.80 -49.26
N GLY H 216 -13.87 -18.32 -49.97
CA GLY H 216 -14.22 -18.82 -51.28
C GLY H 216 -15.27 -19.91 -51.32
N LEU H 217 -15.88 -20.25 -50.19
CA LEU H 217 -16.90 -21.30 -50.21
C LEU H 217 -18.15 -20.82 -50.93
N ASP H 218 -18.77 -21.73 -51.69
CA ASP H 218 -19.97 -21.41 -52.44
C ASP H 218 -21.13 -21.10 -51.48
N ARG H 219 -21.84 -20.00 -51.73
CA ARG H 219 -22.83 -19.52 -50.77
C ARG H 219 -23.95 -20.53 -50.55
N SER H 220 -24.54 -21.06 -51.63
CA SER H 220 -25.62 -22.00 -51.44
C SER H 220 -25.15 -23.25 -50.71
N MET H 221 -23.98 -23.78 -51.08
CA MET H 221 -23.44 -24.96 -50.42
C MET H 221 -23.23 -24.69 -48.93
N LEU H 222 -22.69 -23.52 -48.60
CA LEU H 222 -22.39 -23.20 -47.21
C LEU H 222 -23.64 -23.12 -46.35
N PHE H 223 -24.65 -22.36 -46.80
CA PHE H 223 -25.90 -22.28 -46.05
C PHE H 223 -26.54 -23.66 -45.90
N ASP H 224 -26.51 -24.48 -46.96
CA ASP H 224 -27.16 -25.79 -46.87
C ASP H 224 -26.40 -26.75 -45.96
N ALA H 225 -25.07 -26.69 -45.96
CA ALA H 225 -24.28 -27.54 -45.08
C ALA H 225 -24.57 -27.19 -43.63
N LEU H 226 -24.67 -25.90 -43.34
CA LEU H 226 -24.89 -25.50 -41.95
C LEU H 226 -26.26 -25.95 -41.47
N ASP H 227 -27.24 -26.05 -42.36
CA ASP H 227 -28.53 -26.58 -41.96
C ASP H 227 -28.42 -28.03 -41.48
N GLN H 228 -27.38 -28.73 -41.86
CA GLN H 228 -27.26 -30.16 -41.58
C GLN H 228 -26.48 -30.47 -40.31
N VAL H 229 -25.92 -29.46 -39.60
CA VAL H 229 -25.05 -29.73 -38.46
C VAL H 229 -25.82 -29.60 -37.15
N ALA H 230 -25.35 -30.32 -36.13
CA ALA H 230 -26.05 -30.39 -34.86
C ALA H 230 -25.63 -29.28 -33.90
N VAL H 231 -24.73 -28.38 -34.33
CA VAL H 231 -24.19 -27.38 -33.42
C VAL H 231 -24.86 -26.03 -33.59
N ILE H 232 -25.90 -25.94 -34.43
CA ILE H 232 -26.74 -24.75 -34.54
C ILE H 232 -28.13 -25.06 -33.98
N SER H 233 -28.69 -24.11 -33.23
CA SER H 233 -30.00 -24.27 -32.61
C SER H 233 -31.09 -24.26 -33.68
N PRO H 234 -32.26 -24.84 -33.38
CA PRO H 234 -33.36 -24.75 -34.34
C PRO H 234 -33.77 -23.31 -34.64
N HIS H 235 -33.78 -22.43 -33.62
CA HIS H 235 -34.08 -21.02 -33.86
C HIS H 235 -33.12 -20.43 -34.88
N HIS H 236 -31.81 -20.61 -34.66
CA HIS H 236 -30.85 -19.98 -35.56
C HIS H 236 -30.81 -20.65 -36.92
N LYS H 237 -31.16 -21.94 -37.02
CA LYS H 237 -31.30 -22.55 -38.33
C LYS H 237 -32.45 -21.91 -39.10
N ARG H 238 -33.53 -21.54 -38.41
CA ARG H 238 -34.61 -20.84 -39.09
C ARG H 238 -34.14 -19.47 -39.59
N LYS H 239 -33.36 -18.75 -38.78
CA LYS H 239 -32.80 -17.47 -39.21
C LYS H 239 -31.84 -17.64 -40.38
N LEU H 240 -31.03 -18.70 -40.35
CA LEU H 240 -30.10 -18.91 -41.45
C LEU H 240 -30.83 -19.14 -42.77
N LYS H 241 -31.93 -19.90 -42.74
CA LYS H 241 -32.71 -20.12 -43.95
C LYS H 241 -33.32 -18.83 -44.46
N ALA H 242 -33.86 -17.99 -43.58
CA ALA H 242 -34.38 -16.71 -44.02
C ALA H 242 -33.28 -15.84 -44.61
N ALA H 243 -32.10 -15.82 -43.96
CA ALA H 243 -31.00 -15.01 -44.44
C ALA H 243 -30.49 -15.50 -45.79
N LYS H 244 -30.53 -16.82 -46.04
CA LYS H 244 -30.15 -17.33 -47.35
C LYS H 244 -30.94 -16.63 -48.44
N ASP H 245 -32.23 -16.39 -48.20
CA ASP H 245 -33.04 -15.71 -49.21
C ASP H 245 -33.24 -14.24 -48.93
N GLY H 246 -32.43 -13.65 -48.07
CA GLY H 246 -32.47 -12.21 -47.90
C GLY H 246 -33.68 -11.64 -47.21
N ASN H 247 -34.37 -12.44 -46.38
CA ASN H 247 -35.61 -12.04 -45.71
C ASN H 247 -35.29 -11.65 -44.28
N PHE H 248 -35.48 -10.36 -43.96
CA PHE H 248 -35.23 -9.85 -42.62
C PHE H 248 -36.40 -9.01 -42.13
N ALA H 249 -37.61 -9.29 -42.62
CA ALA H 249 -38.77 -8.65 -42.01
C ALA H 249 -38.73 -8.91 -40.51
N PRO H 250 -39.08 -7.94 -39.67
CA PRO H 250 -38.86 -8.11 -38.23
C PRO H 250 -39.77 -9.16 -37.60
N GLN H 251 -39.15 -10.12 -36.94
CA GLN H 251 -39.79 -10.91 -35.88
C GLN H 251 -39.35 -10.40 -34.52
N PHE H 252 -38.05 -10.22 -34.36
CA PHE H 252 -37.46 -9.60 -33.18
C PHE H 252 -36.49 -8.55 -33.74
N PRO H 253 -36.89 -7.29 -33.77
CA PRO H 253 -36.08 -6.27 -34.46
C PRO H 253 -34.77 -6.00 -33.73
N ALA H 254 -33.79 -5.53 -34.51
CA ALA H 254 -32.47 -5.25 -33.96
C ALA H 254 -32.51 -4.28 -32.79
N ARG H 255 -33.38 -3.25 -32.85
CA ARG H 255 -33.41 -2.26 -31.76
C ARG H 255 -33.73 -2.93 -30.43
N LEU H 256 -34.59 -3.96 -30.43
CA LEU H 256 -34.98 -4.62 -29.18
C LEU H 256 -33.96 -5.67 -28.76
N MET H 257 -33.39 -6.42 -29.72
CA MET H 257 -32.34 -7.38 -29.39
C MET H 257 -31.14 -6.67 -28.78
N GLN H 258 -30.74 -5.54 -29.38
CA GLN H 258 -29.59 -4.82 -28.88
C GLN H 258 -29.86 -4.22 -27.50
N LYS H 259 -31.09 -3.75 -27.27
CA LYS H 259 -31.48 -3.29 -25.93
C LYS H 259 -31.36 -4.44 -24.93
N ASP H 260 -31.80 -5.63 -25.31
CA ASP H 260 -31.70 -6.77 -24.40
C ASP H 260 -30.24 -7.08 -24.09
N MET H 261 -29.36 -6.99 -25.09
CA MET H 261 -27.94 -7.22 -24.81
C MET H 261 -27.38 -6.15 -23.88
N ARG H 262 -27.78 -4.89 -24.07
CA ARG H 262 -27.33 -3.83 -23.17
C ARG H 262 -27.73 -4.15 -21.74
N LEU H 263 -28.98 -4.58 -21.54
CA LEU H 263 -29.45 -4.96 -20.21
C LEU H 263 -28.63 -6.10 -19.61
N LEU H 264 -28.34 -7.13 -20.42
CA LEU H 264 -27.59 -8.26 -19.91
C LEU H 264 -26.19 -7.83 -19.53
N LEU H 265 -25.55 -7.00 -20.36
CA LEU H 265 -24.18 -6.64 -20.02
C LEU H 265 -24.13 -5.72 -18.81
N ASP H 266 -25.15 -4.88 -18.61
CA ASP H 266 -25.19 -4.07 -17.39
C ASP H 266 -25.36 -4.96 -16.17
N ALA H 267 -26.28 -5.92 -16.25
CA ALA H 267 -26.47 -6.85 -15.13
C ALA H 267 -25.21 -7.65 -14.84
N ALA H 268 -24.53 -8.16 -15.87
CA ALA H 268 -23.34 -8.95 -15.65
C ALA H 268 -22.23 -8.10 -15.03
N ALA H 269 -22.13 -6.82 -15.40
CA ALA H 269 -21.15 -5.93 -14.77
C ALA H 269 -21.51 -5.67 -13.32
N ARG H 270 -22.80 -5.52 -13.01
CA ARG H 270 -23.19 -5.30 -11.62
C ARG H 270 -22.87 -6.51 -10.76
N GLU H 271 -22.94 -7.70 -11.32
CA GLU H 271 -22.57 -8.91 -10.60
C GLU H 271 -21.09 -9.26 -10.74
N ALA H 272 -20.32 -8.46 -11.48
CA ALA H 272 -18.88 -8.67 -11.69
C ALA H 272 -18.60 -10.09 -12.24
N VAL H 273 -19.36 -10.48 -13.26
CA VAL H 273 -19.14 -11.73 -13.99
C VAL H 273 -18.52 -11.40 -15.33
N PRO H 274 -17.31 -11.90 -15.64
CA PRO H 274 -16.68 -11.61 -16.95
C PRO H 274 -17.32 -12.45 -18.05
N VAL H 275 -17.81 -11.78 -19.09
CA VAL H 275 -18.57 -12.44 -20.17
C VAL H 275 -18.08 -11.91 -21.51
N PRO H 276 -16.84 -12.23 -21.90
CA PRO H 276 -16.29 -11.61 -23.12
C PRO H 276 -17.02 -11.99 -24.40
N THR H 277 -17.50 -13.24 -24.53
CA THR H 277 -18.24 -13.61 -25.74
C THR H 277 -19.53 -12.78 -25.87
N LEU H 278 -20.28 -12.69 -24.77
CA LEU H 278 -21.50 -11.86 -24.78
C LEU H 278 -21.19 -10.39 -25.03
N ALA H 279 -20.09 -9.88 -24.46
CA ALA H 279 -19.71 -8.49 -24.70
C ALA H 279 -19.39 -8.24 -26.18
N ALA H 280 -18.64 -9.16 -26.80
CA ALA H 280 -18.34 -9.03 -28.24
C ALA H 280 -19.63 -9.06 -29.06
N ALA H 281 -20.54 -9.97 -28.71
CA ALA H 281 -21.81 -10.10 -29.43
C ALA H 281 -22.62 -8.81 -29.34
N THR H 282 -22.62 -8.18 -28.16
CA THR H 282 -23.34 -6.92 -27.97
C THR H 282 -22.84 -5.85 -28.93
N GLN H 283 -21.53 -5.75 -29.13
CA GLN H 283 -21.03 -4.70 -30.01
C GLN H 283 -21.41 -4.96 -31.45
N GLN H 284 -21.43 -6.23 -31.86
CA GLN H 284 -21.91 -6.56 -33.20
C GLN H 284 -23.37 -6.20 -33.36
N LEU H 285 -24.16 -6.37 -32.30
CA LEU H 285 -25.56 -6.02 -32.40
C LEU H 285 -25.79 -4.51 -32.30
N SER H 286 -24.87 -3.75 -31.70
CA SER H 286 -24.92 -2.29 -31.83
C SER H 286 -24.72 -1.87 -33.27
N LEU H 287 -23.77 -2.48 -33.97
CA LEU H 287 -23.59 -2.17 -35.37
C LEU H 287 -24.86 -2.51 -36.15
N THR H 288 -25.45 -3.67 -35.85
CA THR H 288 -26.66 -4.13 -36.53
C THR H 288 -27.79 -3.13 -36.34
N ARG H 289 -28.02 -2.70 -35.09
CA ARG H 289 -29.07 -1.72 -34.83
C ARG H 289 -28.77 -0.38 -35.52
N ARG H 290 -27.51 0.05 -35.52
CA ARG H 290 -27.18 1.32 -36.14
C ARG H 290 -27.50 1.31 -37.63
N LEU H 291 -27.21 0.20 -38.30
CA LEU H 291 -27.44 0.11 -39.75
C LEU H 291 -28.90 -0.11 -40.10
N SER H 292 -29.66 -0.82 -39.26
CA SER H 292 -31.08 -1.06 -39.53
C SER H 292 -31.83 -1.39 -38.25
N PRO H 293 -32.38 -0.40 -37.57
CA PRO H 293 -32.96 -0.69 -36.24
C PRO H 293 -34.24 -1.52 -36.30
N ASN H 294 -34.99 -1.46 -37.39
CA ASN H 294 -36.32 -2.04 -37.41
C ASN H 294 -36.42 -3.38 -38.13
N GLU H 295 -35.39 -3.78 -38.89
CA GLU H 295 -35.41 -5.11 -39.46
C GLU H 295 -35.02 -6.16 -38.40
N ASP H 296 -35.23 -7.42 -38.74
CA ASP H 296 -34.92 -8.50 -37.81
C ASP H 296 -33.46 -8.44 -37.36
N TYR H 297 -33.22 -8.83 -36.10
CA TYR H 297 -31.85 -8.79 -35.57
C TYR H 297 -30.89 -9.68 -36.35
N SER H 298 -31.41 -10.71 -37.05
CA SER H 298 -30.58 -11.57 -37.88
C SER H 298 -29.99 -10.85 -39.10
N SER H 299 -30.34 -9.58 -39.35
CA SER H 299 -29.77 -8.86 -40.49
C SER H 299 -28.25 -8.72 -40.39
N LEU H 300 -27.66 -8.94 -39.21
CA LEU H 300 -26.21 -8.94 -39.12
C LEU H 300 -25.59 -9.93 -40.11
N ILE H 301 -26.30 -11.00 -40.47
CA ILE H 301 -25.76 -11.93 -41.46
C ILE H 301 -25.56 -11.20 -42.78
N ARG H 302 -26.55 -10.40 -43.17
CA ARG H 302 -26.45 -9.59 -44.39
C ARG H 302 -25.32 -8.56 -44.28
N VAL H 303 -25.24 -7.88 -43.14
CA VAL H 303 -24.18 -6.91 -42.88
C VAL H 303 -22.81 -7.54 -43.12
N MET H 304 -22.57 -8.71 -42.52
CA MET H 304 -21.26 -9.36 -42.66
C MET H 304 -21.02 -9.86 -44.08
N GLU H 305 -22.07 -10.29 -44.79
CA GLU H 305 -21.86 -10.67 -46.20
C GLU H 305 -21.39 -9.46 -47.00
N LYS H 306 -21.95 -8.29 -46.72
CA LYS H 306 -21.57 -7.08 -47.45
C LYS H 306 -20.14 -6.65 -47.12
N ILE H 307 -19.72 -6.80 -45.87
CA ILE H 307 -18.33 -6.49 -45.51
C ILE H 307 -17.37 -7.33 -46.36
N VAL H 308 -17.63 -8.64 -46.45
CA VAL H 308 -16.70 -9.52 -47.16
C VAL H 308 -16.87 -9.43 -48.67
N ALA H 309 -18.03 -9.00 -49.16
CA ALA H 309 -18.15 -8.68 -50.58
C ALA H 309 -17.37 -7.41 -50.95
N ASN H 310 -17.05 -6.57 -49.97
CA ASN H 310 -16.29 -5.36 -50.19
C ASN H 310 -15.02 -5.31 -49.33
PA NAI I . 35.71 10.76 2.94
O1A NAI I . 34.56 10.12 2.24
O2A NAI I . 35.94 12.27 2.76
O5B NAI I . 37.06 10.03 2.61
C5B NAI I . 37.09 8.66 2.15
C4B NAI I . 38.39 8.47 1.43
O4B NAI I . 38.67 7.06 1.30
C3B NAI I . 38.43 9.03 0.00
O3B NAI I . 39.77 9.41 -0.31
C2B NAI I . 38.04 7.80 -0.82
O2B NAI I . 38.46 7.87 -2.19
C1B NAI I . 38.83 6.74 -0.06
N9A NAI I . 38.41 5.37 -0.27
C8A NAI I . 37.17 4.83 -0.46
N7A NAI I . 37.15 3.53 -0.59
C5A NAI I . 38.49 3.17 -0.47
C6A NAI I . 39.16 1.93 -0.51
N6A NAI I . 38.55 0.75 -0.71
N1A NAI I . 40.49 1.93 -0.36
C2A NAI I . 41.12 3.10 -0.17
N3A NAI I . 40.61 4.33 -0.11
C4A NAI I . 39.27 4.29 -0.26
O3 NAI I . 35.59 10.49 4.51
PN NAI I . 36.25 11.06 5.83
O1N NAI I . 37.71 11.38 5.51
O2N NAI I . 35.40 12.15 6.38
O5D NAI I . 36.19 9.77 6.76
C5D NAI I . 37.17 8.71 6.63
C4D NAI I . 37.08 7.81 7.83
O4D NAI I . 37.34 8.58 9.03
C3D NAI I . 35.72 7.16 8.04
O3D NAI I . 35.93 5.89 8.67
C2D NAI I . 35.03 8.14 8.99
O2D NAI I . 33.94 7.55 9.70
C1D NAI I . 36.22 8.50 9.89
N1N NAI I . 36.08 9.76 10.61
C2N NAI I . 35.44 10.82 10.04
C3N NAI I . 35.26 11.98 10.71
C7N NAI I . 34.57 13.08 10.03
O7N NAI I . 34.49 13.14 8.79
N7N NAI I . 34.03 14.01 10.79
C4N NAI I . 35.70 12.14 12.14
C5N NAI I . 36.52 10.99 12.57
C6N NAI I . 36.66 9.89 11.85
PA NAI J . 12.79 19.66 47.02
O1A NAI J . 12.16 18.32 47.06
O2A NAI J . 14.17 19.75 47.68
O5B NAI J . 11.88 20.81 47.65
C5B NAI J . 10.44 20.75 47.59
C4B NAI J . 9.89 21.71 48.61
O4B NAI J . 8.46 21.91 48.38
C3B NAI J . 10.01 21.25 50.06
O3B NAI J . 10.22 22.38 50.90
C2B NAI J . 8.64 20.63 50.33
O2B NAI J . 8.32 20.59 51.72
C1B NAI J . 7.76 21.62 49.57
N9A NAI J . 6.43 21.12 49.24
C8A NAI J . 6.06 19.83 48.98
N7A NAI J . 4.78 19.69 48.70
C5A NAI J . 4.28 20.98 48.81
C6A NAI J . 2.99 21.50 48.64
N6A NAI J . 1.91 20.77 48.32
N1A NAI J . 2.83 22.83 48.80
C2A NAI J . 3.89 23.57 49.13
N3A NAI J . 5.16 23.18 49.31
C4A NAI J . 5.28 21.87 49.13
O3 NAI J . 12.97 20.14 45.51
PN NAI J . 13.84 21.24 44.75
O1N NAI J . 13.85 22.48 45.64
O2N NAI J . 15.19 20.73 44.37
O5D NAI J . 12.98 21.51 43.46
C5D NAI J . 11.73 22.23 43.53
C4D NAI J . 11.21 22.45 42.13
O4D NAI J . 12.25 23.06 41.31
C3D NAI J . 10.79 21.19 41.38
O3D NAI J . 9.73 21.53 40.49
C2D NAI J . 12.08 20.82 40.65
O2D NAI J . 11.82 19.93 39.55
C1D NAI J . 12.53 22.22 40.21
N1N NAI J . 13.95 22.34 39.87
C2N NAI J . 14.89 21.64 40.56
C3N NAI J . 16.21 21.83 40.34
C7N NAI J . 17.15 20.98 41.06
O7N NAI J . 16.89 20.51 42.18
N7N NAI J . 18.31 20.73 40.46
C4N NAI J . 16.72 22.75 39.26
C5N NAI J . 15.58 23.54 38.72
C6N NAI J . 14.32 23.21 38.89
PA NAI K . -15.73 9.44 19.48
O1A NAI K . -14.72 10.47 19.15
O2A NAI K . -16.44 8.76 18.32
O5B NAI K . -16.89 9.96 20.45
C5B NAI K . -16.64 10.95 21.46
C4B NAI K . -17.99 11.37 21.95
O4B NAI K . -17.84 12.12 23.18
C3B NAI K . -18.78 12.28 21.00
O3B NAI K . -20.18 12.04 21.16
C2B NAI K . -18.42 13.67 21.53
O2B NAI K . -19.38 14.66 21.20
C1B NAI K . -18.46 13.38 23.01
N9A NAI K . -17.82 14.34 23.89
C8A NAI K . -16.67 15.07 23.70
N7A NAI K . -16.36 15.85 24.72
C5A NAI K . -17.38 15.60 25.63
C6A NAI K . -17.66 16.10 26.92
N6A NAI K . -16.90 17.01 27.55
N1A NAI K . -18.75 15.64 27.54
C2A NAI K . -19.52 14.75 26.93
N3A NAI K . -19.37 14.20 25.73
C4A NAI K . -18.27 14.67 25.12
O3 NAI K . -15.07 8.31 20.37
PN NAI K . -15.33 6.76 20.64
O1N NAI K . -16.83 6.57 20.86
O2N NAI K . -14.69 5.88 19.59
O5D NAI K . -14.56 6.55 22.02
C5D NAI K . -15.13 6.99 23.27
C4D NAI K . -14.22 6.51 24.39
O4D NAI K . -14.14 5.07 24.36
C3D NAI K . -12.77 7.01 24.32
O3D NAI K . -12.26 7.21 25.63
C2D NAI K . -12.06 5.87 23.59
O2D NAI K . -10.67 5.87 23.86
C1D NAI K . -12.79 4.66 24.20
N1N NAI K . -12.77 3.45 23.39
C2N NAI K . -12.75 3.52 22.03
C3N NAI K . -12.76 2.39 21.28
C7N NAI K . -12.71 2.54 19.82
O7N NAI K . -13.09 3.57 19.23
N7N NAI K . -12.23 1.51 19.14
C4N NAI K . -12.52 1.04 21.90
C5N NAI K . -12.79 1.11 23.35
C6N NAI K . -12.85 2.24 24.01
PA NAI L . 7.46 -2.43 -46.80
O1A NAI L . 6.23 -3.05 -47.35
O2A NAI L . 7.69 -0.95 -47.01
O5B NAI L . 8.76 -3.15 -47.34
C5B NAI L . 8.78 -4.56 -47.62
C4B NAI L . 9.99 -4.85 -48.47
O4B NAI L . 10.18 -6.28 -48.54
C3B NAI L . 9.90 -4.37 -49.93
O3B NAI L . 11.22 -4.05 -50.37
C2B NAI L . 9.39 -5.63 -50.65
O2B NAI L . 9.70 -5.67 -52.03
C1B NAI L . 10.24 -6.65 -49.91
N9A NAI L . 9.86 -8.04 -50.05
C8A NAI L . 8.62 -8.63 -50.15
N7A NAI L . 8.67 -9.95 -50.25
C5A NAI L . 10.03 -10.23 -50.20
C6A NAI L . 10.76 -11.44 -50.26
N6A NAI L . 10.21 -12.65 -50.37
N1A NAI L . 12.11 -11.35 -50.19
C2A NAI L . 12.67 -10.16 -50.07
N3A NAI L . 12.09 -8.96 -50.01
C4A NAI L . 10.76 -9.07 -50.09
O3 NAI L . 7.57 -2.73 -45.25
PN NAI L . 8.33 -2.09 -44.01
O1N NAI L . 9.73 -1.74 -44.49
O2N NAI L . 7.51 -0.97 -43.41
O5D NAI L . 8.39 -3.28 -42.99
C5D NAI L . 9.28 -4.40 -43.16
C4D NAI L . 9.22 -5.24 -41.91
O4D NAI L . 9.48 -4.40 -40.76
C3D NAI L . 7.88 -5.91 -41.65
O3D NAI L . 8.09 -7.20 -41.06
C2D NAI L . 7.20 -4.90 -40.70
O2D NAI L . 6.17 -5.51 -39.93
C1D NAI L . 8.41 -4.50 -39.85
N1N NAI L . 8.27 -3.23 -39.14
C2N NAI L . 7.65 -2.15 -39.71
C3N NAI L . 7.61 -0.95 -39.09
C7N NAI L . 6.86 0.14 -39.73
O7N NAI L . 6.75 0.24 -40.97
N7N NAI L . 6.35 1.06 -38.93
C4N NAI L . 8.27 -0.73 -37.76
C5N NAI L . 8.94 -1.97 -37.28
C6N NAI L . 8.79 -3.13 -37.88
PA NAI M . -43.05 -3.74 -30.51
O1A NAI M . -42.05 -2.69 -30.83
O2A NAI M . -43.66 -4.45 -31.73
O5B NAI M . -44.26 -3.22 -29.63
C5B NAI M . -44.06 -2.29 -28.55
C4B NAI M . -45.43 -1.79 -28.16
O4B NAI M . -45.32 -0.99 -26.96
C3B NAI M . -46.14 -0.91 -29.20
O3B NAI M . -47.54 -1.13 -29.10
C2B NAI M . -45.82 0.50 -28.71
O2B NAI M . -46.79 1.44 -29.13
C1B NAI M . -45.95 0.25 -27.21
N9A NAI M . -45.38 1.24 -26.32
C8A NAI M . -44.24 2.00 -26.46
N7A NAI M . -44.01 2.80 -25.44
C5A NAI M . -45.06 2.52 -24.57
C6A NAI M . -45.41 3.03 -23.30
N6A NAI M . -44.71 3.95 -22.63
N1A NAI M . -46.53 2.54 -22.72
C2A NAI M . -47.25 1.61 -23.36
N3A NAI M . -47.02 1.07 -24.55
C4A NAI M . -45.91 1.57 -25.11
O3 NAI M . -42.37 -4.82 -29.57
PN NAI M . -42.60 -6.36 -29.23
O1N NAI M . -44.10 -6.58 -29.04
O2N NAI M . -41.87 -7.19 -30.26
O5D NAI M . -41.88 -6.54 -27.83
C5D NAI M . -42.49 -6.07 -26.60
C4D NAI M . -41.61 -6.51 -25.46
O4D NAI M . -41.45 -7.95 -25.49
C3D NAI M . -40.19 -5.95 -25.47
O3D NAI M . -39.76 -5.80 -24.12
C2D NAI M . -39.41 -7.05 -26.20
O2D NAI M . -38.02 -6.89 -25.94
C1D NAI M . -40.07 -8.29 -25.58
N1N NAI M . -39.94 -9.52 -26.35
C2N NAI M . -39.97 -9.50 -27.72
C3N NAI M . -40.07 -10.64 -28.45
C7N NAI M . -40.04 -10.53 -29.91
O7N NAI M . -40.52 -9.56 -30.52
N7N NAI M . -39.48 -11.54 -30.56
C4N NAI M . -40.00 -11.99 -27.79
C5N NAI M . -39.91 -11.87 -26.32
C6N NAI M . -39.84 -10.71 -25.69
#